data_2CPD
#
_entry.id   2CPD
#
_entity_poly.entity_id   1
_entity_poly.type   'polypeptide(L)'
_entity_poly.pdbx_seq_one_letter_code
;GSSGSSGDEDTMSSVKILYVRNLMLSTSEEMIEKEFNNIKPGAVERVKKIRDYAFVHFSNREDAVEAMKALNGKVLDGSP
IEVTLAKPVDKDSSGPSSG
;
_entity_poly.pdbx_strand_id   A
#
# COMPACT_ATOMS: atom_id res chain seq x y z
N GLY A 1 -9.06 -35.19 2.94
CA GLY A 1 -8.62 -33.82 2.71
C GLY A 1 -7.11 -33.68 2.81
N SER A 2 -6.61 -32.51 2.44
CA SER A 2 -5.17 -32.25 2.48
C SER A 2 -4.71 -32.01 3.92
N SER A 3 -3.42 -32.24 4.16
CA SER A 3 -2.84 -32.06 5.49
C SER A 3 -3.36 -30.77 6.13
N GLY A 4 -3.27 -29.67 5.39
CA GLY A 4 -3.72 -28.39 5.89
C GLY A 4 -2.57 -27.45 6.21
N SER A 5 -1.92 -27.68 7.33
CA SER A 5 -0.80 -26.83 7.75
C SER A 5 0.46 -27.67 7.96
N SER A 6 1.58 -27.20 7.44
CA SER A 6 2.85 -27.91 7.56
C SER A 6 3.56 -27.50 8.85
N GLY A 7 3.41 -26.24 9.24
CA GLY A 7 4.05 -25.74 10.45
C GLY A 7 5.44 -25.20 10.19
N ASP A 8 5.51 -23.91 9.85
CA ASP A 8 6.79 -23.27 9.57
C ASP A 8 6.61 -21.78 9.32
N GLU A 9 7.72 -21.06 9.19
CA GLU A 9 7.68 -19.62 8.96
C GLU A 9 8.56 -19.24 7.78
N ASP A 10 7.93 -18.88 6.66
CA ASP A 10 8.65 -18.48 5.46
C ASP A 10 9.22 -17.08 5.60
N THR A 11 8.37 -16.14 6.00
CA THR A 11 8.79 -14.76 6.18
C THR A 11 8.48 -14.26 7.59
N MET A 12 9.52 -14.16 8.41
CA MET A 12 9.37 -13.70 9.78
C MET A 12 8.92 -12.24 9.82
N SER A 13 9.40 -11.46 8.85
CA SER A 13 9.05 -10.05 8.78
C SER A 13 8.12 -9.77 7.60
N SER A 14 6.82 -9.96 7.84
CA SER A 14 5.82 -9.73 6.81
C SER A 14 5.27 -8.31 6.87
N VAL A 15 5.62 -7.50 5.88
CA VAL A 15 5.16 -6.12 5.83
C VAL A 15 4.39 -5.83 4.54
N LYS A 16 3.23 -5.20 4.67
CA LYS A 16 2.41 -4.87 3.51
C LYS A 16 2.00 -3.40 3.54
N ILE A 17 2.44 -2.65 2.54
CA ILE A 17 2.10 -1.22 2.45
C ILE A 17 2.00 -0.77 1.00
N LEU A 18 1.09 0.15 0.73
CA LEU A 18 0.89 0.67 -0.61
C LEU A 18 0.81 2.19 -0.61
N TYR A 19 1.85 2.84 -1.13
CA TYR A 19 1.90 4.29 -1.19
C TYR A 19 1.32 4.81 -2.51
N VAL A 20 0.46 5.81 -2.41
CA VAL A 20 -0.16 6.40 -3.59
C VAL A 20 0.28 7.85 -3.78
N ARG A 21 0.57 8.21 -5.03
CA ARG A 21 1.01 9.56 -5.35
C ARG A 21 0.19 10.13 -6.51
N ASN A 22 0.13 11.46 -6.59
CA ASN A 22 -0.61 12.13 -7.64
C ASN A 22 -2.12 12.03 -7.39
N LEU A 23 -2.52 12.25 -6.15
CA LEU A 23 -3.93 12.17 -5.79
C LEU A 23 -4.59 13.56 -5.86
N MET A 24 -5.74 13.62 -6.51
CA MET A 24 -6.47 14.88 -6.65
C MET A 24 -6.99 15.35 -5.29
N LEU A 25 -6.61 16.57 -4.91
CA LEU A 25 -7.04 17.14 -3.64
C LEU A 25 -8.54 16.99 -3.46
N SER A 26 -9.28 17.02 -4.56
CA SER A 26 -10.73 16.89 -4.52
C SER A 26 -11.13 15.48 -4.07
N THR A 27 -10.35 14.49 -4.47
CA THR A 27 -10.62 13.10 -4.11
C THR A 27 -10.62 12.92 -2.59
N SER A 28 -11.53 12.09 -2.10
CA SER A 28 -11.63 11.83 -0.67
C SER A 28 -11.19 10.41 -0.34
N GLU A 29 -10.97 10.13 0.94
CA GLU A 29 -10.54 8.82 1.39
C GLU A 29 -11.48 7.74 0.85
N GLU A 30 -12.78 7.92 1.08
CA GLU A 30 -13.78 6.97 0.61
C GLU A 30 -13.45 6.46 -0.79
N MET A 31 -13.06 7.39 -1.67
CA MET A 31 -12.72 7.05 -3.04
C MET A 31 -11.50 6.14 -3.09
N ILE A 32 -10.55 6.37 -2.18
CA ILE A 32 -9.33 5.58 -2.11
C ILE A 32 -9.61 4.20 -1.51
N GLU A 33 -10.48 4.17 -0.51
CA GLU A 33 -10.82 2.92 0.15
C GLU A 33 -11.69 2.04 -0.76
N LYS A 34 -12.66 2.65 -1.41
CA LYS A 34 -13.54 1.94 -2.32
C LYS A 34 -12.77 1.37 -3.50
N GLU A 35 -11.93 2.20 -4.12
CA GLU A 35 -11.14 1.77 -5.26
C GLU A 35 -10.24 0.59 -4.88
N PHE A 36 -9.56 0.70 -3.75
CA PHE A 36 -8.67 -0.36 -3.28
C PHE A 36 -9.47 -1.56 -2.78
N ASN A 37 -10.63 -1.28 -2.19
CA ASN A 37 -11.48 -2.33 -1.66
C ASN A 37 -12.09 -3.17 -2.79
N ASN A 38 -12.34 -2.52 -3.92
CA ASN A 38 -12.92 -3.19 -5.08
C ASN A 38 -12.20 -4.51 -5.36
N ILE A 39 -10.92 -4.56 -5.01
CA ILE A 39 -10.12 -5.75 -5.23
C ILE A 39 -10.57 -6.89 -4.31
N LYS A 40 -10.64 -6.60 -3.01
CA LYS A 40 -11.06 -7.60 -2.03
C LYS A 40 -11.87 -6.94 -0.91
N PRO A 41 -12.98 -7.61 -0.52
CA PRO A 41 -13.85 -7.11 0.54
C PRO A 41 -13.20 -7.18 1.92
N GLY A 42 -13.18 -6.05 2.62
CA GLY A 42 -12.58 -5.99 3.93
C GLY A 42 -11.11 -6.33 3.91
N ALA A 43 -10.40 -5.87 2.89
CA ALA A 43 -8.98 -6.13 2.76
C ALA A 43 -8.15 -4.93 3.20
N VAL A 44 -8.56 -3.74 2.76
CA VAL A 44 -7.86 -2.51 3.11
C VAL A 44 -7.89 -2.27 4.63
N GLU A 45 -6.73 -2.41 5.26
CA GLU A 45 -6.65 -2.21 6.70
C GLU A 45 -7.01 -0.79 7.08
N ARG A 46 -6.31 0.18 6.51
CA ARG A 46 -6.56 1.59 6.78
C ARG A 46 -6.13 2.46 5.60
N VAL A 47 -6.70 3.66 5.52
CA VAL A 47 -6.39 4.59 4.45
C VAL A 47 -6.11 5.98 5.00
N LYS A 48 -4.87 6.45 4.82
CA LYS A 48 -4.47 7.77 5.29
C LYS A 48 -4.24 8.71 4.12
N LYS A 49 -5.16 9.65 3.92
CA LYS A 49 -5.05 10.62 2.85
C LYS A 49 -4.08 11.74 3.21
N ILE A 50 -3.41 12.29 2.21
CA ILE A 50 -2.45 13.37 2.43
C ILE A 50 -2.58 14.45 1.36
N ARG A 51 -1.87 15.56 1.55
CA ARG A 51 -1.92 16.66 0.60
C ARG A 51 -2.14 16.15 -0.81
N ASP A 52 -1.12 15.51 -1.37
CA ASP A 52 -1.20 14.98 -2.73
C ASP A 52 -0.79 13.51 -2.76
N TYR A 53 -0.80 12.88 -1.59
CA TYR A 53 -0.42 11.47 -1.48
C TYR A 53 -1.22 10.77 -0.39
N ALA A 54 -0.99 9.48 -0.23
CA ALA A 54 -1.70 8.69 0.78
C ALA A 54 -1.08 7.31 0.92
N PHE A 55 -1.44 6.62 2.01
CA PHE A 55 -0.92 5.27 2.26
C PHE A 55 -2.05 4.30 2.53
N VAL A 56 -1.91 3.08 2.03
CA VAL A 56 -2.92 2.04 2.23
C VAL A 56 -2.32 0.77 2.80
N HIS A 57 -2.84 0.33 3.94
CA HIS A 57 -2.34 -0.87 4.59
C HIS A 57 -3.26 -2.06 4.29
N PHE A 58 -2.70 -3.27 4.42
CA PHE A 58 -3.46 -4.49 4.16
C PHE A 58 -3.22 -5.52 5.26
N SER A 59 -4.00 -6.60 5.23
CA SER A 59 -3.88 -7.65 6.22
C SER A 59 -2.79 -8.64 5.82
N ASN A 60 -2.64 -8.87 4.52
CA ASN A 60 -1.63 -9.78 4.01
C ASN A 60 -0.96 -9.22 2.77
N ARG A 61 0.34 -9.50 2.63
CA ARG A 61 1.10 -9.01 1.49
C ARG A 61 0.45 -9.43 0.18
N GLU A 62 -0.01 -10.68 0.12
CA GLU A 62 -0.65 -11.20 -1.08
C GLU A 62 -1.68 -10.21 -1.61
N ASP A 63 -2.62 -9.82 -0.77
CA ASP A 63 -3.66 -8.88 -1.15
C ASP A 63 -3.06 -7.54 -1.59
N ALA A 64 -2.19 -6.99 -0.75
CA ALA A 64 -1.54 -5.72 -1.05
C ALA A 64 -0.90 -5.74 -2.44
N VAL A 65 -0.25 -6.85 -2.76
CA VAL A 65 0.40 -7.00 -4.06
C VAL A 65 -0.62 -6.92 -5.21
N GLU A 66 -1.71 -7.66 -5.07
CA GLU A 66 -2.75 -7.66 -6.09
C GLU A 66 -3.31 -6.25 -6.30
N ALA A 67 -3.77 -5.64 -5.22
CA ALA A 67 -4.33 -4.30 -5.29
C ALA A 67 -3.31 -3.30 -5.83
N MET A 68 -2.03 -3.61 -5.64
CA MET A 68 -0.95 -2.75 -6.11
C MET A 68 -0.93 -2.69 -7.63
N LYS A 69 -0.75 -3.84 -8.26
CA LYS A 69 -0.71 -3.93 -9.72
C LYS A 69 -2.07 -3.56 -10.33
N ALA A 70 -3.11 -4.25 -9.88
CA ALA A 70 -4.46 -4.00 -10.38
C ALA A 70 -4.68 -2.51 -10.63
N LEU A 71 -4.30 -1.69 -9.65
CA LEU A 71 -4.45 -0.24 -9.76
C LEU A 71 -3.28 0.38 -10.52
N ASN A 72 -2.08 -0.13 -10.24
CA ASN A 72 -0.87 0.37 -10.89
C ASN A 72 -1.15 0.73 -12.34
N GLY A 73 -1.25 2.03 -12.63
CA GLY A 73 -1.51 2.47 -13.99
C GLY A 73 -2.96 2.81 -14.21
N LYS A 74 -3.60 3.42 -13.21
CA LYS A 74 -5.00 3.79 -13.31
C LYS A 74 -5.17 5.30 -13.28
N VAL A 75 -6.30 5.79 -13.78
CA VAL A 75 -6.58 7.22 -13.81
C VAL A 75 -7.85 7.54 -13.04
N LEU A 76 -7.69 7.96 -11.79
CA LEU A 76 -8.84 8.31 -10.96
C LEU A 76 -9.14 9.80 -11.04
N ASP A 77 -10.40 10.15 -10.80
CA ASP A 77 -10.82 11.55 -10.86
C ASP A 77 -10.11 12.29 -11.98
N GLY A 78 -9.76 11.56 -13.03
CA GLY A 78 -9.07 12.17 -14.15
C GLY A 78 -7.62 12.51 -13.84
N SER A 79 -6.92 11.56 -13.20
CA SER A 79 -5.53 11.77 -12.84
C SER A 79 -4.81 10.43 -12.71
N PRO A 80 -3.60 10.35 -13.28
CA PRO A 80 -2.78 9.14 -13.25
C PRO A 80 -2.24 8.85 -11.85
N ILE A 81 -2.86 7.90 -11.16
CA ILE A 81 -2.43 7.53 -9.81
C ILE A 81 -1.47 6.35 -9.85
N GLU A 82 -0.50 6.37 -8.94
CA GLU A 82 0.49 5.29 -8.85
C GLU A 82 0.39 4.55 -7.52
N VAL A 83 0.82 3.30 -7.51
CA VAL A 83 0.78 2.49 -6.30
C VAL A 83 2.02 1.61 -6.20
N THR A 84 2.78 1.81 -5.12
CA THR A 84 4.00 1.04 -4.89
C THR A 84 4.12 0.63 -3.43
N LEU A 85 5.07 -0.25 -3.15
CA LEU A 85 5.30 -0.74 -1.79
C LEU A 85 6.18 0.24 -1.01
N ALA A 86 5.58 0.95 -0.06
CA ALA A 86 6.31 1.89 0.76
C ALA A 86 7.33 1.19 1.65
N LYS A 87 8.50 1.81 1.80
CA LYS A 87 9.57 1.23 2.62
C LYS A 87 9.74 2.03 3.91
N PRO A 88 9.02 1.63 4.96
CA PRO A 88 9.08 2.29 6.26
C PRO A 88 10.41 2.06 6.97
N VAL A 89 10.91 3.10 7.63
CA VAL A 89 12.18 3.00 8.35
C VAL A 89 12.02 2.25 9.66
N ASP A 90 12.98 1.39 9.97
CA ASP A 90 12.94 0.61 11.20
C ASP A 90 14.31 0.02 11.51
N LYS A 91 14.50 -0.41 12.76
CA LYS A 91 15.76 -0.99 13.18
C LYS A 91 15.53 -2.24 14.03
N ASP A 92 16.24 -3.31 13.70
CA ASP A 92 16.10 -4.57 14.43
C ASP A 92 15.99 -4.32 15.92
N SER A 93 14.85 -4.66 16.49
CA SER A 93 14.61 -4.49 17.92
C SER A 93 15.62 -5.27 18.75
N SER A 94 16.08 -4.67 19.84
CA SER A 94 17.05 -5.33 20.72
C SER A 94 16.35 -6.01 21.89
N GLY A 95 16.68 -7.28 22.10
CA GLY A 95 16.07 -8.03 23.19
C GLY A 95 16.96 -9.15 23.69
N PRO A 96 16.42 -10.00 24.58
CA PRO A 96 17.16 -11.12 25.16
C PRO A 96 17.42 -12.22 24.14
N SER A 97 18.70 -12.44 23.82
CA SER A 97 19.08 -13.46 22.85
C SER A 97 18.55 -14.83 23.27
N SER A 98 18.81 -15.20 24.53
CA SER A 98 18.37 -16.49 25.05
C SER A 98 17.05 -16.34 25.81
N GLY A 99 15.94 -16.46 25.08
CA GLY A 99 14.63 -16.33 25.70
C GLY A 99 13.65 -17.34 25.15
N GLY A 1 -1.02 -2.33 -14.97
CA GLY A 1 -0.24 -3.44 -15.49
C GLY A 1 1.21 -3.41 -15.03
N SER A 2 1.58 -4.37 -14.20
CA SER A 2 2.95 -4.43 -13.68
C SER A 2 3.83 -5.29 -14.59
N SER A 3 5.14 -5.24 -14.34
CA SER A 3 6.09 -6.00 -15.14
C SER A 3 6.34 -7.37 -14.52
N GLY A 4 6.78 -7.38 -13.27
CA GLY A 4 7.05 -8.63 -12.58
C GLY A 4 8.25 -8.54 -11.67
N SER A 5 8.17 -7.66 -10.68
CA SER A 5 9.27 -7.47 -9.73
C SER A 5 8.74 -7.20 -8.33
N SER A 6 9.00 -8.13 -7.42
CA SER A 6 8.55 -8.01 -6.04
C SER A 6 9.26 -6.84 -5.35
N GLY A 7 10.52 -6.63 -5.70
CA GLY A 7 11.28 -5.54 -5.10
C GLY A 7 11.55 -5.77 -3.62
N ASP A 8 12.66 -5.24 -3.13
CA ASP A 8 13.03 -5.39 -1.73
C ASP A 8 12.79 -6.82 -1.26
N GLU A 9 13.15 -7.78 -2.10
CA GLU A 9 12.98 -9.19 -1.77
C GLU A 9 13.73 -9.54 -0.48
N ASP A 10 12.99 -9.67 0.61
CA ASP A 10 13.57 -10.00 1.91
C ASP A 10 12.60 -10.80 2.76
N THR A 11 13.13 -11.49 3.78
CA THR A 11 12.30 -12.30 4.66
C THR A 11 12.47 -11.86 6.11
N MET A 12 12.46 -10.55 6.33
CA MET A 12 12.61 -10.01 7.68
C MET A 12 11.28 -10.05 8.42
N SER A 13 10.23 -9.54 7.80
CA SER A 13 8.90 -9.52 8.40
C SER A 13 7.83 -9.24 7.36
N SER A 14 6.64 -9.80 7.57
CA SER A 14 5.53 -9.62 6.63
C SER A 14 4.98 -8.20 6.72
N VAL A 15 5.41 -7.35 5.79
CA VAL A 15 4.96 -5.97 5.76
C VAL A 15 4.20 -5.67 4.46
N LYS A 16 3.07 -4.99 4.60
CA LYS A 16 2.26 -4.63 3.44
C LYS A 16 1.86 -3.16 3.49
N ILE A 17 2.32 -2.39 2.50
CA ILE A 17 2.01 -0.97 2.44
C ILE A 17 1.92 -0.50 0.98
N LEU A 18 0.86 0.24 0.67
CA LEU A 18 0.66 0.75 -0.68
C LEU A 18 0.65 2.28 -0.68
N TYR A 19 1.69 2.86 -1.27
CA TYR A 19 1.79 4.32 -1.34
C TYR A 19 1.17 4.85 -2.62
N VAL A 20 0.20 5.74 -2.48
CA VAL A 20 -0.48 6.33 -3.62
C VAL A 20 0.03 7.74 -3.89
N ARG A 21 0.40 7.99 -5.15
CA ARG A 21 0.91 9.30 -5.55
C ARG A 21 0.06 9.90 -6.67
N ASN A 22 0.16 11.20 -6.85
CA ASN A 22 -0.59 11.90 -7.89
C ASN A 22 -2.10 11.83 -7.61
N LEU A 23 -2.48 12.24 -6.42
CA LEU A 23 -3.89 12.22 -6.02
C LEU A 23 -4.46 13.64 -6.01
N MET A 24 -5.63 13.80 -6.64
CA MET A 24 -6.29 15.11 -6.70
C MET A 24 -6.75 15.54 -5.32
N LEU A 25 -6.52 16.82 -5.00
CA LEU A 25 -6.92 17.36 -3.70
C LEU A 25 -8.40 17.16 -3.46
N SER A 26 -9.16 17.01 -4.53
CA SER A 26 -10.61 16.81 -4.42
C SER A 26 -10.92 15.39 -3.97
N THR A 27 -10.01 14.46 -4.28
CA THR A 27 -10.19 13.06 -3.91
C THR A 27 -10.12 12.88 -2.40
N SER A 28 -11.00 12.03 -1.87
CA SER A 28 -11.02 11.77 -0.44
C SER A 28 -10.66 10.32 -0.14
N GLU A 29 -10.47 10.01 1.14
CA GLU A 29 -10.12 8.65 1.56
C GLU A 29 -11.07 7.64 0.96
N GLU A 30 -12.37 7.84 1.18
CA GLU A 30 -13.38 6.93 0.66
C GLU A 30 -13.04 6.49 -0.76
N MET A 31 -12.71 7.47 -1.61
CA MET A 31 -12.37 7.18 -2.99
C MET A 31 -11.23 6.16 -3.08
N ILE A 32 -10.29 6.26 -2.14
CA ILE A 32 -9.15 5.35 -2.10
C ILE A 32 -9.54 3.99 -1.51
N GLU A 33 -10.25 4.03 -0.39
CA GLU A 33 -10.69 2.82 0.28
C GLU A 33 -11.58 1.99 -0.63
N LYS A 34 -12.41 2.66 -1.41
CA LYS A 34 -13.32 1.99 -2.34
C LYS A 34 -12.56 1.43 -3.54
N GLU A 35 -11.70 2.25 -4.12
CA GLU A 35 -10.91 1.85 -5.27
C GLU A 35 -9.94 0.73 -4.90
N PHE A 36 -9.60 0.65 -3.62
CA PHE A 36 -8.68 -0.36 -3.13
C PHE A 36 -9.44 -1.59 -2.62
N ASN A 37 -10.68 -1.37 -2.19
CA ASN A 37 -11.51 -2.46 -1.68
C ASN A 37 -12.21 -3.19 -2.82
N ASN A 38 -12.30 -2.53 -3.97
CA ASN A 38 -12.95 -3.11 -5.14
C ASN A 38 -12.26 -4.41 -5.55
N ILE A 39 -11.00 -4.56 -5.17
CA ILE A 39 -10.23 -5.76 -5.50
C ILE A 39 -10.65 -6.93 -4.62
N LYS A 40 -10.56 -6.74 -3.31
CA LYS A 40 -10.94 -7.78 -2.36
C LYS A 40 -11.70 -7.20 -1.18
N PRO A 41 -12.80 -7.86 -0.79
CA PRO A 41 -13.63 -7.42 0.34
C PRO A 41 -12.94 -7.60 1.67
N GLY A 42 -13.08 -6.60 2.55
CA GLY A 42 -12.46 -6.67 3.86
C GLY A 42 -10.97 -6.90 3.79
N ALA A 43 -10.32 -6.21 2.84
CA ALA A 43 -8.87 -6.34 2.67
C ALA A 43 -8.15 -5.12 3.20
N VAL A 44 -8.56 -3.93 2.75
CA VAL A 44 -7.95 -2.70 3.18
C VAL A 44 -8.11 -2.50 4.69
N GLU A 45 -6.99 -2.51 5.40
CA GLU A 45 -7.00 -2.32 6.85
C GLU A 45 -7.33 -0.89 7.22
N ARG A 46 -6.46 0.03 6.80
CA ARG A 46 -6.67 1.45 7.09
C ARG A 46 -6.09 2.32 5.97
N VAL A 47 -6.66 3.50 5.79
CA VAL A 47 -6.20 4.42 4.76
C VAL A 47 -5.97 5.81 5.34
N LYS A 48 -5.05 6.56 4.72
CA LYS A 48 -4.72 7.89 5.17
C LYS A 48 -4.48 8.82 3.98
N LYS A 49 -5.33 9.83 3.84
CA LYS A 49 -5.21 10.79 2.75
C LYS A 49 -4.22 11.90 3.10
N ILE A 50 -3.51 12.39 2.10
CA ILE A 50 -2.53 13.46 2.31
C ILE A 50 -2.66 14.54 1.25
N ARG A 51 -1.93 15.64 1.43
CA ARG A 51 -1.97 16.75 0.49
C ARG A 51 -2.22 16.25 -0.93
N ASP A 52 -1.21 15.61 -1.51
CA ASP A 52 -1.32 15.08 -2.86
C ASP A 52 -0.95 13.60 -2.90
N TYR A 53 -0.98 12.96 -1.74
CA TYR A 53 -0.64 11.55 -1.64
C TYR A 53 -1.43 10.87 -0.53
N ALA A 54 -1.24 9.56 -0.37
CA ALA A 54 -1.93 8.80 0.66
C ALA A 54 -1.26 7.45 0.89
N PHE A 55 -1.69 6.75 1.93
CA PHE A 55 -1.13 5.45 2.27
C PHE A 55 -2.23 4.43 2.56
N VAL A 56 -2.00 3.18 2.20
CA VAL A 56 -2.97 2.12 2.42
C VAL A 56 -2.30 0.89 3.03
N HIS A 57 -2.94 0.33 4.06
CA HIS A 57 -2.41 -0.85 4.73
C HIS A 57 -3.32 -2.06 4.48
N PHE A 58 -2.73 -3.25 4.52
CA PHE A 58 -3.47 -4.48 4.30
C PHE A 58 -3.20 -5.49 5.41
N SER A 59 -3.80 -6.67 5.29
CA SER A 59 -3.63 -7.72 6.29
C SER A 59 -2.53 -8.69 5.87
N ASN A 60 -2.24 -8.73 4.57
CA ASN A 60 -1.21 -9.61 4.04
C ASN A 60 -0.59 -9.03 2.78
N ARG A 61 0.67 -9.36 2.53
CA ARG A 61 1.38 -8.87 1.36
C ARG A 61 0.71 -9.36 0.07
N GLU A 62 0.22 -10.59 0.10
CA GLU A 62 -0.45 -11.17 -1.06
C GLU A 62 -1.48 -10.21 -1.64
N ASP A 63 -2.49 -9.91 -0.84
CA ASP A 63 -3.55 -9.00 -1.27
C ASP A 63 -2.99 -7.63 -1.60
N ALA A 64 -2.11 -7.13 -0.74
CA ALA A 64 -1.49 -5.82 -0.94
C ALA A 64 -0.89 -5.71 -2.34
N VAL A 65 -0.15 -6.74 -2.75
CA VAL A 65 0.47 -6.75 -4.06
C VAL A 65 -0.58 -6.75 -5.17
N GLU A 66 -1.62 -7.56 -4.98
CA GLU A 66 -2.69 -7.65 -5.97
C GLU A 66 -3.37 -6.30 -6.16
N ALA A 67 -3.74 -5.66 -5.06
CA ALA A 67 -4.40 -4.36 -5.11
C ALA A 67 -3.49 -3.31 -5.73
N MET A 68 -2.18 -3.48 -5.56
CA MET A 68 -1.19 -2.55 -6.09
C MET A 68 -1.13 -2.65 -7.62
N LYS A 69 -0.99 -3.87 -8.12
CA LYS A 69 -0.91 -4.11 -9.55
C LYS A 69 -2.26 -3.86 -10.21
N ALA A 70 -3.34 -4.09 -9.47
CA ALA A 70 -4.68 -3.88 -9.99
C ALA A 70 -4.94 -2.41 -10.28
N LEU A 71 -4.54 -1.55 -9.35
CA LEU A 71 -4.74 -0.11 -9.50
C LEU A 71 -3.56 0.51 -10.26
N ASN A 72 -2.40 -0.11 -10.14
CA ASN A 72 -1.19 0.38 -10.80
C ASN A 72 -1.47 0.69 -12.28
N GLY A 73 -1.50 1.97 -12.61
CA GLY A 73 -1.75 2.37 -13.99
C GLY A 73 -3.21 2.74 -14.23
N LYS A 74 -3.84 3.33 -13.20
CA LYS A 74 -5.23 3.74 -13.30
C LYS A 74 -5.36 5.26 -13.23
N VAL A 75 -6.40 5.78 -13.87
CA VAL A 75 -6.63 7.22 -13.88
C VAL A 75 -7.86 7.58 -13.05
N LEU A 76 -7.63 8.11 -11.86
CA LEU A 76 -8.72 8.49 -10.97
C LEU A 76 -8.92 10.01 -10.98
N ASP A 77 -10.17 10.43 -10.82
CA ASP A 77 -10.50 11.86 -10.81
C ASP A 77 -9.79 12.58 -11.96
N GLY A 78 -9.46 11.84 -13.00
CA GLY A 78 -8.78 12.43 -14.15
C GLY A 78 -7.30 12.65 -13.89
N SER A 79 -6.67 11.68 -13.25
CA SER A 79 -5.24 11.77 -12.94
C SER A 79 -4.62 10.38 -12.81
N PRO A 80 -3.44 10.21 -13.43
CA PRO A 80 -2.72 8.93 -13.41
C PRO A 80 -2.16 8.61 -12.02
N ILE A 81 -2.92 7.85 -11.25
CA ILE A 81 -2.49 7.47 -9.90
C ILE A 81 -1.45 6.35 -9.95
N GLU A 82 -0.52 6.39 -9.00
CA GLU A 82 0.54 5.39 -8.93
C GLU A 82 0.51 4.66 -7.58
N VAL A 83 0.64 3.34 -7.64
CA VAL A 83 0.63 2.52 -6.42
C VAL A 83 1.90 1.69 -6.31
N THR A 84 2.67 1.93 -5.25
CA THR A 84 3.91 1.21 -5.03
C THR A 84 4.01 0.71 -3.60
N LEU A 85 4.95 -0.20 -3.34
CA LEU A 85 5.14 -0.75 -2.02
C LEU A 85 6.02 0.16 -1.16
N ALA A 86 5.39 0.91 -0.26
CA ALA A 86 6.11 1.81 0.62
C ALA A 86 6.91 1.05 1.66
N LYS A 87 7.95 1.70 2.20
CA LYS A 87 8.80 1.08 3.21
C LYS A 87 8.53 1.68 4.59
N PRO A 88 8.54 0.81 5.61
CA PRO A 88 8.30 1.23 6.99
C PRO A 88 9.44 2.07 7.56
N VAL A 89 9.10 3.06 8.37
CA VAL A 89 10.10 3.93 8.98
C VAL A 89 10.24 3.66 10.47
N ASP A 90 11.37 3.09 10.86
CA ASP A 90 11.63 2.77 12.26
C ASP A 90 13.13 2.69 12.53
N LYS A 91 13.57 3.32 13.62
CA LYS A 91 14.98 3.31 13.99
C LYS A 91 15.31 2.09 14.85
N ASP A 92 16.43 1.45 14.53
CA ASP A 92 16.86 0.26 15.27
C ASP A 92 17.07 0.59 16.74
N SER A 93 16.14 0.16 17.58
CA SER A 93 16.22 0.41 19.02
C SER A 93 17.28 -0.47 19.66
N SER A 94 17.82 -0.01 20.80
CA SER A 94 18.84 -0.76 21.51
C SER A 94 18.23 -1.61 22.62
N GLY A 95 17.31 -1.01 23.38
CA GLY A 95 16.65 -1.73 24.45
C GLY A 95 16.77 -1.01 25.77
N PRO A 96 15.74 -1.14 26.62
CA PRO A 96 15.71 -0.50 27.94
C PRO A 96 16.70 -1.13 28.91
N SER A 97 17.41 -0.28 29.65
CA SER A 97 18.40 -0.75 30.62
C SER A 97 17.71 -1.39 31.83
N SER A 98 16.88 -0.60 32.50
CA SER A 98 16.17 -1.09 33.67
C SER A 98 17.13 -1.37 34.83
N GLY A 99 18.10 -0.46 35.01
CA GLY A 99 19.07 -0.63 36.06
C GLY A 99 18.70 0.12 37.33
N GLY A 1 -1.05 -24.87 -10.55
CA GLY A 1 0.02 -25.55 -9.82
C GLY A 1 1.30 -24.74 -9.81
N SER A 2 1.77 -24.35 -10.98
CA SER A 2 3.00 -23.58 -11.09
C SER A 2 2.74 -22.10 -10.87
N SER A 3 3.06 -21.63 -9.66
CA SER A 3 2.85 -20.22 -9.32
C SER A 3 4.07 -19.39 -9.68
N GLY A 4 5.25 -19.89 -9.34
CA GLY A 4 6.48 -19.18 -9.63
C GLY A 4 7.30 -18.89 -8.39
N SER A 5 8.61 -18.99 -8.50
CA SER A 5 9.51 -18.74 -7.38
C SER A 5 9.89 -17.25 -7.31
N SER A 6 9.91 -16.72 -6.10
CA SER A 6 10.26 -15.32 -5.90
C SER A 6 11.77 -15.12 -5.91
N GLY A 7 12.50 -16.16 -5.50
CA GLY A 7 13.95 -16.07 -5.48
C GLY A 7 14.49 -15.83 -4.08
N ASP A 8 14.72 -14.58 -3.75
CA ASP A 8 15.25 -14.21 -2.44
C ASP A 8 14.23 -13.38 -1.65
N GLU A 9 13.98 -13.78 -0.41
CA GLU A 9 13.04 -13.07 0.44
C GLU A 9 13.53 -13.03 1.89
N ASP A 10 12.80 -12.31 2.73
CA ASP A 10 13.17 -12.18 4.13
C ASP A 10 11.98 -12.53 5.04
N THR A 11 12.00 -13.73 5.60
CA THR A 11 10.92 -14.17 6.48
C THR A 11 11.13 -13.67 7.90
N MET A 12 11.47 -12.39 8.03
CA MET A 12 11.70 -11.78 9.33
C MET A 12 10.45 -11.03 9.80
N SER A 13 9.89 -10.20 8.92
CA SER A 13 8.71 -9.43 9.25
C SER A 13 7.85 -9.20 8.00
N SER A 14 6.57 -9.55 8.11
CA SER A 14 5.64 -9.39 6.99
C SER A 14 5.03 -7.98 6.99
N VAL A 15 5.54 -7.13 6.11
CA VAL A 15 5.05 -5.77 6.00
C VAL A 15 4.34 -5.53 4.66
N LYS A 16 3.16 -4.94 4.71
CA LYS A 16 2.39 -4.66 3.51
C LYS A 16 1.84 -3.23 3.53
N ILE A 17 2.27 -2.43 2.57
CA ILE A 17 1.83 -1.04 2.48
C ILE A 17 1.78 -0.58 1.03
N LEU A 18 0.73 0.17 0.69
CA LEU A 18 0.57 0.68 -0.66
C LEU A 18 0.49 2.20 -0.67
N TYR A 19 1.56 2.84 -1.15
CA TYR A 19 1.62 4.30 -1.21
C TYR A 19 1.10 4.81 -2.54
N VAL A 20 0.07 5.65 -2.49
CA VAL A 20 -0.52 6.21 -3.70
C VAL A 20 0.06 7.59 -4.01
N ARG A 21 0.46 7.79 -5.25
CA ARG A 21 1.03 9.06 -5.67
C ARG A 21 0.18 9.70 -6.78
N ASN A 22 0.29 11.02 -6.90
CA ASN A 22 -0.47 11.75 -7.90
C ASN A 22 -1.95 11.78 -7.57
N LEU A 23 -2.27 12.21 -6.35
CA LEU A 23 -3.65 12.29 -5.90
C LEU A 23 -4.13 13.73 -5.84
N MET A 24 -5.25 14.00 -6.50
CA MET A 24 -5.82 15.34 -6.53
C MET A 24 -6.41 15.71 -5.17
N LEU A 25 -6.21 16.95 -4.77
CA LEU A 25 -6.72 17.44 -3.48
C LEU A 25 -8.23 17.23 -3.39
N SER A 26 -8.86 17.06 -4.54
CA SER A 26 -10.30 16.84 -4.60
C SER A 26 -10.68 15.43 -4.15
N THR A 27 -9.76 14.50 -4.38
CA THR A 27 -9.98 13.11 -4.00
C THR A 27 -10.11 12.96 -2.49
N SER A 28 -10.94 12.02 -2.06
CA SER A 28 -11.16 11.77 -0.64
C SER A 28 -10.79 10.34 -0.27
N GLU A 29 -10.66 10.09 1.03
CA GLU A 29 -10.30 8.76 1.52
C GLU A 29 -11.39 7.74 1.18
N GLU A 30 -12.57 8.25 0.84
CA GLU A 30 -13.70 7.38 0.49
C GLU A 30 -13.46 6.68 -0.84
N MET A 31 -13.36 7.47 -1.90
CA MET A 31 -13.14 6.92 -3.24
C MET A 31 -11.89 6.04 -3.26
N ILE A 32 -10.92 6.38 -2.42
CA ILE A 32 -9.68 5.63 -2.33
C ILE A 32 -9.91 4.25 -1.72
N GLU A 33 -10.68 4.21 -0.63
CA GLU A 33 -10.97 2.95 0.05
C GLU A 33 -11.81 2.04 -0.84
N LYS A 34 -12.93 2.57 -1.33
CA LYS A 34 -13.81 1.79 -2.20
C LYS A 34 -13.05 1.21 -3.38
N GLU A 35 -12.27 2.05 -4.06
CA GLU A 35 -11.49 1.60 -5.20
C GLU A 35 -10.63 0.39 -4.84
N PHE A 36 -9.84 0.52 -3.78
CA PHE A 36 -8.98 -0.56 -3.33
C PHE A 36 -9.80 -1.79 -2.93
N ASN A 37 -10.69 -1.60 -1.96
CA ASN A 37 -11.55 -2.69 -1.50
C ASN A 37 -12.16 -3.45 -2.67
N ASN A 38 -12.74 -2.71 -3.61
CA ASN A 38 -13.36 -3.32 -4.78
C ASN A 38 -12.56 -4.54 -5.25
N ILE A 39 -11.25 -4.37 -5.34
CA ILE A 39 -10.38 -5.46 -5.78
C ILE A 39 -10.63 -6.73 -4.98
N LYS A 40 -10.51 -6.63 -3.65
CA LYS A 40 -10.73 -7.76 -2.77
C LYS A 40 -11.40 -7.32 -1.47
N PRO A 41 -12.39 -8.10 -1.01
CA PRO A 41 -13.12 -7.81 0.22
C PRO A 41 -12.26 -8.02 1.46
N GLY A 42 -12.35 -7.08 2.40
CA GLY A 42 -11.58 -7.18 3.63
C GLY A 42 -10.08 -7.20 3.36
N ALA A 43 -9.65 -6.44 2.38
CA ALA A 43 -8.24 -6.37 2.02
C ALA A 43 -7.58 -5.13 2.61
N VAL A 44 -8.31 -4.02 2.59
CA VAL A 44 -7.80 -2.75 3.12
C VAL A 44 -8.16 -2.59 4.59
N GLU A 45 -7.18 -2.21 5.40
CA GLU A 45 -7.39 -2.02 6.83
C GLU A 45 -7.72 -0.56 7.14
N ARG A 46 -6.86 0.34 6.67
CA ARG A 46 -7.05 1.77 6.90
C ARG A 46 -6.44 2.59 5.76
N VAL A 47 -6.87 3.84 5.66
CA VAL A 47 -6.37 4.73 4.61
C VAL A 47 -5.95 6.08 5.18
N LYS A 48 -4.83 6.60 4.71
CA LYS A 48 -4.32 7.88 5.17
C LYS A 48 -4.12 8.85 4.00
N LYS A 49 -4.92 9.91 3.99
CA LYS A 49 -4.84 10.92 2.94
C LYS A 49 -3.81 11.99 3.27
N ILE A 50 -3.10 12.46 2.26
CA ILE A 50 -2.08 13.49 2.45
C ILE A 50 -2.21 14.59 1.41
N ARG A 51 -1.42 15.65 1.58
CA ARG A 51 -1.45 16.78 0.65
C ARG A 51 -1.81 16.31 -0.76
N ASP A 52 -0.86 15.65 -1.42
CA ASP A 52 -1.08 15.15 -2.77
C ASP A 52 -0.78 13.66 -2.85
N TYR A 53 -0.71 13.01 -1.69
CA TYR A 53 -0.43 11.58 -1.63
C TYR A 53 -1.24 10.91 -0.53
N ALA A 54 -1.18 9.59 -0.49
CA ALA A 54 -1.90 8.82 0.53
C ALA A 54 -1.31 7.42 0.70
N PHE A 55 -1.68 6.76 1.78
CA PHE A 55 -1.18 5.42 2.07
C PHE A 55 -2.33 4.46 2.34
N VAL A 56 -2.12 3.19 2.01
CA VAL A 56 -3.15 2.17 2.21
C VAL A 56 -2.55 0.93 2.87
N HIS A 57 -3.12 0.54 4.01
CA HIS A 57 -2.64 -0.63 4.74
C HIS A 57 -3.49 -1.85 4.42
N PHE A 58 -2.85 -3.02 4.36
CA PHE A 58 -3.54 -4.26 4.05
C PHE A 58 -3.40 -5.26 5.20
N SER A 59 -4.03 -6.42 5.05
CA SER A 59 -3.98 -7.46 6.07
C SER A 59 -2.82 -8.42 5.81
N ASN A 60 -2.52 -8.64 4.53
CA ASN A 60 -1.44 -9.53 4.14
C ASN A 60 -0.72 -9.00 2.91
N ARG A 61 0.50 -9.50 2.69
CA ARG A 61 1.30 -9.07 1.55
C ARG A 61 0.64 -9.48 0.24
N GLU A 62 0.47 -10.78 0.04
CA GLU A 62 -0.15 -11.30 -1.17
C GLU A 62 -1.28 -10.38 -1.65
N ASP A 63 -2.15 -10.00 -0.72
CA ASP A 63 -3.27 -9.13 -1.05
C ASP A 63 -2.77 -7.74 -1.48
N ALA A 64 -1.90 -7.17 -0.66
CA ALA A 64 -1.34 -5.85 -0.96
C ALA A 64 -0.74 -5.81 -2.36
N VAL A 65 0.07 -6.82 -2.68
CA VAL A 65 0.72 -6.91 -3.98
C VAL A 65 -0.32 -6.95 -5.10
N GLU A 66 -1.37 -7.73 -4.90
CA GLU A 66 -2.42 -7.86 -5.90
C GLU A 66 -3.13 -6.52 -6.12
N ALA A 67 -3.65 -5.95 -5.04
CA ALA A 67 -4.34 -4.66 -5.12
C ALA A 67 -3.46 -3.60 -5.77
N MET A 68 -2.17 -3.63 -5.45
CA MET A 68 -1.21 -2.68 -6.00
C MET A 68 -1.16 -2.77 -7.52
N LYS A 69 -1.06 -3.99 -8.03
CA LYS A 69 -1.00 -4.21 -9.47
C LYS A 69 -2.35 -3.92 -10.12
N ALA A 70 -3.43 -4.28 -9.42
CA ALA A 70 -4.78 -4.06 -9.93
C ALA A 70 -4.98 -2.59 -10.28
N LEU A 71 -4.61 -1.71 -9.37
CA LEU A 71 -4.77 -0.27 -9.58
C LEU A 71 -3.58 0.29 -10.36
N ASN A 72 -2.39 -0.24 -10.09
CA ASN A 72 -1.19 0.22 -10.78
C ASN A 72 -1.48 0.54 -12.24
N GLY A 73 -1.76 1.82 -12.50
CA GLY A 73 -2.05 2.24 -13.86
C GLY A 73 -3.49 2.69 -14.03
N LYS A 74 -4.06 3.28 -12.99
CA LYS A 74 -5.43 3.76 -13.03
C LYS A 74 -5.48 5.29 -13.02
N VAL A 75 -6.59 5.83 -13.50
CA VAL A 75 -6.76 7.29 -13.55
C VAL A 75 -7.97 7.72 -12.72
N LEU A 76 -7.72 8.12 -11.48
CA LEU A 76 -8.78 8.57 -10.58
C LEU A 76 -8.98 10.08 -10.66
N ASP A 77 -10.21 10.53 -10.49
CA ASP A 77 -10.52 11.95 -10.54
C ASP A 77 -9.86 12.61 -11.75
N GLY A 78 -9.70 11.83 -12.82
CA GLY A 78 -9.09 12.36 -14.03
C GLY A 78 -7.61 12.64 -13.85
N SER A 79 -6.90 11.71 -13.20
CA SER A 79 -5.48 11.86 -12.96
C SER A 79 -4.81 10.50 -12.78
N PRO A 80 -3.63 10.33 -13.40
CA PRO A 80 -2.87 9.08 -13.32
C PRO A 80 -2.29 8.84 -11.93
N ILE A 81 -2.84 7.86 -11.22
CA ILE A 81 -2.38 7.54 -9.88
C ILE A 81 -1.41 6.36 -9.91
N GLU A 82 -0.38 6.42 -9.07
CA GLU A 82 0.61 5.36 -9.00
C GLU A 82 0.53 4.64 -7.66
N VAL A 83 0.76 3.32 -7.69
CA VAL A 83 0.71 2.51 -6.49
C VAL A 83 2.01 1.73 -6.30
N THR A 84 2.71 2.02 -5.20
CA THR A 84 3.97 1.33 -4.91
C THR A 84 4.01 0.86 -3.46
N LEU A 85 4.99 0.02 -3.14
CA LEU A 85 5.14 -0.51 -1.79
C LEU A 85 5.96 0.44 -0.92
N ALA A 86 5.30 1.02 0.09
CA ALA A 86 5.96 1.95 0.99
C ALA A 86 7.01 1.23 1.83
N LYS A 87 8.16 1.89 2.01
CA LYS A 87 9.25 1.32 2.80
C LYS A 87 8.98 1.47 4.29
N PRO A 88 9.35 0.44 5.06
CA PRO A 88 9.17 0.43 6.52
C PRO A 88 10.09 1.42 7.23
N VAL A 89 9.56 2.08 8.26
CA VAL A 89 10.35 3.04 9.02
C VAL A 89 10.78 2.46 10.36
N ASP A 90 12.02 2.01 10.43
CA ASP A 90 12.57 1.43 11.66
C ASP A 90 13.04 2.53 12.60
N LYS A 91 12.18 3.50 12.86
CA LYS A 91 12.51 4.61 13.75
C LYS A 91 13.21 4.10 15.01
N ASP A 92 14.45 4.53 15.20
CA ASP A 92 15.24 4.12 16.37
C ASP A 92 14.59 4.61 17.65
N SER A 93 14.50 3.72 18.64
CA SER A 93 13.90 4.07 19.92
C SER A 93 14.96 4.19 21.00
N SER A 94 14.88 5.26 21.78
CA SER A 94 15.84 5.51 22.85
C SER A 94 15.15 5.48 24.21
N GLY A 95 15.79 4.82 25.18
CA GLY A 95 15.22 4.74 26.51
C GLY A 95 14.85 3.31 26.89
N PRO A 96 14.96 3.00 28.19
CA PRO A 96 14.64 1.66 28.71
C PRO A 96 13.14 1.36 28.65
N SER A 97 12.70 0.76 27.55
CA SER A 97 11.29 0.42 27.38
C SER A 97 11.13 -0.71 26.37
N SER A 98 10.44 -1.77 26.79
CA SER A 98 10.22 -2.93 25.93
C SER A 98 9.49 -2.51 24.66
N GLY A 99 9.28 -3.48 23.76
CA GLY A 99 8.60 -3.20 22.52
C GLY A 99 9.56 -2.91 21.38
N GLY A 1 3.14 -20.09 -20.77
CA GLY A 1 2.70 -20.40 -19.43
C GLY A 1 3.75 -20.08 -18.38
N SER A 2 3.32 -19.91 -17.14
CA SER A 2 4.22 -19.59 -16.04
C SER A 2 4.53 -20.83 -15.22
N SER A 3 5.67 -21.46 -15.50
CA SER A 3 6.09 -22.66 -14.78
C SER A 3 7.49 -22.49 -14.21
N GLY A 4 7.83 -23.32 -13.24
CA GLY A 4 9.15 -23.24 -12.62
C GLY A 4 9.11 -22.61 -11.25
N SER A 5 8.09 -22.96 -10.46
CA SER A 5 7.93 -22.42 -9.12
C SER A 5 8.04 -23.52 -8.07
N SER A 6 8.53 -23.16 -6.89
CA SER A 6 8.69 -24.12 -5.80
C SER A 6 7.55 -23.99 -4.79
N GLY A 7 7.10 -22.76 -4.58
CA GLY A 7 6.02 -22.52 -3.64
C GLY A 7 6.02 -21.09 -3.12
N ASP A 8 5.43 -20.90 -1.94
CA ASP A 8 5.36 -19.58 -1.32
C ASP A 8 6.49 -19.39 -0.32
N GLU A 9 7.34 -18.40 -0.57
CA GLU A 9 8.47 -18.12 0.32
C GLU A 9 8.00 -17.34 1.54
N ASP A 10 7.55 -18.07 2.55
CA ASP A 10 7.07 -17.44 3.79
C ASP A 10 8.22 -16.74 4.51
N THR A 11 7.87 -15.92 5.50
CA THR A 11 8.87 -15.19 6.26
C THR A 11 8.27 -14.64 7.56
N MET A 12 9.14 -14.34 8.52
CA MET A 12 8.69 -13.80 9.81
C MET A 12 8.30 -12.34 9.68
N SER A 13 9.20 -11.54 9.10
CA SER A 13 8.95 -10.11 8.93
C SER A 13 8.13 -9.86 7.66
N SER A 14 6.82 -9.79 7.82
CA SER A 14 5.92 -9.56 6.69
C SER A 14 5.30 -8.16 6.77
N VAL A 15 5.75 -7.28 5.90
CA VAL A 15 5.24 -5.91 5.86
C VAL A 15 4.52 -5.62 4.54
N LYS A 16 3.33 -5.03 4.63
CA LYS A 16 2.55 -4.70 3.46
C LYS A 16 2.07 -3.25 3.52
N ILE A 17 2.52 -2.45 2.56
CA ILE A 17 2.14 -1.04 2.50
C ILE A 17 2.07 -0.56 1.05
N LEU A 18 1.02 0.20 0.74
CA LEU A 18 0.85 0.74 -0.61
C LEU A 18 0.84 2.26 -0.59
N TYR A 19 1.90 2.86 -1.13
CA TYR A 19 2.01 4.31 -1.18
C TYR A 19 1.48 4.86 -2.49
N VAL A 20 0.53 5.80 -2.41
CA VAL A 20 -0.06 6.41 -3.59
C VAL A 20 0.42 7.85 -3.77
N ARG A 21 0.63 8.24 -5.01
CA ARG A 21 1.08 9.61 -5.31
C ARG A 21 0.29 10.20 -6.46
N ASN A 22 0.26 11.52 -6.55
CA ASN A 22 -0.47 12.21 -7.61
C ASN A 22 -1.98 12.09 -7.40
N LEU A 23 -2.43 12.36 -6.18
CA LEU A 23 -3.85 12.28 -5.85
C LEU A 23 -4.48 13.67 -5.83
N MET A 24 -5.54 13.85 -6.61
CA MET A 24 -6.24 15.13 -6.67
C MET A 24 -6.85 15.49 -5.32
N LEU A 25 -6.52 16.67 -4.81
CA LEU A 25 -7.03 17.13 -3.53
C LEU A 25 -8.55 16.99 -3.48
N SER A 26 -9.18 16.99 -4.65
CA SER A 26 -10.63 16.86 -4.72
C SER A 26 -11.09 15.48 -4.30
N THR A 27 -10.26 14.47 -4.58
CA THR A 27 -10.58 13.10 -4.23
C THR A 27 -10.66 12.93 -2.72
N SER A 28 -11.57 12.05 -2.27
CA SER A 28 -11.75 11.81 -0.85
C SER A 28 -11.31 10.39 -0.49
N GLU A 29 -11.15 10.13 0.81
CA GLU A 29 -10.74 8.83 1.29
C GLU A 29 -11.70 7.73 0.79
N GLU A 30 -12.99 8.00 0.93
CA GLU A 30 -14.00 7.04 0.50
C GLU A 30 -13.68 6.48 -0.87
N MET A 31 -13.13 7.32 -1.74
CA MET A 31 -12.77 6.91 -3.09
C MET A 31 -11.59 5.95 -3.06
N ILE A 32 -10.60 6.25 -2.22
CA ILE A 32 -9.41 5.41 -2.10
C ILE A 32 -9.75 4.08 -1.46
N GLU A 33 -10.61 4.11 -0.45
CA GLU A 33 -11.02 2.89 0.25
C GLU A 33 -11.78 1.95 -0.69
N LYS A 34 -12.70 2.52 -1.47
CA LYS A 34 -13.49 1.74 -2.41
C LYS A 34 -12.64 1.28 -3.59
N GLU A 35 -11.86 2.21 -4.15
CA GLU A 35 -11.01 1.90 -5.28
C GLU A 35 -10.06 0.75 -4.95
N PHE A 36 -9.63 0.68 -3.70
CA PHE A 36 -8.73 -0.37 -3.24
C PHE A 36 -9.50 -1.61 -2.80
N ASN A 37 -10.71 -1.38 -2.28
CA ASN A 37 -11.55 -2.48 -1.82
C ASN A 37 -12.18 -3.23 -2.99
N ASN A 38 -12.36 -2.51 -4.10
CA ASN A 38 -12.96 -3.11 -5.29
C ASN A 38 -12.23 -4.38 -5.69
N ILE A 39 -10.97 -4.50 -5.27
CA ILE A 39 -10.17 -5.68 -5.58
C ILE A 39 -10.53 -6.84 -4.67
N LYS A 40 -10.51 -6.60 -3.37
CA LYS A 40 -10.85 -7.64 -2.39
C LYS A 40 -11.59 -7.04 -1.21
N PRO A 41 -12.68 -7.71 -0.79
CA PRO A 41 -13.50 -7.27 0.34
C PRO A 41 -12.77 -7.42 1.67
N GLY A 42 -12.98 -6.47 2.57
CA GLY A 42 -12.34 -6.52 3.87
C GLY A 42 -10.83 -6.65 3.78
N ALA A 43 -10.27 -6.17 2.67
CA ALA A 43 -8.83 -6.23 2.46
C ALA A 43 -8.14 -4.98 3.00
N VAL A 44 -8.61 -3.82 2.56
CA VAL A 44 -8.03 -2.55 3.00
C VAL A 44 -8.20 -2.37 4.50
N GLU A 45 -7.09 -2.34 5.22
CA GLU A 45 -7.11 -2.17 6.67
C GLU A 45 -7.42 -0.72 7.03
N ARG A 46 -6.58 0.19 6.59
CA ARG A 46 -6.77 1.62 6.87
C ARG A 46 -6.20 2.47 5.74
N VAL A 47 -6.84 3.61 5.49
CA VAL A 47 -6.41 4.53 4.44
C VAL A 47 -5.99 5.87 5.02
N LYS A 48 -4.80 6.33 4.66
CA LYS A 48 -4.29 7.60 5.14
C LYS A 48 -4.11 8.59 3.99
N LYS A 49 -4.99 9.60 3.95
CA LYS A 49 -4.93 10.60 2.90
C LYS A 49 -3.94 11.71 3.28
N ILE A 50 -3.22 12.21 2.28
CA ILE A 50 -2.25 13.28 2.50
C ILE A 50 -2.38 14.37 1.44
N ARG A 51 -1.65 15.47 1.64
CA ARG A 51 -1.68 16.58 0.71
C ARG A 51 -1.95 16.09 -0.71
N ASP A 52 -0.94 15.47 -1.32
CA ASP A 52 -1.07 14.95 -2.68
C ASP A 52 -0.71 13.47 -2.72
N TYR A 53 -0.68 12.83 -1.56
CA TYR A 53 -0.35 11.42 -1.48
C TYR A 53 -1.17 10.73 -0.39
N ALA A 54 -1.02 9.41 -0.29
CA ALA A 54 -1.75 8.64 0.71
C ALA A 54 -1.12 7.25 0.88
N PHE A 55 -1.42 6.62 2.02
CA PHE A 55 -0.89 5.29 2.31
C PHE A 55 -2.02 4.31 2.61
N VAL A 56 -1.89 3.10 2.07
CA VAL A 56 -2.90 2.06 2.28
C VAL A 56 -2.29 0.82 2.90
N HIS A 57 -2.90 0.33 3.98
CA HIS A 57 -2.41 -0.86 4.66
C HIS A 57 -3.32 -2.06 4.38
N PHE A 58 -2.75 -3.25 4.42
CA PHE A 58 -3.50 -4.48 4.17
C PHE A 58 -3.26 -5.50 5.28
N SER A 59 -3.98 -6.61 5.22
CA SER A 59 -3.85 -7.67 6.21
C SER A 59 -2.65 -8.55 5.93
N ASN A 60 -2.42 -8.81 4.64
CA ASN A 60 -1.29 -9.65 4.23
C ASN A 60 -0.70 -9.15 2.91
N ARG A 61 0.58 -9.42 2.70
CA ARG A 61 1.27 -9.00 1.49
C ARG A 61 0.48 -9.41 0.25
N GLU A 62 0.20 -10.71 0.13
CA GLU A 62 -0.55 -11.23 -1.01
C GLU A 62 -1.63 -10.24 -1.46
N ASP A 63 -2.47 -9.84 -0.52
CA ASP A 63 -3.55 -8.90 -0.82
C ASP A 63 -2.98 -7.58 -1.33
N ALA A 64 -2.01 -7.03 -0.60
CA ALA A 64 -1.39 -5.77 -0.99
C ALA A 64 -0.88 -5.83 -2.42
N VAL A 65 -0.13 -6.88 -2.74
CA VAL A 65 0.42 -7.04 -4.09
C VAL A 65 -0.68 -6.97 -5.14
N GLU A 66 -1.76 -7.70 -4.92
CA GLU A 66 -2.89 -7.72 -5.86
C GLU A 66 -3.46 -6.32 -6.03
N ALA A 67 -3.94 -5.74 -4.92
CA ALA A 67 -4.51 -4.40 -4.95
C ALA A 67 -3.54 -3.40 -5.55
N MET A 68 -2.26 -3.76 -5.59
CA MET A 68 -1.23 -2.89 -6.14
C MET A 68 -1.25 -2.92 -7.67
N LYS A 69 -1.09 -4.11 -8.23
CA LYS A 69 -1.09 -4.28 -9.68
C LYS A 69 -2.46 -3.98 -10.26
N ALA A 70 -3.50 -4.21 -9.46
CA ALA A 70 -4.87 -3.97 -9.91
C ALA A 70 -5.09 -2.49 -10.20
N LEU A 71 -4.84 -1.65 -9.21
CA LEU A 71 -5.01 -0.21 -9.36
C LEU A 71 -3.86 0.39 -10.16
N ASN A 72 -2.64 -0.08 -9.90
CA ASN A 72 -1.46 0.41 -10.58
C ASN A 72 -1.76 0.64 -12.07
N GLY A 73 -1.56 1.87 -12.52
CA GLY A 73 -1.81 2.20 -13.91
C GLY A 73 -3.23 2.66 -14.15
N LYS A 74 -3.84 3.24 -13.12
CA LYS A 74 -5.22 3.73 -13.23
C LYS A 74 -5.26 5.24 -13.19
N VAL A 75 -6.37 5.82 -13.64
CA VAL A 75 -6.53 7.27 -13.66
C VAL A 75 -7.78 7.69 -12.89
N LEU A 76 -7.60 8.03 -11.62
CA LEU A 76 -8.71 8.45 -10.78
C LEU A 76 -8.97 9.95 -10.91
N ASP A 77 -10.22 10.35 -10.77
CA ASP A 77 -10.60 11.76 -10.87
C ASP A 77 -9.85 12.43 -12.02
N GLY A 78 -9.73 11.73 -13.14
CA GLY A 78 -9.03 12.28 -14.30
C GLY A 78 -7.59 12.63 -13.98
N SER A 79 -6.89 11.71 -13.32
CA SER A 79 -5.49 11.92 -12.95
C SER A 79 -4.77 10.59 -12.78
N PRO A 80 -3.54 10.52 -13.33
CA PRO A 80 -2.72 9.31 -13.25
C PRO A 80 -2.22 9.03 -11.84
N ILE A 81 -2.73 7.97 -11.23
CA ILE A 81 -2.34 7.61 -9.87
C ILE A 81 -1.35 6.45 -9.89
N GLU A 82 -0.39 6.48 -8.95
CA GLU A 82 0.62 5.43 -8.86
C GLU A 82 0.49 4.66 -7.55
N VAL A 83 0.90 3.40 -7.57
CA VAL A 83 0.83 2.56 -6.38
C VAL A 83 2.07 1.67 -6.26
N THR A 84 2.87 1.92 -5.23
CA THR A 84 4.08 1.15 -5.01
C THR A 84 4.21 0.75 -3.54
N LEU A 85 5.13 -0.17 -3.26
CA LEU A 85 5.36 -0.64 -1.90
C LEU A 85 6.23 0.33 -1.12
N ALA A 86 5.62 1.03 -0.16
CA ALA A 86 6.34 1.99 0.66
C ALA A 86 7.32 1.28 1.60
N LYS A 87 8.52 1.83 1.71
CA LYS A 87 9.56 1.26 2.57
C LYS A 87 9.75 2.11 3.82
N PRO A 88 9.00 1.79 4.89
CA PRO A 88 9.08 2.51 6.16
C PRO A 88 10.39 2.26 6.89
N VAL A 89 11.01 3.33 7.37
CA VAL A 89 12.28 3.22 8.10
C VAL A 89 12.04 2.86 9.56
N ASP A 90 12.92 2.03 10.12
CA ASP A 90 12.81 1.62 11.51
C ASP A 90 14.16 1.14 12.03
N LYS A 91 14.74 1.90 12.95
CA LYS A 91 16.03 1.55 13.54
C LYS A 91 16.03 0.11 14.03
N ASP A 92 14.95 -0.28 14.71
CA ASP A 92 14.83 -1.63 15.23
C ASP A 92 15.12 -2.66 14.15
N SER A 93 16.24 -3.35 14.30
CA SER A 93 16.65 -4.37 13.33
C SER A 93 15.78 -5.61 13.45
N SER A 94 15.10 -5.96 12.35
CA SER A 94 14.23 -7.13 12.34
C SER A 94 14.83 -8.27 13.16
N GLY A 95 14.21 -8.53 14.32
CA GLY A 95 14.70 -9.58 15.18
C GLY A 95 13.79 -9.82 16.37
N PRO A 96 12.73 -10.61 16.16
CA PRO A 96 11.76 -10.93 17.22
C PRO A 96 12.35 -11.83 18.30
N SER A 97 11.68 -11.90 19.45
CA SER A 97 12.14 -12.73 20.56
C SER A 97 11.99 -14.20 20.23
N SER A 98 12.62 -15.05 21.05
CA SER A 98 12.57 -16.49 20.85
C SER A 98 11.12 -16.98 20.88
N GLY A 99 10.93 -18.25 20.48
CA GLY A 99 9.60 -18.82 20.47
C GLY A 99 9.16 -19.25 19.08
N GLY A 1 5.35 0.15 -16.73
CA GLY A 1 6.74 -0.09 -16.41
C GLY A 1 7.00 -1.51 -15.93
N SER A 2 8.10 -2.09 -16.38
CA SER A 2 8.45 -3.45 -16.00
C SER A 2 8.81 -3.53 -14.51
N SER A 3 9.77 -2.70 -14.10
CA SER A 3 10.21 -2.67 -12.71
C SER A 3 9.02 -2.64 -11.75
N GLY A 4 9.22 -3.15 -10.55
CA GLY A 4 8.15 -3.18 -9.56
C GLY A 4 8.64 -3.55 -8.19
N SER A 5 9.10 -4.79 -8.03
CA SER A 5 9.60 -5.27 -6.75
C SER A 5 11.05 -4.85 -6.54
N SER A 6 11.41 -4.57 -5.29
CA SER A 6 12.76 -4.15 -4.95
C SER A 6 13.77 -5.26 -5.28
N GLY A 7 13.25 -6.47 -5.50
CA GLY A 7 14.12 -7.59 -5.82
C GLY A 7 13.95 -8.74 -4.85
N ASP A 8 14.89 -8.87 -3.91
CA ASP A 8 14.85 -9.94 -2.92
C ASP A 8 15.17 -9.39 -1.53
N GLU A 9 14.27 -9.63 -0.59
CA GLU A 9 14.47 -9.16 0.78
C GLU A 9 14.50 -10.34 1.76
N ASP A 10 13.55 -11.26 1.59
CA ASP A 10 13.48 -12.43 2.46
C ASP A 10 13.34 -12.03 3.93
N THR A 11 12.71 -10.88 4.16
CA THR A 11 12.52 -10.37 5.51
C THR A 11 11.55 -11.24 6.29
N MET A 12 11.88 -11.51 7.55
CA MET A 12 11.04 -12.32 8.41
C MET A 12 9.77 -11.56 8.82
N SER A 13 9.89 -10.25 8.92
CA SER A 13 8.77 -9.40 9.31
C SER A 13 7.86 -9.12 8.12
N SER A 14 6.67 -9.70 8.14
CA SER A 14 5.71 -9.52 7.05
C SER A 14 5.16 -8.09 7.05
N VAL A 15 5.62 -7.28 6.10
CA VAL A 15 5.17 -5.90 5.99
C VAL A 15 4.40 -5.67 4.70
N LYS A 16 3.29 -4.95 4.78
CA LYS A 16 2.47 -4.66 3.62
C LYS A 16 1.99 -3.21 3.64
N ILE A 17 2.42 -2.44 2.64
CA ILE A 17 2.04 -1.03 2.54
C ILE A 17 1.94 -0.60 1.08
N LEU A 18 0.92 0.21 0.79
CA LEU A 18 0.72 0.70 -0.57
C LEU A 18 0.76 2.23 -0.60
N TYR A 19 1.79 2.77 -1.24
CA TYR A 19 1.95 4.22 -1.35
C TYR A 19 1.31 4.74 -2.62
N VAL A 20 0.49 5.78 -2.49
CA VAL A 20 -0.20 6.37 -3.64
C VAL A 20 0.27 7.81 -3.85
N ARG A 21 0.57 8.14 -5.11
CA ARG A 21 1.02 9.48 -5.45
C ARG A 21 0.21 10.05 -6.61
N ASN A 22 0.25 11.37 -6.77
CA ASN A 22 -0.47 12.04 -7.85
C ASN A 22 -1.97 12.01 -7.58
N LEU A 23 -2.35 12.13 -6.31
CA LEU A 23 -3.76 12.11 -5.92
C LEU A 23 -4.32 13.53 -5.87
N MET A 24 -5.37 13.77 -6.65
CA MET A 24 -6.01 15.08 -6.70
C MET A 24 -6.46 15.52 -5.30
N LEU A 25 -6.27 16.80 -5.00
CA LEU A 25 -6.66 17.34 -3.70
C LEU A 25 -8.16 17.25 -3.51
N SER A 26 -8.87 16.86 -4.56
CA SER A 26 -10.32 16.73 -4.51
C SER A 26 -10.73 15.28 -4.25
N THR A 27 -9.79 14.47 -3.80
CA THR A 27 -10.05 13.07 -3.51
C THR A 27 -10.29 12.84 -2.03
N SER A 28 -11.17 11.90 -1.72
CA SER A 28 -11.49 11.59 -0.32
C SER A 28 -11.15 10.14 0.00
N GLU A 29 -10.90 9.86 1.27
CA GLU A 29 -10.56 8.52 1.71
C GLU A 29 -11.64 7.52 1.29
N GLU A 30 -12.81 8.03 0.91
CA GLU A 30 -13.91 7.19 0.49
C GLU A 30 -13.65 6.58 -0.88
N MET A 31 -13.58 7.42 -1.90
CA MET A 31 -13.33 6.97 -3.26
C MET A 31 -12.03 6.17 -3.34
N ILE A 32 -11.10 6.49 -2.45
CA ILE A 32 -9.81 5.81 -2.41
C ILE A 32 -9.95 4.42 -1.78
N GLU A 33 -10.65 4.36 -0.65
CA GLU A 33 -10.86 3.09 0.05
C GLU A 33 -11.64 2.11 -0.81
N LYS A 34 -12.69 2.61 -1.45
CA LYS A 34 -13.54 1.78 -2.31
C LYS A 34 -12.74 1.28 -3.52
N GLU A 35 -12.03 2.18 -4.17
CA GLU A 35 -11.23 1.83 -5.34
C GLU A 35 -10.22 0.73 -5.00
N PHE A 36 -9.70 0.78 -3.77
CA PHE A 36 -8.73 -0.21 -3.32
C PHE A 36 -9.42 -1.49 -2.86
N ASN A 37 -10.62 -1.33 -2.31
CA ASN A 37 -11.39 -2.48 -1.83
C ASN A 37 -12.08 -3.20 -2.99
N ASN A 38 -12.14 -2.54 -4.14
CA ASN A 38 -12.77 -3.11 -5.31
C ASN A 38 -12.08 -4.40 -5.73
N ILE A 39 -10.86 -4.60 -5.24
CA ILE A 39 -10.10 -5.79 -5.57
C ILE A 39 -10.54 -6.97 -4.71
N LYS A 40 -10.41 -6.82 -3.39
CA LYS A 40 -10.80 -7.88 -2.46
C LYS A 40 -11.55 -7.30 -1.27
N PRO A 41 -12.66 -7.96 -0.90
CA PRO A 41 -13.49 -7.52 0.23
C PRO A 41 -12.80 -7.71 1.58
N GLY A 42 -12.92 -6.72 2.46
CA GLY A 42 -12.29 -6.81 3.76
C GLY A 42 -10.80 -7.00 3.68
N ALA A 43 -10.16 -6.29 2.74
CA ALA A 43 -8.72 -6.38 2.57
C ALA A 43 -8.01 -5.17 3.18
N VAL A 44 -8.41 -3.98 2.73
CA VAL A 44 -7.82 -2.75 3.23
C VAL A 44 -8.01 -2.61 4.74
N GLU A 45 -6.95 -2.21 5.43
CA GLU A 45 -7.02 -2.03 6.88
C GLU A 45 -7.35 -0.58 7.25
N ARG A 46 -6.54 0.34 6.75
CA ARG A 46 -6.74 1.76 7.03
C ARG A 46 -6.19 2.62 5.89
N VAL A 47 -6.81 3.78 5.67
CA VAL A 47 -6.37 4.68 4.62
C VAL A 47 -6.04 6.06 5.20
N LYS A 48 -4.94 6.63 4.72
CA LYS A 48 -4.50 7.95 5.17
C LYS A 48 -4.26 8.88 3.99
N LYS A 49 -5.14 9.87 3.83
CA LYS A 49 -5.01 10.83 2.74
C LYS A 49 -3.99 11.91 3.09
N ILE A 50 -3.21 12.32 2.10
CA ILE A 50 -2.18 13.34 2.29
C ILE A 50 -2.27 14.41 1.21
N ARG A 51 -1.48 15.47 1.38
CA ARG A 51 -1.46 16.56 0.41
C ARG A 51 -1.83 16.06 -0.99
N ASP A 52 -0.89 15.38 -1.63
CA ASP A 52 -1.11 14.86 -2.97
C ASP A 52 -0.84 13.36 -3.02
N TYR A 53 -0.74 12.74 -1.84
CA TYR A 53 -0.48 11.31 -1.74
C TYR A 53 -1.30 10.68 -0.62
N ALA A 54 -1.27 9.35 -0.55
CA ALA A 54 -2.01 8.63 0.48
C ALA A 54 -1.42 7.24 0.70
N PHE A 55 -1.63 6.69 1.89
CA PHE A 55 -1.12 5.37 2.23
C PHE A 55 -2.27 4.39 2.49
N VAL A 56 -2.05 3.14 2.13
CA VAL A 56 -3.06 2.10 2.33
C VAL A 56 -2.45 0.84 2.93
N HIS A 57 -3.01 0.39 4.04
CA HIS A 57 -2.52 -0.82 4.70
C HIS A 57 -3.37 -2.02 4.35
N PHE A 58 -2.78 -3.21 4.44
CA PHE A 58 -3.50 -4.44 4.12
C PHE A 58 -3.29 -5.48 5.22
N SER A 59 -4.08 -6.55 5.18
CA SER A 59 -3.99 -7.62 6.16
C SER A 59 -2.80 -8.52 5.88
N ASN A 60 -2.48 -8.70 4.60
CA ASN A 60 -1.36 -9.54 4.19
C ASN A 60 -0.70 -8.99 2.93
N ARG A 61 0.58 -9.28 2.76
CA ARG A 61 1.33 -8.82 1.59
C ARG A 61 0.62 -9.23 0.31
N GLU A 62 0.37 -10.54 0.16
CA GLU A 62 -0.29 -11.07 -1.03
C GLU A 62 -1.34 -10.09 -1.53
N ASP A 63 -2.32 -9.79 -0.69
CA ASP A 63 -3.38 -8.86 -1.07
C ASP A 63 -2.81 -7.51 -1.48
N ALA A 64 -1.92 -6.96 -0.66
CA ALA A 64 -1.30 -5.68 -0.95
C ALA A 64 -0.73 -5.65 -2.36
N VAL A 65 0.11 -6.64 -2.69
CA VAL A 65 0.71 -6.72 -4.01
C VAL A 65 -0.35 -6.86 -5.09
N GLU A 66 -1.41 -7.59 -4.79
CA GLU A 66 -2.50 -7.79 -5.75
C GLU A 66 -3.22 -6.48 -6.04
N ALA A 67 -3.58 -5.76 -4.98
CA ALA A 67 -4.28 -4.49 -5.12
C ALA A 67 -3.36 -3.43 -5.76
N MET A 68 -2.06 -3.66 -5.67
CA MET A 68 -1.09 -2.73 -6.23
C MET A 68 -1.10 -2.80 -7.75
N LYS A 69 -0.84 -3.97 -8.30
CA LYS A 69 -0.82 -4.17 -9.74
C LYS A 69 -2.21 -3.96 -10.34
N ALA A 70 -3.24 -4.27 -9.55
CA ALA A 70 -4.61 -4.11 -9.99
C ALA A 70 -4.92 -2.66 -10.35
N LEU A 71 -4.69 -1.77 -9.39
CA LEU A 71 -4.94 -0.35 -9.60
C LEU A 71 -3.80 0.30 -10.39
N ASN A 72 -2.59 -0.23 -10.21
CA ASN A 72 -1.42 0.30 -10.90
C ASN A 72 -1.76 0.64 -12.36
N GLY A 73 -1.67 1.92 -12.69
CA GLY A 73 -1.97 2.36 -14.04
C GLY A 73 -3.42 2.78 -14.21
N LYS A 74 -3.99 3.34 -13.15
CA LYS A 74 -5.39 3.79 -13.18
C LYS A 74 -5.46 5.31 -13.16
N VAL A 75 -6.58 5.85 -13.65
CA VAL A 75 -6.79 7.30 -13.68
C VAL A 75 -7.99 7.70 -12.84
N LEU A 76 -7.73 8.10 -11.60
CA LEU A 76 -8.79 8.52 -10.69
C LEU A 76 -8.97 10.03 -10.73
N ASP A 77 -10.19 10.48 -10.42
CA ASP A 77 -10.50 11.91 -10.42
C ASP A 77 -9.85 12.61 -11.61
N GLY A 78 -9.63 11.85 -12.68
CA GLY A 78 -9.01 12.42 -13.87
C GLY A 78 -7.53 12.68 -13.70
N SER A 79 -6.83 11.73 -13.10
CA SER A 79 -5.40 11.86 -12.87
C SER A 79 -4.73 10.48 -12.78
N PRO A 80 -3.56 10.35 -13.41
CA PRO A 80 -2.79 9.10 -13.42
C PRO A 80 -2.20 8.77 -12.04
N ILE A 81 -2.95 8.01 -11.25
CA ILE A 81 -2.51 7.62 -9.92
C ILE A 81 -1.50 6.48 -9.99
N GLU A 82 -0.53 6.50 -9.09
CA GLU A 82 0.49 5.47 -9.05
C GLU A 82 0.49 4.74 -7.70
N VAL A 83 0.68 3.43 -7.74
CA VAL A 83 0.69 2.61 -6.53
C VAL A 83 1.99 1.82 -6.41
N THR A 84 2.57 1.83 -5.22
CA THR A 84 3.82 1.12 -4.97
C THR A 84 3.88 0.59 -3.55
N LEU A 85 4.94 -0.14 -3.24
CA LEU A 85 5.12 -0.71 -1.90
C LEU A 85 6.00 0.20 -1.04
N ALA A 86 5.37 0.90 -0.10
CA ALA A 86 6.09 1.80 0.79
C ALA A 86 6.93 1.03 1.80
N LYS A 87 8.09 1.56 2.15
CA LYS A 87 8.98 0.91 3.10
C LYS A 87 8.75 1.45 4.51
N PRO A 88 8.87 0.57 5.51
CA PRO A 88 8.68 0.93 6.92
C PRO A 88 9.81 1.82 7.44
N VAL A 89 9.48 2.66 8.42
CA VAL A 89 10.46 3.57 9.01
C VAL A 89 11.15 2.93 10.20
N ASP A 90 12.48 2.81 10.12
CA ASP A 90 13.25 2.21 11.20
C ASP A 90 13.06 2.98 12.51
N LYS A 91 13.11 2.26 13.62
CA LYS A 91 12.94 2.88 14.93
C LYS A 91 14.01 2.38 15.90
N ASP A 92 14.57 3.31 16.67
CA ASP A 92 15.61 2.98 17.64
C ASP A 92 15.01 2.24 18.84
N SER A 93 14.87 0.92 18.71
CA SER A 93 14.31 0.10 19.77
C SER A 93 15.13 0.22 21.05
N SER A 94 14.47 0.55 22.14
CA SER A 94 15.15 0.70 23.43
C SER A 94 14.54 -0.24 24.48
N GLY A 95 15.26 -0.42 25.58
CA GLY A 95 14.77 -1.28 26.64
C GLY A 95 15.50 -2.61 26.68
N PRO A 96 16.67 -2.62 27.34
CA PRO A 96 17.50 -3.83 27.46
C PRO A 96 16.86 -4.87 28.38
N SER A 97 17.29 -6.12 28.23
CA SER A 97 16.76 -7.20 29.05
C SER A 97 17.87 -8.16 29.46
N SER A 98 17.83 -8.61 30.72
CA SER A 98 18.83 -9.53 31.24
C SER A 98 18.92 -10.78 30.37
N GLY A 99 20.12 -11.07 29.89
CA GLY A 99 20.33 -12.25 29.06
C GLY A 99 19.60 -13.47 29.60
N GLY A 1 12.44 -19.20 -0.17
CA GLY A 1 11.83 -20.49 -0.48
C GLY A 1 10.40 -20.57 0.01
N SER A 2 9.63 -19.51 -0.21
CA SER A 2 8.24 -19.47 0.21
C SER A 2 7.34 -18.98 -0.93
N SER A 3 6.03 -19.15 -0.75
CA SER A 3 5.07 -18.73 -1.75
C SER A 3 4.70 -17.25 -1.59
N GLY A 4 4.66 -16.54 -2.70
CA GLY A 4 4.33 -15.13 -2.66
C GLY A 4 5.54 -14.25 -2.41
N SER A 5 6.59 -14.46 -3.21
CA SER A 5 7.82 -13.69 -3.06
C SER A 5 8.37 -13.30 -4.43
N SER A 6 8.53 -12.00 -4.64
CA SER A 6 9.05 -11.49 -5.91
C SER A 6 10.38 -10.75 -5.69
N GLY A 7 10.49 -10.08 -4.56
CA GLY A 7 11.70 -9.34 -4.26
C GLY A 7 11.77 -8.91 -2.81
N ASP A 8 12.25 -9.81 -1.95
CA ASP A 8 12.37 -9.51 -0.53
C ASP A 8 13.75 -8.96 -0.20
N GLU A 9 13.79 -7.97 0.69
CA GLU A 9 15.04 -7.35 1.09
C GLU A 9 15.28 -7.51 2.59
N ASP A 10 15.88 -8.64 2.97
CA ASP A 10 16.15 -8.92 4.37
C ASP A 10 14.94 -8.63 5.24
N THR A 11 13.76 -8.98 4.74
CA THR A 11 12.52 -8.75 5.47
C THR A 11 11.98 -10.05 6.06
N MET A 12 11.92 -10.11 7.39
CA MET A 12 11.44 -11.30 8.08
C MET A 12 9.96 -11.14 8.44
N SER A 13 9.61 -9.98 8.98
CA SER A 13 8.23 -9.70 9.37
C SER A 13 7.39 -9.33 8.16
N SER A 14 6.23 -9.98 8.03
CA SER A 14 5.33 -9.73 6.91
C SER A 14 4.84 -8.28 6.94
N VAL A 15 5.40 -7.46 6.06
CA VAL A 15 5.02 -6.05 5.97
C VAL A 15 4.30 -5.75 4.67
N LYS A 16 3.16 -5.09 4.76
CA LYS A 16 2.37 -4.74 3.58
C LYS A 16 1.97 -3.27 3.61
N ILE A 17 2.45 -2.51 2.63
CA ILE A 17 2.14 -1.09 2.55
C ILE A 17 2.09 -0.63 1.10
N LEU A 18 1.08 0.19 0.78
CA LEU A 18 0.92 0.70 -0.58
C LEU A 18 0.86 2.22 -0.57
N TYR A 19 1.93 2.85 -1.07
CA TYR A 19 2.00 4.31 -1.12
C TYR A 19 1.48 4.83 -2.45
N VAL A 20 0.51 5.75 -2.39
CA VAL A 20 -0.06 6.34 -3.59
C VAL A 20 0.39 7.77 -3.78
N ARG A 21 0.58 8.17 -5.04
CA ARG A 21 1.01 9.53 -5.35
C ARG A 21 0.23 10.09 -6.53
N ASN A 22 0.18 11.41 -6.63
CA ASN A 22 -0.52 12.07 -7.72
C ASN A 22 -2.04 11.96 -7.53
N LEU A 23 -2.51 12.39 -6.36
CA LEU A 23 -3.93 12.34 -6.05
C LEU A 23 -4.52 13.74 -5.98
N MET A 24 -5.67 13.93 -6.61
CA MET A 24 -6.35 15.23 -6.61
C MET A 24 -6.90 15.55 -5.23
N LEU A 25 -6.73 16.80 -4.80
CA LEU A 25 -7.23 17.24 -3.50
C LEU A 25 -8.71 16.94 -3.34
N SER A 26 -9.38 16.71 -4.47
CA SER A 26 -10.81 16.40 -4.46
C SER A 26 -11.05 14.97 -3.98
N THR A 27 -10.11 14.09 -4.28
CA THR A 27 -10.22 12.69 -3.88
C THR A 27 -10.14 12.53 -2.37
N SER A 28 -11.13 11.85 -1.80
CA SER A 28 -11.17 11.64 -0.35
C SER A 28 -10.84 10.18 -0.02
N GLU A 29 -10.39 9.96 1.22
CA GLU A 29 -10.03 8.62 1.67
C GLU A 29 -11.07 7.60 1.22
N GLU A 30 -12.30 8.06 1.04
CA GLU A 30 -13.39 7.19 0.61
C GLU A 30 -13.10 6.58 -0.75
N MET A 31 -12.57 7.41 -1.66
CA MET A 31 -12.24 6.95 -3.01
C MET A 31 -11.14 5.90 -2.97
N ILE A 32 -10.13 6.12 -2.13
CA ILE A 32 -9.02 5.20 -2.01
C ILE A 32 -9.47 3.88 -1.38
N GLU A 33 -10.39 3.97 -0.43
CA GLU A 33 -10.91 2.78 0.25
C GLU A 33 -11.79 1.96 -0.70
N LYS A 34 -12.72 2.63 -1.36
CA LYS A 34 -13.61 1.96 -2.30
C LYS A 34 -12.84 1.36 -3.47
N GLU A 35 -11.94 2.15 -4.04
CA GLU A 35 -11.13 1.69 -5.16
C GLU A 35 -10.30 0.46 -4.77
N PHE A 36 -9.50 0.62 -3.73
CA PHE A 36 -8.65 -0.48 -3.25
C PHE A 36 -9.50 -1.67 -2.80
N ASN A 37 -10.59 -1.37 -2.09
CA ASN A 37 -11.48 -2.41 -1.59
C ASN A 37 -12.09 -3.21 -2.75
N ASN A 38 -12.50 -2.49 -3.80
CA ASN A 38 -13.11 -3.12 -4.96
C ASN A 38 -12.41 -4.44 -5.29
N ILE A 39 -11.07 -4.44 -5.21
CA ILE A 39 -10.29 -5.63 -5.50
C ILE A 39 -10.76 -6.81 -4.65
N LYS A 40 -10.71 -6.65 -3.33
CA LYS A 40 -11.13 -7.70 -2.42
C LYS A 40 -11.87 -7.10 -1.22
N PRO A 41 -12.98 -7.75 -0.83
CA PRO A 41 -13.80 -7.30 0.31
C PRO A 41 -13.10 -7.51 1.64
N GLY A 42 -13.10 -6.47 2.47
CA GLY A 42 -12.46 -6.55 3.77
C GLY A 42 -10.96 -6.80 3.66
N ALA A 43 -10.32 -6.15 2.70
CA ALA A 43 -8.89 -6.30 2.49
C ALA A 43 -8.12 -5.09 3.01
N VAL A 44 -8.63 -3.90 2.70
CA VAL A 44 -8.00 -2.66 3.13
C VAL A 44 -8.19 -2.44 4.62
N GLU A 45 -7.08 -2.41 5.35
CA GLU A 45 -7.13 -2.20 6.80
C GLU A 45 -7.42 -0.74 7.14
N ARG A 46 -6.55 0.15 6.70
CA ARG A 46 -6.71 1.57 6.94
C ARG A 46 -6.19 2.40 5.77
N VAL A 47 -6.75 3.60 5.60
CA VAL A 47 -6.35 4.48 4.52
C VAL A 47 -5.99 5.87 5.05
N LYS A 48 -4.84 6.37 4.63
CA LYS A 48 -4.38 7.69 5.05
C LYS A 48 -4.22 8.63 3.86
N LYS A 49 -5.11 9.61 3.76
CA LYS A 49 -5.06 10.57 2.67
C LYS A 49 -4.12 11.73 3.00
N ILE A 50 -3.42 12.23 1.99
CA ILE A 50 -2.49 13.34 2.18
C ILE A 50 -2.66 14.39 1.08
N ARG A 51 -1.98 15.51 1.25
CA ARG A 51 -2.06 16.60 0.26
C ARG A 51 -2.30 16.05 -1.14
N ASP A 52 -1.29 15.39 -1.70
CA ASP A 52 -1.40 14.81 -3.04
C ASP A 52 -1.05 13.34 -3.02
N TYR A 53 -0.70 12.83 -1.84
CA TYR A 53 -0.34 11.42 -1.69
C TYR A 53 -1.20 10.75 -0.62
N ALA A 54 -0.99 9.45 -0.44
CA ALA A 54 -1.74 8.69 0.55
C ALA A 54 -1.12 7.32 0.80
N PHE A 55 -1.52 6.68 1.89
CA PHE A 55 -0.98 5.37 2.23
C PHE A 55 -2.12 4.36 2.46
N VAL A 56 -1.90 3.12 2.04
CA VAL A 56 -2.89 2.07 2.19
C VAL A 56 -2.29 0.82 2.82
N HIS A 57 -2.85 0.40 3.95
CA HIS A 57 -2.36 -0.79 4.65
C HIS A 57 -3.32 -1.96 4.46
N PHE A 58 -2.76 -3.12 4.14
CA PHE A 58 -3.55 -4.32 3.92
C PHE A 58 -3.37 -5.31 5.07
N SER A 59 -4.12 -6.40 5.02
CA SER A 59 -4.04 -7.42 6.06
C SER A 59 -2.93 -8.43 5.76
N ASN A 60 -2.65 -8.61 4.47
CA ASN A 60 -1.61 -9.55 4.05
C ASN A 60 -0.91 -9.04 2.78
N ARG A 61 0.36 -9.38 2.64
CA ARG A 61 1.14 -8.97 1.47
C ARG A 61 0.42 -9.34 0.19
N GLU A 62 -0.02 -10.59 0.09
CA GLU A 62 -0.72 -11.07 -1.09
C GLU A 62 -1.76 -10.05 -1.56
N ASP A 63 -2.62 -9.62 -0.64
CA ASP A 63 -3.65 -8.65 -0.96
C ASP A 63 -3.04 -7.34 -1.46
N ALA A 64 -2.08 -6.82 -0.70
CA ALA A 64 -1.41 -5.58 -1.06
C ALA A 64 -0.88 -5.63 -2.49
N VAL A 65 -0.16 -6.71 -2.80
CA VAL A 65 0.42 -6.88 -4.12
C VAL A 65 -0.66 -6.76 -5.20
N GLU A 66 -1.71 -7.56 -5.08
CA GLU A 66 -2.80 -7.54 -6.05
C GLU A 66 -3.36 -6.13 -6.21
N ALA A 67 -3.84 -5.55 -5.12
CA ALA A 67 -4.39 -4.21 -5.14
C ALA A 67 -3.39 -3.22 -5.74
N MET A 68 -2.10 -3.50 -5.56
CA MET A 68 -1.05 -2.64 -6.07
C MET A 68 -1.01 -2.68 -7.60
N LYS A 69 -0.84 -3.87 -8.15
CA LYS A 69 -0.78 -4.05 -9.60
C LYS A 69 -2.11 -3.65 -10.25
N ALA A 70 -3.20 -4.21 -9.74
CA ALA A 70 -4.53 -3.91 -10.26
C ALA A 70 -4.70 -2.42 -10.49
N LEU A 71 -4.42 -1.64 -9.45
CA LEU A 71 -4.55 -0.18 -9.54
C LEU A 71 -3.36 0.43 -10.26
N ASN A 72 -2.21 -0.23 -10.17
CA ASN A 72 -0.99 0.25 -10.82
C ASN A 72 -1.26 0.58 -12.28
N GLY A 73 -1.60 1.84 -12.54
CA GLY A 73 -1.87 2.26 -13.91
C GLY A 73 -3.31 2.70 -14.11
N LYS A 74 -3.90 3.25 -13.05
CA LYS A 74 -5.29 3.71 -13.12
C LYS A 74 -5.35 5.24 -13.16
N VAL A 75 -6.50 5.76 -13.56
CA VAL A 75 -6.69 7.20 -13.64
C VAL A 75 -7.91 7.65 -12.84
N LEU A 76 -7.68 8.09 -11.61
CA LEU A 76 -8.76 8.54 -10.74
C LEU A 76 -9.03 10.03 -10.92
N ASP A 77 -10.26 10.44 -10.66
CA ASP A 77 -10.64 11.84 -10.79
C ASP A 77 -9.89 12.50 -11.96
N GLY A 78 -9.69 11.73 -13.03
CA GLY A 78 -8.99 12.27 -14.19
C GLY A 78 -7.54 12.57 -13.90
N SER A 79 -6.85 11.63 -13.26
CA SER A 79 -5.44 11.81 -12.93
C SER A 79 -4.74 10.47 -12.78
N PRO A 80 -3.54 10.36 -13.35
CA PRO A 80 -2.74 9.13 -13.30
C PRO A 80 -2.21 8.84 -11.90
N ILE A 81 -2.80 7.85 -11.24
CA ILE A 81 -2.39 7.47 -9.90
C ILE A 81 -1.37 6.33 -9.93
N GLU A 82 -0.43 6.36 -8.99
CA GLU A 82 0.59 5.33 -8.91
C GLU A 82 0.52 4.58 -7.59
N VAL A 83 0.85 3.29 -7.63
CA VAL A 83 0.82 2.46 -6.43
C VAL A 83 2.12 1.68 -6.26
N THR A 84 2.83 1.93 -5.17
CA THR A 84 4.09 1.26 -4.91
C THR A 84 4.17 0.81 -3.45
N LEU A 85 5.18 0.01 -3.14
CA LEU A 85 5.38 -0.48 -1.78
C LEU A 85 6.20 0.50 -0.96
N ALA A 86 5.52 1.27 -0.10
CA ALA A 86 6.18 2.25 0.75
C ALA A 86 6.97 1.56 1.86
N LYS A 87 8.29 1.69 1.82
CA LYS A 87 9.15 1.09 2.82
C LYS A 87 9.18 1.93 4.09
N PRO A 88 9.24 1.26 5.25
CA PRO A 88 9.27 1.92 6.56
C PRO A 88 10.59 2.66 6.80
N VAL A 89 10.50 3.83 7.42
CA VAL A 89 11.67 4.64 7.71
C VAL A 89 12.07 4.53 9.19
N ASP A 90 13.02 3.66 9.46
CA ASP A 90 13.49 3.46 10.83
C ASP A 90 15.01 3.31 10.86
N LYS A 91 15.65 3.97 11.83
CA LYS A 91 17.10 3.92 11.97
C LYS A 91 17.56 2.50 12.31
N ASP A 92 18.79 2.18 11.95
CA ASP A 92 19.34 0.86 12.21
C ASP A 92 19.63 0.68 13.70
N SER A 93 19.04 -0.36 14.29
CA SER A 93 19.23 -0.64 15.71
C SER A 93 20.54 -1.39 15.94
N SER A 94 21.07 -1.26 17.16
CA SER A 94 22.32 -1.92 17.52
C SER A 94 22.05 -3.19 18.31
N GLY A 95 22.96 -4.15 18.22
CA GLY A 95 22.81 -5.41 18.93
C GLY A 95 23.94 -6.38 18.65
N PRO A 96 23.85 -7.58 19.25
CA PRO A 96 24.87 -8.62 19.07
C PRO A 96 24.87 -9.20 17.67
N SER A 97 26.06 -9.38 17.11
CA SER A 97 26.19 -9.92 15.76
C SER A 97 26.47 -11.43 15.81
N SER A 98 27.53 -11.81 16.53
CA SER A 98 27.90 -13.21 16.66
C SER A 98 27.69 -13.69 18.08
N GLY A 99 26.67 -14.52 18.28
CA GLY A 99 26.38 -15.05 19.60
C GLY A 99 27.12 -16.33 19.88
N GLY A 1 3.27 -8.78 -13.89
CA GLY A 1 4.23 -7.80 -14.38
C GLY A 1 4.70 -6.87 -13.28
N SER A 2 5.92 -6.37 -13.41
CA SER A 2 6.49 -5.46 -12.43
C SER A 2 6.38 -6.04 -11.03
N SER A 3 6.64 -7.34 -10.90
CA SER A 3 6.57 -8.02 -9.62
C SER A 3 7.97 -8.40 -9.12
N GLY A 4 8.48 -7.63 -8.16
CA GLY A 4 9.79 -7.90 -7.62
C GLY A 4 10.81 -6.86 -8.02
N SER A 5 10.53 -5.60 -7.69
CA SER A 5 11.42 -4.50 -8.02
C SER A 5 12.00 -3.87 -6.76
N SER A 6 12.39 -4.71 -5.81
CA SER A 6 12.95 -4.23 -4.54
C SER A 6 14.43 -4.61 -4.43
N GLY A 7 14.77 -5.78 -4.97
CA GLY A 7 16.15 -6.24 -4.92
C GLY A 7 16.50 -6.86 -3.59
N ASP A 8 17.18 -6.10 -2.74
CA ASP A 8 17.59 -6.59 -1.42
C ASP A 8 16.40 -7.22 -0.69
N GLU A 9 16.37 -8.54 -0.64
CA GLU A 9 15.30 -9.26 0.03
C GLU A 9 15.43 -9.15 1.55
N ASP A 10 14.74 -8.17 2.13
CA ASP A 10 14.79 -7.96 3.57
C ASP A 10 14.38 -9.23 4.32
N THR A 11 13.28 -9.84 3.88
CA THR A 11 12.78 -11.06 4.51
C THR A 11 12.92 -10.99 6.03
N MET A 12 12.61 -9.83 6.59
CA MET A 12 12.70 -9.63 8.04
C MET A 12 11.34 -9.84 8.69
N SER A 13 10.30 -9.26 8.10
CA SER A 13 8.95 -9.39 8.63
C SER A 13 7.91 -9.09 7.56
N SER A 14 6.76 -9.74 7.66
CA SER A 14 5.68 -9.54 6.69
C SER A 14 5.14 -8.12 6.77
N VAL A 15 5.58 -7.26 5.86
CA VAL A 15 5.13 -5.88 5.83
C VAL A 15 4.39 -5.58 4.53
N LYS A 16 3.24 -4.92 4.66
CA LYS A 16 2.43 -4.56 3.49
C LYS A 16 2.05 -3.09 3.52
N ILE A 17 2.52 -2.35 2.53
CA ILE A 17 2.23 -0.91 2.44
C ILE A 17 2.15 -0.46 0.99
N LEU A 18 1.08 0.26 0.66
CA LEU A 18 0.89 0.76 -0.69
C LEU A 18 0.87 2.28 -0.71
N TYR A 19 1.90 2.87 -1.32
CA TYR A 19 2.01 4.32 -1.42
C TYR A 19 1.36 4.84 -2.70
N VAL A 20 0.48 5.83 -2.56
CA VAL A 20 -0.20 6.41 -3.70
C VAL A 20 0.18 7.88 -3.88
N ARG A 21 0.58 8.24 -5.10
CA ARG A 21 0.97 9.61 -5.40
C ARG A 21 0.18 10.15 -6.59
N ASN A 22 0.12 11.47 -6.69
CA ASN A 22 -0.61 12.12 -7.78
C ASN A 22 -2.12 11.98 -7.58
N LEU A 23 -2.58 12.34 -6.39
CA LEU A 23 -4.00 12.26 -6.07
C LEU A 23 -4.63 13.66 -6.01
N MET A 24 -5.61 13.90 -6.87
CA MET A 24 -6.29 15.18 -6.91
C MET A 24 -6.84 15.56 -5.53
N LEU A 25 -6.47 16.73 -5.05
CA LEU A 25 -6.92 17.20 -3.74
C LEU A 25 -8.41 16.94 -3.56
N SER A 26 -9.16 16.96 -4.67
CA SER A 26 -10.60 16.72 -4.63
C SER A 26 -10.91 15.35 -4.06
N THR A 27 -10.11 14.36 -4.44
CA THR A 27 -10.30 12.99 -3.97
C THR A 27 -10.18 12.92 -2.45
N SER A 28 -10.81 11.91 -1.86
CA SER A 28 -10.77 11.73 -0.40
C SER A 28 -10.51 10.27 -0.05
N GLU A 29 -10.21 10.02 1.22
CA GLU A 29 -9.92 8.67 1.69
C GLU A 29 -10.98 7.69 1.18
N GLU A 30 -12.24 7.96 1.51
CA GLU A 30 -13.34 7.10 1.09
C GLU A 30 -13.09 6.54 -0.31
N MET A 31 -12.94 7.42 -1.28
CA MET A 31 -12.69 7.01 -2.65
C MET A 31 -11.58 5.96 -2.72
N ILE A 32 -10.45 6.26 -2.09
CA ILE A 32 -9.32 5.35 -2.08
C ILE A 32 -9.71 4.00 -1.47
N GLU A 33 -10.61 4.03 -0.50
CA GLU A 33 -11.07 2.83 0.17
C GLU A 33 -11.83 1.92 -0.81
N LYS A 34 -12.80 2.49 -1.50
CA LYS A 34 -13.59 1.75 -2.46
C LYS A 34 -12.74 1.30 -3.64
N GLU A 35 -11.90 2.20 -4.15
CA GLU A 35 -11.02 1.89 -5.27
C GLU A 35 -10.06 0.76 -4.92
N PHE A 36 -9.74 0.64 -3.64
CA PHE A 36 -8.83 -0.40 -3.17
C PHE A 36 -9.60 -1.61 -2.67
N ASN A 37 -10.86 -1.39 -2.28
CA ASN A 37 -11.71 -2.46 -1.79
C ASN A 37 -12.30 -3.26 -2.93
N ASN A 38 -12.62 -2.58 -4.02
CA ASN A 38 -13.20 -3.23 -5.20
C ASN A 38 -12.49 -4.55 -5.50
N ILE A 39 -11.21 -4.61 -5.13
CA ILE A 39 -10.43 -5.83 -5.35
C ILE A 39 -10.90 -6.96 -4.47
N LYS A 40 -10.70 -6.81 -3.16
CA LYS A 40 -11.12 -7.82 -2.19
C LYS A 40 -11.90 -7.19 -1.05
N PRO A 41 -13.05 -7.81 -0.72
CA PRO A 41 -13.92 -7.33 0.37
C PRO A 41 -13.30 -7.54 1.74
N GLY A 42 -13.13 -6.45 2.49
CA GLY A 42 -12.54 -6.54 3.81
C GLY A 42 -11.06 -6.81 3.77
N ALA A 43 -10.39 -6.29 2.75
CA ALA A 43 -8.95 -6.47 2.61
C ALA A 43 -8.18 -5.24 3.06
N VAL A 44 -8.71 -4.07 2.74
CA VAL A 44 -8.08 -2.81 3.12
C VAL A 44 -8.23 -2.54 4.62
N GLU A 45 -7.12 -2.56 5.34
CA GLU A 45 -7.14 -2.32 6.78
C GLU A 45 -7.54 -0.88 7.08
N ARG A 46 -6.70 0.07 6.67
CA ARG A 46 -6.98 1.48 6.90
C ARG A 46 -6.44 2.33 5.76
N VAL A 47 -6.92 3.56 5.66
CA VAL A 47 -6.49 4.48 4.62
C VAL A 47 -6.16 5.85 5.19
N LYS A 48 -5.07 6.44 4.71
CA LYS A 48 -4.64 7.76 5.18
C LYS A 48 -4.42 8.70 4.00
N LYS A 49 -5.36 9.63 3.80
CA LYS A 49 -5.26 10.59 2.71
C LYS A 49 -4.31 11.72 3.07
N ILE A 50 -3.59 12.22 2.07
CA ILE A 50 -2.64 13.32 2.28
C ILE A 50 -2.80 14.40 1.22
N ARG A 51 -2.10 15.51 1.40
CA ARG A 51 -2.16 16.62 0.46
C ARG A 51 -2.38 16.10 -0.96
N ASP A 52 -1.34 15.50 -1.52
CA ASP A 52 -1.41 14.96 -2.88
C ASP A 52 -1.00 13.50 -2.91
N TYR A 53 -0.96 12.87 -1.73
CA TYR A 53 -0.57 11.48 -1.62
C TYR A 53 -1.40 10.76 -0.56
N ALA A 54 -1.16 9.46 -0.41
CA ALA A 54 -1.89 8.67 0.58
C ALA A 54 -1.23 7.30 0.76
N PHE A 55 -1.60 6.62 1.85
CA PHE A 55 -1.06 5.30 2.14
C PHE A 55 -2.17 4.31 2.46
N VAL A 56 -1.99 3.07 2.01
CA VAL A 56 -2.98 2.02 2.26
C VAL A 56 -2.35 0.82 2.94
N HIS A 57 -2.93 0.43 4.08
CA HIS A 57 -2.42 -0.72 4.84
C HIS A 57 -3.33 -1.92 4.67
N PHE A 58 -2.72 -3.10 4.50
CA PHE A 58 -3.47 -4.33 4.32
C PHE A 58 -3.19 -5.30 5.45
N SER A 59 -3.79 -6.49 5.38
CA SER A 59 -3.61 -7.51 6.40
C SER A 59 -2.58 -8.54 5.96
N ASN A 60 -2.41 -8.68 4.65
CA ASN A 60 -1.45 -9.64 4.10
C ASN A 60 -0.81 -9.09 2.83
N ARG A 61 0.47 -9.40 2.64
CA ARG A 61 1.20 -8.95 1.47
C ARG A 61 0.47 -9.34 0.18
N GLU A 62 0.19 -10.63 0.05
CA GLU A 62 -0.50 -11.14 -1.13
C GLU A 62 -1.53 -10.13 -1.64
N ASP A 63 -2.43 -9.72 -0.75
CA ASP A 63 -3.47 -8.76 -1.10
C ASP A 63 -2.85 -7.43 -1.54
N ALA A 64 -1.96 -6.90 -0.71
CA ALA A 64 -1.31 -5.63 -1.02
C ALA A 64 -0.80 -5.60 -2.46
N VAL A 65 -0.14 -6.68 -2.86
CA VAL A 65 0.40 -6.78 -4.21
C VAL A 65 -0.73 -6.82 -5.24
N GLU A 66 -1.64 -7.76 -5.07
CA GLU A 66 -2.77 -7.91 -5.99
C GLU A 66 -3.46 -6.56 -6.22
N ALA A 67 -3.74 -5.86 -5.12
CA ALA A 67 -4.40 -4.56 -5.20
C ALA A 67 -3.47 -3.51 -5.80
N MET A 68 -2.18 -3.66 -5.54
CA MET A 68 -1.18 -2.72 -6.05
C MET A 68 -1.09 -2.79 -7.57
N LYS A 69 -0.88 -3.99 -8.09
CA LYS A 69 -0.78 -4.19 -9.54
C LYS A 69 -2.11 -3.90 -10.22
N ALA A 70 -3.21 -4.30 -9.59
CA ALA A 70 -4.54 -4.07 -10.13
C ALA A 70 -4.75 -2.60 -10.45
N LEU A 71 -4.52 -1.75 -9.46
CA LEU A 71 -4.70 -0.30 -9.63
C LEU A 71 -3.52 0.29 -10.40
N ASN A 72 -2.33 -0.25 -10.16
CA ASN A 72 -1.12 0.23 -10.82
C ASN A 72 -1.40 0.53 -12.30
N GLY A 73 -1.68 1.79 -12.60
CA GLY A 73 -1.96 2.17 -13.98
C GLY A 73 -3.38 2.65 -14.17
N LYS A 74 -3.94 3.28 -13.15
CA LYS A 74 -5.30 3.78 -13.20
C LYS A 74 -5.32 5.31 -13.14
N VAL A 75 -6.42 5.90 -13.59
CA VAL A 75 -6.56 7.35 -13.58
C VAL A 75 -7.80 7.79 -12.79
N LEU A 76 -7.58 8.28 -11.58
CA LEU A 76 -8.66 8.72 -10.72
C LEU A 76 -8.88 10.23 -10.86
N ASP A 77 -10.12 10.67 -10.66
CA ASP A 77 -10.45 12.09 -10.74
C ASP A 77 -9.76 12.73 -11.94
N GLY A 78 -9.43 11.92 -12.94
CA GLY A 78 -8.76 12.43 -14.12
C GLY A 78 -7.28 12.69 -13.89
N SER A 79 -6.65 11.80 -13.14
CA SER A 79 -5.23 11.94 -12.83
C SER A 79 -4.56 10.58 -12.72
N PRO A 80 -3.37 10.46 -13.35
CA PRO A 80 -2.61 9.20 -13.34
C PRO A 80 -2.04 8.88 -11.96
N ILE A 81 -2.67 7.95 -11.26
CA ILE A 81 -2.24 7.55 -9.93
C ILE A 81 -1.25 6.39 -10.01
N GLU A 82 -0.30 6.36 -9.07
CA GLU A 82 0.70 5.30 -9.04
C GLU A 82 0.68 4.58 -7.69
N VAL A 83 0.85 3.27 -7.73
CA VAL A 83 0.85 2.47 -6.51
C VAL A 83 2.15 1.66 -6.39
N THR A 84 2.86 1.87 -5.28
CA THR A 84 4.11 1.17 -5.05
C THR A 84 4.21 0.71 -3.59
N LEU A 85 5.24 -0.07 -3.29
CA LEU A 85 5.46 -0.58 -1.94
C LEU A 85 6.32 0.39 -1.13
N ALA A 86 5.71 1.04 -0.15
CA ALA A 86 6.42 1.99 0.70
C ALA A 86 7.37 1.26 1.65
N LYS A 87 8.43 1.96 2.06
CA LYS A 87 9.42 1.38 2.97
C LYS A 87 9.13 1.79 4.41
N PRO A 88 9.35 0.86 5.35
CA PRO A 88 9.13 1.11 6.78
C PRO A 88 10.15 2.08 7.36
N VAL A 89 9.76 2.79 8.41
CA VAL A 89 10.64 3.76 9.07
C VAL A 89 11.86 3.06 9.65
N ASP A 90 13.03 3.67 9.44
CA ASP A 90 14.28 3.11 9.95
C ASP A 90 14.76 3.89 11.16
N LYS A 91 15.01 3.17 12.25
CA LYS A 91 15.48 3.79 13.49
C LYS A 91 16.23 2.79 14.35
N ASP A 92 17.49 3.08 14.65
CA ASP A 92 18.31 2.22 15.47
C ASP A 92 18.13 2.52 16.95
N SER A 93 17.09 1.93 17.53
CA SER A 93 16.79 2.14 18.95
C SER A 93 17.72 1.30 19.83
N SER A 94 17.80 1.67 21.10
CA SER A 94 18.65 0.95 22.05
C SER A 94 18.09 -0.43 22.34
N GLY A 95 18.97 -1.34 22.76
CA GLY A 95 18.54 -2.70 23.06
C GLY A 95 17.22 -2.74 23.81
N PRO A 96 16.56 -3.90 23.79
CA PRO A 96 15.27 -4.09 24.46
C PRO A 96 15.41 -4.08 25.98
N SER A 97 16.63 -4.26 26.47
CA SER A 97 16.90 -4.28 27.90
C SER A 97 16.92 -2.87 28.46
N SER A 98 15.97 -2.56 29.33
CA SER A 98 15.89 -1.23 29.93
C SER A 98 16.92 -1.09 31.06
N GLY A 99 17.57 0.07 31.11
CA GLY A 99 18.56 0.32 32.13
C GLY A 99 18.12 1.36 33.14
N GLY A 1 18.74 -5.47 -16.58
CA GLY A 1 17.72 -6.19 -15.84
C GLY A 1 16.44 -5.39 -15.67
N SER A 2 15.31 -6.08 -15.63
CA SER A 2 14.01 -5.43 -15.48
C SER A 2 13.27 -5.97 -14.26
N SER A 3 12.76 -5.05 -13.44
CA SER A 3 12.04 -5.43 -12.23
C SER A 3 12.66 -6.65 -11.58
N GLY A 4 13.99 -6.67 -11.52
CA GLY A 4 14.70 -7.78 -10.92
C GLY A 4 14.81 -7.65 -9.41
N SER A 5 15.42 -6.56 -8.97
CA SER A 5 15.60 -6.32 -7.54
C SER A 5 14.65 -5.24 -7.04
N SER A 6 13.41 -5.65 -6.75
CA SER A 6 12.40 -4.72 -6.26
C SER A 6 12.49 -4.55 -4.75
N GLY A 7 12.84 -5.63 -4.06
CA GLY A 7 12.96 -5.58 -2.62
C GLY A 7 13.28 -6.93 -2.00
N ASP A 8 12.79 -7.17 -0.79
CA ASP A 8 13.03 -8.42 -0.10
C ASP A 8 12.20 -8.51 1.18
N GLU A 9 11.35 -9.51 1.27
CA GLU A 9 10.49 -9.70 2.44
C GLU A 9 10.79 -11.04 3.12
N ASP A 10 10.72 -11.05 4.44
CA ASP A 10 10.97 -12.27 5.21
C ASP A 10 9.67 -12.94 5.62
N THR A 11 9.73 -14.23 5.86
CA THR A 11 8.55 -15.00 6.27
C THR A 11 8.00 -14.48 7.60
N MET A 12 8.86 -14.41 8.60
CA MET A 12 8.46 -13.95 9.93
C MET A 12 8.01 -12.49 9.86
N SER A 13 8.86 -11.63 9.33
CA SER A 13 8.55 -10.21 9.22
C SER A 13 7.80 -9.91 7.93
N SER A 14 6.47 -9.92 8.01
CA SER A 14 5.63 -9.66 6.85
C SER A 14 5.10 -8.23 6.87
N VAL A 15 5.60 -7.41 5.97
CA VAL A 15 5.18 -6.01 5.88
C VAL A 15 4.40 -5.74 4.60
N LYS A 16 3.26 -5.09 4.73
CA LYS A 16 2.42 -4.77 3.57
C LYS A 16 1.99 -3.31 3.60
N ILE A 17 2.42 -2.55 2.59
CA ILE A 17 2.07 -1.14 2.51
C ILE A 17 1.95 -0.69 1.05
N LEU A 18 0.97 0.15 0.78
CA LEU A 18 0.76 0.65 -0.58
C LEU A 18 0.72 2.18 -0.59
N TYR A 19 1.77 2.80 -1.10
CA TYR A 19 1.86 4.25 -1.18
C TYR A 19 1.32 4.76 -2.50
N VAL A 20 0.34 5.66 -2.43
CA VAL A 20 -0.28 6.22 -3.62
C VAL A 20 0.21 7.65 -3.86
N ARG A 21 0.29 8.05 -5.12
CA ARG A 21 0.74 9.38 -5.49
C ARG A 21 -0.11 9.96 -6.62
N ASN A 22 -0.08 11.27 -6.76
CA ASN A 22 -0.85 11.95 -7.80
C ASN A 22 -2.35 11.84 -7.53
N LEU A 23 -2.75 12.24 -6.33
CA LEU A 23 -4.16 12.18 -5.95
C LEU A 23 -4.75 13.59 -5.84
N MET A 24 -5.78 13.84 -6.64
CA MET A 24 -6.44 15.14 -6.64
C MET A 24 -6.90 15.52 -5.24
N LEU A 25 -6.61 16.75 -4.83
CA LEU A 25 -7.00 17.24 -3.51
C LEU A 25 -8.48 16.99 -3.25
N SER A 26 -9.26 16.90 -4.32
CA SER A 26 -10.69 16.67 -4.20
C SER A 26 -10.98 15.24 -3.74
N THR A 27 -10.11 14.31 -4.13
CA THR A 27 -10.27 12.91 -3.75
C THR A 27 -10.11 12.72 -2.24
N SER A 28 -10.94 11.87 -1.67
CA SER A 28 -10.88 11.61 -0.23
C SER A 28 -10.63 10.13 0.04
N GLU A 29 -10.24 9.82 1.27
CA GLU A 29 -9.96 8.44 1.67
C GLU A 29 -11.09 7.51 1.21
N GLU A 30 -12.26 8.08 0.99
CA GLU A 30 -13.41 7.31 0.55
C GLU A 30 -13.19 6.72 -0.84
N MET A 31 -12.68 7.55 -1.75
CA MET A 31 -12.43 7.12 -3.11
C MET A 31 -11.29 6.11 -3.15
N ILE A 32 -10.22 6.39 -2.41
CA ILE A 32 -9.06 5.49 -2.36
C ILE A 32 -9.44 4.16 -1.71
N GLU A 33 -10.27 4.23 -0.68
CA GLU A 33 -10.70 3.02 0.03
C GLU A 33 -11.65 2.19 -0.83
N LYS A 34 -12.76 2.81 -1.25
CA LYS A 34 -13.74 2.13 -2.07
C LYS A 34 -13.08 1.43 -3.25
N GLU A 35 -12.17 2.13 -3.92
CA GLU A 35 -11.47 1.58 -5.07
C GLU A 35 -10.63 0.37 -4.66
N PHE A 36 -9.72 0.57 -3.72
CA PHE A 36 -8.86 -0.50 -3.24
C PHE A 36 -9.69 -1.69 -2.77
N ASN A 37 -10.91 -1.42 -2.32
CA ASN A 37 -11.80 -2.46 -1.84
C ASN A 37 -12.31 -3.32 -2.99
N ASN A 38 -12.72 -2.66 -4.08
CA ASN A 38 -13.23 -3.37 -5.25
C ASN A 38 -12.43 -4.63 -5.50
N ILE A 39 -11.11 -4.55 -5.34
CA ILE A 39 -10.25 -5.70 -5.55
C ILE A 39 -10.67 -6.88 -4.67
N LYS A 40 -10.57 -6.71 -3.36
CA LYS A 40 -10.95 -7.75 -2.42
C LYS A 40 -11.68 -7.17 -1.23
N PRO A 41 -12.82 -7.78 -0.88
CA PRO A 41 -13.64 -7.34 0.26
C PRO A 41 -12.97 -7.59 1.60
N GLY A 42 -13.04 -6.62 2.49
CA GLY A 42 -12.44 -6.77 3.81
C GLY A 42 -10.93 -6.92 3.74
N ALA A 43 -10.32 -6.27 2.76
CA ALA A 43 -8.87 -6.35 2.59
C ALA A 43 -8.19 -5.11 3.15
N VAL A 44 -8.68 -3.93 2.74
CA VAL A 44 -8.11 -2.67 3.20
C VAL A 44 -8.23 -2.54 4.72
N GLU A 45 -7.14 -2.08 5.35
CA GLU A 45 -7.13 -1.91 6.80
C GLU A 45 -7.43 -0.46 7.18
N ARG A 46 -6.54 0.43 6.78
CA ARG A 46 -6.71 1.85 7.08
C ARG A 46 -6.16 2.72 5.96
N VAL A 47 -6.85 3.83 5.67
CA VAL A 47 -6.43 4.73 4.61
C VAL A 47 -6.17 6.13 5.16
N LYS A 48 -5.08 6.75 4.72
CA LYS A 48 -4.72 8.09 5.17
C LYS A 48 -4.42 9.00 3.98
N LYS A 49 -5.31 9.96 3.74
CA LYS A 49 -5.14 10.89 2.63
C LYS A 49 -4.15 11.99 2.99
N ILE A 50 -3.36 12.43 2.01
CA ILE A 50 -2.38 13.47 2.23
C ILE A 50 -2.46 14.54 1.15
N ARG A 51 -1.70 15.62 1.33
CA ARG A 51 -1.69 16.72 0.36
C ARG A 51 -1.99 16.21 -1.05
N ASP A 52 -1.06 15.43 -1.60
CA ASP A 52 -1.24 14.89 -2.94
C ASP A 52 -0.90 13.39 -2.96
N TYR A 53 -0.84 12.79 -1.78
CA TYR A 53 -0.54 11.37 -1.66
C TYR A 53 -1.33 10.73 -0.53
N ALA A 54 -1.25 9.41 -0.42
CA ALA A 54 -1.96 8.67 0.62
C ALA A 54 -1.36 7.29 0.81
N PHE A 55 -1.63 6.70 1.98
CA PHE A 55 -1.11 5.38 2.29
C PHE A 55 -2.26 4.39 2.54
N VAL A 56 -2.02 3.12 2.21
CA VAL A 56 -3.03 2.09 2.39
C VAL A 56 -2.43 0.84 3.01
N HIS A 57 -3.00 0.41 4.13
CA HIS A 57 -2.52 -0.78 4.83
C HIS A 57 -3.40 -1.99 4.52
N PHE A 58 -2.79 -3.17 4.48
CA PHE A 58 -3.52 -4.40 4.19
C PHE A 58 -3.27 -5.45 5.27
N SER A 59 -4.06 -6.50 5.25
CA SER A 59 -3.93 -7.58 6.23
C SER A 59 -2.72 -8.44 5.93
N ASN A 60 -2.49 -8.70 4.64
CA ASN A 60 -1.37 -9.52 4.21
C ASN A 60 -0.77 -8.98 2.91
N ARG A 61 0.52 -9.25 2.70
CA ARG A 61 1.21 -8.80 1.50
C ARG A 61 0.48 -9.24 0.25
N GLU A 62 0.30 -10.56 0.12
CA GLU A 62 -0.39 -11.12 -1.04
C GLU A 62 -1.50 -10.20 -1.52
N ASP A 63 -2.34 -9.77 -0.59
CA ASP A 63 -3.45 -8.87 -0.92
C ASP A 63 -2.93 -7.53 -1.42
N ALA A 64 -2.07 -6.91 -0.64
CA ALA A 64 -1.50 -5.62 -1.01
C ALA A 64 -0.91 -5.66 -2.42
N VAL A 65 -0.03 -6.63 -2.65
CA VAL A 65 0.61 -6.78 -3.96
C VAL A 65 -0.42 -6.84 -5.07
N GLU A 66 -1.48 -7.61 -4.85
CA GLU A 66 -2.55 -7.76 -5.84
C GLU A 66 -3.20 -6.41 -6.13
N ALA A 67 -3.62 -5.73 -5.07
CA ALA A 67 -4.26 -4.42 -5.21
C ALA A 67 -3.28 -3.37 -5.70
N MET A 68 -1.99 -3.70 -5.65
CA MET A 68 -0.95 -2.79 -6.08
C MET A 68 -0.86 -2.76 -7.61
N LYS A 69 -0.56 -3.91 -8.20
CA LYS A 69 -0.46 -4.01 -9.65
C LYS A 69 -1.79 -3.74 -10.32
N ALA A 70 -2.88 -4.19 -9.69
CA ALA A 70 -4.22 -3.98 -10.23
C ALA A 70 -4.45 -2.51 -10.57
N LEU A 71 -4.23 -1.65 -9.58
CA LEU A 71 -4.43 -0.21 -9.77
C LEU A 71 -3.27 0.39 -10.55
N ASN A 72 -2.06 -0.06 -10.25
CA ASN A 72 -0.87 0.43 -10.93
C ASN A 72 -1.16 0.72 -12.40
N GLY A 73 -1.42 1.98 -12.72
CA GLY A 73 -1.70 2.36 -14.09
C GLY A 73 -3.16 2.74 -14.29
N LYS A 74 -3.77 3.35 -13.28
CA LYS A 74 -5.16 3.76 -13.35
C LYS A 74 -5.27 5.28 -13.28
N VAL A 75 -6.43 5.80 -13.66
CA VAL A 75 -6.67 7.24 -13.64
C VAL A 75 -7.91 7.58 -12.81
N LEU A 76 -7.69 8.22 -11.67
CA LEU A 76 -8.77 8.60 -10.78
C LEU A 76 -9.08 10.09 -10.90
N ASP A 77 -10.35 10.44 -10.75
CA ASP A 77 -10.77 11.83 -10.85
C ASP A 77 -10.02 12.55 -11.96
N GLY A 78 -9.64 11.81 -12.99
CA GLY A 78 -8.92 12.39 -14.11
C GLY A 78 -7.47 12.69 -13.78
N SER A 79 -6.79 11.71 -13.18
CA SER A 79 -5.39 11.88 -12.80
C SER A 79 -4.69 10.52 -12.73
N PRO A 80 -3.49 10.46 -13.31
CA PRO A 80 -2.69 9.23 -13.32
C PRO A 80 -2.15 8.87 -11.95
N ILE A 81 -2.87 8.01 -11.24
CA ILE A 81 -2.47 7.58 -9.91
C ILE A 81 -1.46 6.44 -9.98
N GLU A 82 -0.56 6.38 -9.01
CA GLU A 82 0.46 5.34 -8.96
C GLU A 82 0.38 4.56 -7.65
N VAL A 83 0.72 3.28 -7.70
CA VAL A 83 0.70 2.43 -6.52
C VAL A 83 2.00 1.65 -6.36
N THR A 84 2.71 1.90 -5.27
CA THR A 84 3.97 1.23 -5.00
C THR A 84 4.05 0.75 -3.55
N LEU A 85 4.94 -0.20 -3.30
CA LEU A 85 5.11 -0.75 -1.96
C LEU A 85 6.04 0.12 -1.12
N ALA A 86 5.45 0.95 -0.26
CA ALA A 86 6.22 1.83 0.59
C ALA A 86 7.03 1.04 1.61
N LYS A 87 8.34 1.27 1.63
CA LYS A 87 9.24 0.58 2.54
C LYS A 87 9.10 1.14 3.95
N PRO A 88 9.20 0.25 4.96
CA PRO A 88 9.08 0.64 6.37
C PRO A 88 10.29 1.45 6.85
N VAL A 89 10.12 2.13 7.98
CA VAL A 89 11.19 2.95 8.54
C VAL A 89 11.97 2.18 9.59
N ASP A 90 13.29 2.27 9.53
CA ASP A 90 14.16 1.59 10.49
C ASP A 90 14.08 2.25 11.86
N LYS A 91 14.05 1.44 12.91
CA LYS A 91 13.98 1.95 14.27
C LYS A 91 14.16 0.81 15.28
N ASP A 92 15.22 0.90 16.07
CA ASP A 92 15.50 -0.11 17.09
C ASP A 92 15.19 0.41 18.48
N SER A 93 14.06 -0.03 19.04
CA SER A 93 13.64 0.40 20.37
C SER A 93 14.39 -0.37 21.45
N SER A 94 14.76 0.32 22.51
CA SER A 94 15.49 -0.29 23.62
C SER A 94 14.60 -0.43 24.85
N GLY A 95 14.45 -1.65 25.33
CA GLY A 95 13.63 -1.90 26.50
C GLY A 95 13.64 -3.35 26.92
N PRO A 96 13.55 -3.59 28.24
CA PRO A 96 13.56 -4.94 28.81
C PRO A 96 12.27 -5.71 28.48
N SER A 97 12.15 -6.91 29.04
CA SER A 97 10.97 -7.74 28.81
C SER A 97 10.19 -7.93 30.11
N SER A 98 9.19 -7.07 30.31
CA SER A 98 8.36 -7.15 31.52
C SER A 98 6.88 -7.13 31.16
N GLY A 99 6.05 -7.66 32.05
CA GLY A 99 4.62 -7.69 31.81
C GLY A 99 3.94 -6.40 32.21
N GLY A 1 2.44 -3.02 -18.12
CA GLY A 1 1.67 -4.15 -17.62
C GLY A 1 2.32 -4.81 -16.42
N SER A 2 2.81 -6.03 -16.62
CA SER A 2 3.45 -6.77 -15.54
C SER A 2 4.93 -7.01 -15.85
N SER A 3 5.79 -6.44 -15.01
CA SER A 3 7.23 -6.58 -15.20
C SER A 3 7.73 -7.89 -14.58
N GLY A 4 7.48 -8.06 -13.29
CA GLY A 4 7.91 -9.25 -12.59
C GLY A 4 8.38 -8.97 -11.18
N SER A 5 9.20 -9.86 -10.65
CA SER A 5 9.72 -9.70 -9.29
C SER A 5 10.61 -8.48 -9.18
N SER A 6 10.69 -7.91 -7.98
CA SER A 6 11.50 -6.72 -7.75
C SER A 6 12.83 -7.09 -7.09
N GLY A 7 12.80 -8.10 -6.22
CA GLY A 7 14.00 -8.54 -5.54
C GLY A 7 14.26 -7.76 -4.27
N ASP A 8 14.05 -8.40 -3.13
CA ASP A 8 14.27 -7.76 -1.84
C ASP A 8 14.89 -8.73 -0.84
N GLU A 9 15.77 -8.22 0.01
CA GLU A 9 16.43 -9.05 1.01
C GLU A 9 15.41 -9.88 1.80
N ASP A 10 15.73 -11.15 1.99
CA ASP A 10 14.84 -12.05 2.72
C ASP A 10 14.42 -11.43 4.06
N THR A 11 13.24 -10.83 4.07
CA THR A 11 12.73 -10.19 5.28
C THR A 11 11.88 -11.18 6.09
N MET A 12 12.06 -11.15 7.41
CA MET A 12 11.32 -12.04 8.30
C MET A 12 9.96 -11.45 8.64
N SER A 13 9.95 -10.16 9.00
CA SER A 13 8.71 -9.48 9.35
C SER A 13 7.91 -9.13 8.11
N SER A 14 6.79 -9.83 7.92
CA SER A 14 5.93 -9.59 6.77
C SER A 14 5.34 -8.18 6.81
N VAL A 15 5.90 -7.31 5.97
CA VAL A 15 5.42 -5.93 5.90
C VAL A 15 4.64 -5.68 4.62
N LYS A 16 3.47 -5.07 4.76
CA LYS A 16 2.61 -4.77 3.62
C LYS A 16 2.17 -3.32 3.63
N ILE A 17 2.58 -2.56 2.62
CA ILE A 17 2.23 -1.15 2.52
C ILE A 17 2.09 -0.72 1.06
N LEU A 18 1.13 0.14 0.79
CA LEU A 18 0.89 0.64 -0.56
C LEU A 18 0.83 2.17 -0.57
N TYR A 19 1.89 2.79 -1.08
CA TYR A 19 1.94 4.25 -1.15
C TYR A 19 1.41 4.75 -2.50
N VAL A 20 0.47 5.69 -2.43
CA VAL A 20 -0.12 6.26 -3.63
C VAL A 20 0.34 7.69 -3.85
N ARG A 21 0.40 8.11 -5.11
CA ARG A 21 0.81 9.46 -5.46
C ARG A 21 -0.06 10.04 -6.57
N ASN A 22 -0.09 11.37 -6.66
CA ASN A 22 -0.88 12.04 -7.68
C ASN A 22 -2.37 11.93 -7.36
N LEU A 23 -2.75 12.34 -6.15
CA LEU A 23 -4.14 12.29 -5.73
C LEU A 23 -4.75 13.69 -5.69
N MET A 24 -5.70 13.94 -6.58
CA MET A 24 -6.37 15.24 -6.64
C MET A 24 -6.94 15.63 -5.28
N LEU A 25 -6.60 16.83 -4.82
CA LEU A 25 -7.07 17.32 -3.54
C LEU A 25 -8.58 17.13 -3.40
N SER A 26 -9.28 17.18 -4.53
CA SER A 26 -10.73 17.02 -4.54
C SER A 26 -11.12 15.61 -4.08
N THR A 27 -10.27 14.63 -4.40
CA THR A 27 -10.52 13.26 -4.02
C THR A 27 -10.64 13.10 -2.51
N SER A 28 -11.43 12.13 -2.08
CA SER A 28 -11.64 11.89 -0.65
C SER A 28 -11.14 10.50 -0.27
N GLU A 29 -10.88 10.30 1.02
CA GLU A 29 -10.41 9.02 1.52
C GLU A 29 -11.35 7.89 1.10
N GLU A 30 -12.64 8.16 1.20
CA GLU A 30 -13.65 7.17 0.83
C GLU A 30 -13.43 6.66 -0.59
N MET A 31 -12.92 7.53 -1.45
CA MET A 31 -12.64 7.17 -2.84
C MET A 31 -11.46 6.22 -2.94
N ILE A 32 -10.47 6.43 -2.09
CA ILE A 32 -9.27 5.58 -2.08
C ILE A 32 -9.57 4.23 -1.45
N GLU A 33 -10.36 4.24 -0.37
CA GLU A 33 -10.72 3.02 0.34
C GLU A 33 -11.65 2.15 -0.53
N LYS A 34 -12.65 2.78 -1.11
CA LYS A 34 -13.61 2.07 -1.96
C LYS A 34 -12.91 1.46 -3.17
N GLU A 35 -12.10 2.26 -3.85
CA GLU A 35 -11.37 1.79 -5.03
C GLU A 35 -10.52 0.57 -4.69
N PHE A 36 -9.73 0.68 -3.62
CA PHE A 36 -8.87 -0.42 -3.19
C PHE A 36 -9.69 -1.62 -2.74
N ASN A 37 -10.94 -1.36 -2.33
CA ASN A 37 -11.83 -2.41 -1.86
C ASN A 37 -12.36 -3.22 -3.04
N ASN A 38 -12.72 -2.54 -4.12
CA ASN A 38 -13.24 -3.20 -5.32
C ASN A 38 -12.54 -4.53 -5.55
N ILE A 39 -11.20 -4.51 -5.47
CA ILE A 39 -10.41 -5.71 -5.69
C ILE A 39 -10.93 -6.87 -4.85
N LYS A 40 -10.88 -6.72 -3.53
CA LYS A 40 -11.36 -7.76 -2.63
C LYS A 40 -12.07 -7.14 -1.42
N PRO A 41 -13.29 -7.63 -1.13
CA PRO A 41 -14.10 -7.14 -0.01
C PRO A 41 -13.50 -7.54 1.34
N GLY A 42 -13.08 -6.54 2.10
CA GLY A 42 -12.50 -6.82 3.41
C GLY A 42 -11.00 -7.00 3.35
N ALA A 43 -10.34 -6.21 2.52
CA ALA A 43 -8.88 -6.31 2.37
C ALA A 43 -8.21 -5.03 2.86
N VAL A 44 -8.78 -3.88 2.49
CA VAL A 44 -8.23 -2.59 2.88
C VAL A 44 -8.35 -2.39 4.38
N GLU A 45 -7.21 -2.24 5.05
CA GLU A 45 -7.18 -2.04 6.49
C GLU A 45 -7.47 -0.58 6.84
N ARG A 46 -6.55 0.30 6.49
CA ARG A 46 -6.71 1.72 6.77
C ARG A 46 -6.11 2.57 5.64
N VAL A 47 -6.67 3.76 5.44
CA VAL A 47 -6.19 4.66 4.40
C VAL A 47 -5.88 6.05 4.97
N LYS A 48 -4.70 6.55 4.65
CA LYS A 48 -4.28 7.87 5.14
C LYS A 48 -4.09 8.84 3.97
N LYS A 49 -5.04 9.77 3.83
CA LYS A 49 -4.98 10.75 2.76
C LYS A 49 -4.02 11.89 3.12
N ILE A 50 -3.27 12.36 2.13
CA ILE A 50 -2.32 13.44 2.34
C ILE A 50 -2.46 14.51 1.26
N ARG A 51 -1.74 15.61 1.44
CA ARG A 51 -1.79 16.72 0.48
C ARG A 51 -2.01 16.19 -0.93
N ASP A 52 -0.98 15.57 -1.50
CA ASP A 52 -1.06 15.02 -2.85
C ASP A 52 -0.67 13.55 -2.86
N TYR A 53 -0.68 12.93 -1.69
CA TYR A 53 -0.31 11.53 -1.57
C TYR A 53 -1.12 10.85 -0.46
N ALA A 54 -0.91 9.55 -0.29
CA ALA A 54 -1.61 8.78 0.74
C ALA A 54 -1.00 7.40 0.91
N PHE A 55 -1.35 6.73 1.99
CA PHE A 55 -0.83 5.39 2.27
C PHE A 55 -1.98 4.41 2.53
N VAL A 56 -1.78 3.16 2.11
CA VAL A 56 -2.79 2.13 2.29
C VAL A 56 -2.18 0.87 2.92
N HIS A 57 -2.87 0.33 3.91
CA HIS A 57 -2.40 -0.88 4.58
C HIS A 57 -3.35 -2.05 4.33
N PHE A 58 -2.82 -3.26 4.45
CA PHE A 58 -3.61 -4.47 4.23
C PHE A 58 -3.38 -5.49 5.35
N SER A 59 -4.05 -6.62 5.24
CA SER A 59 -3.92 -7.68 6.24
C SER A 59 -2.69 -8.55 5.96
N ASN A 60 -2.40 -8.74 4.68
CA ASN A 60 -1.25 -9.55 4.26
C ASN A 60 -0.65 -9.02 2.97
N ARG A 61 0.64 -9.27 2.78
CA ARG A 61 1.34 -8.82 1.57
C ARG A 61 0.61 -9.29 0.32
N GLU A 62 0.39 -10.60 0.23
CA GLU A 62 -0.29 -11.19 -0.93
C GLU A 62 -1.36 -10.24 -1.46
N ASP A 63 -2.29 -9.85 -0.59
CA ASP A 63 -3.36 -8.94 -0.98
C ASP A 63 -2.80 -7.61 -1.45
N ALA A 64 -1.93 -7.01 -0.64
CA ALA A 64 -1.33 -5.74 -0.97
C ALA A 64 -0.75 -5.75 -2.38
N VAL A 65 0.10 -6.72 -2.66
CA VAL A 65 0.72 -6.85 -3.97
C VAL A 65 -0.33 -6.87 -5.07
N GLU A 66 -1.36 -7.69 -4.89
CA GLU A 66 -2.43 -7.81 -5.86
C GLU A 66 -3.07 -6.45 -6.15
N ALA A 67 -3.58 -5.81 -5.10
CA ALA A 67 -4.20 -4.50 -5.23
C ALA A 67 -3.27 -3.51 -5.91
N MET A 68 -1.97 -3.69 -5.70
CA MET A 68 -0.96 -2.81 -6.28
C MET A 68 -0.91 -2.98 -7.79
N LYS A 69 -0.70 -4.22 -8.23
CA LYS A 69 -0.63 -4.51 -9.67
C LYS A 69 -1.99 -4.34 -10.33
N ALA A 70 -3.04 -4.27 -9.50
CA ALA A 70 -4.39 -4.11 -10.01
C ALA A 70 -4.67 -2.66 -10.38
N LEU A 71 -4.41 -1.75 -9.45
CA LEU A 71 -4.62 -0.33 -9.68
C LEU A 71 -3.44 0.30 -10.41
N ASN A 72 -2.24 -0.19 -10.12
CA ASN A 72 -1.04 0.32 -10.75
C ASN A 72 -1.28 0.62 -12.23
N GLY A 73 -1.50 1.89 -12.54
CA GLY A 73 -1.73 2.29 -13.91
C GLY A 73 -3.18 2.69 -14.15
N LYS A 74 -3.81 3.29 -13.14
CA LYS A 74 -5.20 3.71 -13.25
C LYS A 74 -5.30 5.23 -13.21
N VAL A 75 -6.42 5.75 -13.70
CA VAL A 75 -6.65 7.19 -13.74
C VAL A 75 -7.92 7.56 -12.95
N LEU A 76 -7.75 7.89 -11.68
CA LEU A 76 -8.87 8.26 -10.83
C LEU A 76 -9.09 9.77 -10.85
N ASP A 77 -10.33 10.19 -10.60
CA ASP A 77 -10.67 11.61 -10.58
C ASP A 77 -10.00 12.34 -11.74
N GLY A 78 -9.69 11.60 -12.80
CA GLY A 78 -9.05 12.20 -13.96
C GLY A 78 -7.58 12.49 -13.72
N SER A 79 -6.91 11.59 -13.01
CA SER A 79 -5.50 11.76 -12.71
C SER A 79 -4.79 10.41 -12.65
N PRO A 80 -3.60 10.33 -13.30
CA PRO A 80 -2.81 9.10 -13.34
C PRO A 80 -2.21 8.76 -11.98
N ILE A 81 -2.92 7.95 -11.20
CA ILE A 81 -2.47 7.55 -9.88
C ILE A 81 -1.49 6.37 -9.98
N GLU A 82 -0.55 6.31 -9.05
CA GLU A 82 0.43 5.24 -9.03
C GLU A 82 0.45 4.55 -7.67
N VAL A 83 0.67 3.23 -7.68
CA VAL A 83 0.71 2.46 -6.45
C VAL A 83 2.02 1.69 -6.32
N THR A 84 2.71 1.86 -5.19
CA THR A 84 3.97 1.18 -4.96
C THR A 84 4.05 0.65 -3.54
N LEU A 85 5.08 -0.14 -3.26
CA LEU A 85 5.28 -0.73 -1.94
C LEU A 85 6.20 0.14 -1.09
N ALA A 86 5.61 0.95 -0.21
CA ALA A 86 6.39 1.83 0.66
C ALA A 86 7.24 1.02 1.64
N LYS A 87 8.35 1.60 2.05
CA LYS A 87 9.26 0.94 2.99
C LYS A 87 9.18 1.58 4.37
N PRO A 88 9.27 0.74 5.42
CA PRO A 88 9.22 1.21 6.80
C PRO A 88 10.46 2.00 7.20
N VAL A 89 10.26 3.00 8.05
CA VAL A 89 11.36 3.84 8.51
C VAL A 89 11.68 3.57 9.98
N ASP A 90 12.94 3.23 10.25
CA ASP A 90 13.37 2.94 11.61
C ASP A 90 14.80 3.43 11.84
N LYS A 91 15.24 3.38 13.09
CA LYS A 91 16.60 3.81 13.44
C LYS A 91 17.04 3.18 14.75
N ASP A 92 18.32 2.82 14.83
CA ASP A 92 18.87 2.21 16.03
C ASP A 92 18.32 2.88 17.29
N SER A 93 17.69 2.08 18.14
CA SER A 93 17.12 2.59 19.38
C SER A 93 18.20 2.84 20.43
N SER A 94 17.89 3.71 21.38
CA SER A 94 18.84 4.03 22.45
C SER A 94 18.37 3.46 23.78
N GLY A 95 18.99 2.35 24.19
CA GLY A 95 18.62 1.72 25.44
C GLY A 95 19.83 1.23 26.22
N PRO A 96 19.62 0.26 27.11
CA PRO A 96 20.69 -0.32 27.93
C PRO A 96 21.65 -1.16 27.11
N SER A 97 22.85 -1.37 27.65
CA SER A 97 23.87 -2.16 26.97
C SER A 97 24.37 -1.43 25.73
N SER A 98 24.45 -0.11 25.82
CA SER A 98 24.91 0.71 24.69
C SER A 98 26.36 1.13 24.88
N GLY A 99 27.17 0.95 23.84
CA GLY A 99 28.57 1.33 23.93
C GLY A 99 29.47 0.37 23.17
N GLY A 1 14.44 -28.39 20.69
CA GLY A 1 13.39 -27.58 20.12
C GLY A 1 13.03 -28.00 18.71
N SER A 2 11.89 -27.51 18.22
CA SER A 2 11.44 -27.84 16.87
C SER A 2 12.00 -26.87 15.84
N SER A 3 13.24 -27.09 15.43
CA SER A 3 13.90 -26.22 14.45
C SER A 3 13.11 -26.20 13.14
N GLY A 4 13.25 -25.10 12.41
CA GLY A 4 12.54 -24.97 11.14
C GLY A 4 12.05 -23.56 10.90
N SER A 5 10.92 -23.22 11.52
CA SER A 5 10.33 -21.89 11.36
C SER A 5 10.81 -20.95 12.46
N SER A 6 12.09 -21.05 12.78
CA SER A 6 12.69 -20.21 13.82
C SER A 6 12.62 -18.74 13.43
N GLY A 7 12.77 -18.46 12.14
CA GLY A 7 12.72 -17.10 11.65
C GLY A 7 13.60 -16.88 10.45
N ASP A 8 13.02 -17.01 9.26
CA ASP A 8 13.77 -16.83 8.02
C ASP A 8 14.38 -15.42 7.96
N GLU A 9 15.70 -15.36 8.06
CA GLU A 9 16.40 -14.08 8.01
C GLU A 9 15.89 -13.21 6.86
N ASP A 10 15.75 -13.82 5.69
CA ASP A 10 15.27 -13.11 4.51
C ASP A 10 14.19 -12.11 4.89
N THR A 11 13.12 -12.60 5.53
CA THR A 11 12.02 -11.75 5.94
C THR A 11 11.83 -11.79 7.45
N MET A 12 11.80 -10.61 8.07
CA MET A 12 11.63 -10.51 9.52
C MET A 12 10.15 -10.54 9.89
N SER A 13 9.37 -9.65 9.26
CA SER A 13 7.94 -9.58 9.52
C SER A 13 7.17 -9.23 8.26
N SER A 14 6.08 -9.94 8.01
CA SER A 14 5.26 -9.70 6.82
C SER A 14 4.70 -8.28 6.84
N VAL A 15 5.33 -7.39 6.07
CA VAL A 15 4.90 -6.00 5.98
C VAL A 15 4.15 -5.75 4.68
N LYS A 16 3.06 -5.00 4.78
CA LYS A 16 2.24 -4.66 3.61
C LYS A 16 1.84 -3.20 3.63
N ILE A 17 2.30 -2.45 2.63
CA ILE A 17 1.97 -1.03 2.53
C ILE A 17 1.88 -0.59 1.07
N LEU A 18 0.88 0.22 0.76
CA LEU A 18 0.67 0.71 -0.60
C LEU A 18 0.68 2.24 -0.63
N TYR A 19 1.72 2.81 -1.21
CA TYR A 19 1.83 4.26 -1.31
C TYR A 19 1.22 4.77 -2.61
N VAL A 20 0.41 5.82 -2.49
CA VAL A 20 -0.25 6.41 -3.65
C VAL A 20 0.15 7.88 -3.82
N ARG A 21 0.50 8.25 -5.05
CA ARG A 21 0.91 9.61 -5.35
C ARG A 21 0.13 10.16 -6.55
N ASN A 22 0.12 11.48 -6.70
CA ASN A 22 -0.57 12.12 -7.79
C ASN A 22 -2.08 12.05 -7.61
N LEU A 23 -2.53 12.21 -6.36
CA LEU A 23 -3.95 12.15 -6.04
C LEU A 23 -4.54 13.55 -5.98
N MET A 24 -5.62 13.77 -6.73
CA MET A 24 -6.29 15.06 -6.75
C MET A 24 -6.76 15.47 -5.36
N LEU A 25 -6.46 16.69 -4.96
CA LEU A 25 -6.86 17.20 -3.65
C LEU A 25 -8.34 16.97 -3.40
N SER A 26 -9.14 17.14 -4.44
CA SER A 26 -10.58 16.96 -4.34
C SER A 26 -10.92 15.54 -3.89
N THR A 27 -10.01 14.61 -4.14
CA THR A 27 -10.20 13.22 -3.77
C THR A 27 -10.37 13.08 -2.26
N SER A 28 -11.01 11.99 -1.83
CA SER A 28 -11.24 11.74 -0.42
C SER A 28 -10.90 10.29 -0.07
N GLU A 29 -10.55 10.07 1.20
CA GLU A 29 -10.21 8.73 1.67
C GLU A 29 -11.21 7.70 1.16
N GLU A 30 -12.50 7.98 1.36
CA GLU A 30 -13.55 7.08 0.93
C GLU A 30 -13.27 6.55 -0.48
N MET A 31 -12.81 7.45 -1.36
CA MET A 31 -12.51 7.08 -2.73
C MET A 31 -11.35 6.10 -2.79
N ILE A 32 -10.36 6.31 -1.92
CA ILE A 32 -9.19 5.44 -1.87
C ILE A 32 -9.53 4.09 -1.27
N GLU A 33 -10.45 4.08 -0.31
CA GLU A 33 -10.87 2.85 0.34
C GLU A 33 -11.78 2.04 -0.57
N LYS A 34 -12.78 2.69 -1.14
CA LYS A 34 -13.73 2.03 -2.03
C LYS A 34 -13.00 1.39 -3.21
N GLU A 35 -12.11 2.15 -3.84
CA GLU A 35 -11.35 1.65 -4.97
C GLU A 35 -10.46 0.47 -4.57
N PHE A 36 -9.57 0.71 -3.62
CA PHE A 36 -8.67 -0.32 -3.14
C PHE A 36 -9.45 -1.50 -2.57
N ASN A 37 -10.68 -1.24 -2.15
CA ASN A 37 -11.53 -2.28 -1.58
C ASN A 37 -12.19 -3.11 -2.69
N ASN A 38 -12.57 -2.44 -3.77
CA ASN A 38 -13.21 -3.11 -4.90
C ASN A 38 -12.47 -4.40 -5.26
N ILE A 39 -11.14 -4.32 -5.30
CA ILE A 39 -10.32 -5.48 -5.63
C ILE A 39 -10.70 -6.68 -4.77
N LYS A 40 -10.50 -6.55 -3.46
CA LYS A 40 -10.83 -7.63 -2.53
C LYS A 40 -11.57 -7.08 -1.31
N PRO A 41 -12.73 -7.67 -1.01
CA PRO A 41 -13.55 -7.27 0.14
C PRO A 41 -12.91 -7.62 1.47
N GLY A 42 -12.75 -6.62 2.34
CA GLY A 42 -12.16 -6.84 3.64
C GLY A 42 -10.65 -7.01 3.56
N ALA A 43 -10.02 -6.30 2.63
CA ALA A 43 -8.58 -6.37 2.45
C ALA A 43 -7.90 -5.13 3.00
N VAL A 44 -8.46 -3.96 2.67
CA VAL A 44 -7.91 -2.70 3.14
C VAL A 44 -8.09 -2.53 4.64
N GLU A 45 -6.97 -2.42 5.36
CA GLU A 45 -7.02 -2.26 6.80
C GLU A 45 -7.37 -0.82 7.18
N ARG A 46 -6.52 0.13 6.76
CA ARG A 46 -6.75 1.53 7.04
C ARG A 46 -6.24 2.42 5.91
N VAL A 47 -6.82 3.60 5.78
CA VAL A 47 -6.43 4.54 4.73
C VAL A 47 -6.06 5.90 5.31
N LYS A 48 -5.05 6.54 4.73
CA LYS A 48 -4.61 7.85 5.19
C LYS A 48 -4.36 8.78 4.01
N LYS A 49 -5.24 9.78 3.88
CA LYS A 49 -5.13 10.75 2.79
C LYS A 49 -4.14 11.84 3.14
N ILE A 50 -3.43 12.35 2.13
CA ILE A 50 -2.45 13.40 2.33
C ILE A 50 -2.58 14.49 1.28
N ARG A 51 -1.84 15.58 1.45
CA ARG A 51 -1.87 16.69 0.51
C ARG A 51 -2.13 16.19 -0.91
N ASP A 52 -1.13 15.55 -1.49
CA ASP A 52 -1.25 15.01 -2.85
C ASP A 52 -0.89 13.53 -2.89
N TYR A 53 -0.85 12.91 -1.72
CA TYR A 53 -0.52 11.49 -1.62
C TYR A 53 -1.34 10.81 -0.54
N ALA A 54 -1.18 9.50 -0.41
CA ALA A 54 -1.91 8.73 0.59
C ALA A 54 -1.29 7.34 0.77
N PHE A 55 -1.70 6.65 1.84
CA PHE A 55 -1.19 5.32 2.12
C PHE A 55 -2.33 4.35 2.40
N VAL A 56 -2.17 3.10 1.97
CA VAL A 56 -3.18 2.08 2.17
C VAL A 56 -2.58 0.81 2.76
N HIS A 57 -3.02 0.47 3.96
CA HIS A 57 -2.53 -0.73 4.65
C HIS A 57 -3.41 -1.93 4.37
N PHE A 58 -2.84 -3.12 4.47
CA PHE A 58 -3.58 -4.35 4.22
C PHE A 58 -3.37 -5.35 5.35
N SER A 59 -4.00 -6.51 5.23
CA SER A 59 -3.89 -7.55 6.25
C SER A 59 -2.94 -8.65 5.80
N ASN A 60 -2.75 -8.77 4.49
CA ASN A 60 -1.87 -9.78 3.92
C ASN A 60 -1.11 -9.23 2.71
N ARG A 61 0.20 -9.47 2.68
CA ARG A 61 1.03 -9.00 1.58
C ARG A 61 0.41 -9.38 0.23
N GLU A 62 -0.01 -10.62 0.11
CA GLU A 62 -0.62 -11.11 -1.13
C GLU A 62 -1.66 -10.13 -1.64
N ASP A 63 -2.56 -9.70 -0.76
CA ASP A 63 -3.61 -8.76 -1.13
C ASP A 63 -3.01 -7.43 -1.59
N ALA A 64 -2.22 -6.82 -0.73
CA ALA A 64 -1.59 -5.54 -1.05
C ALA A 64 -0.92 -5.59 -2.41
N VAL A 65 -0.12 -6.63 -2.63
CA VAL A 65 0.58 -6.79 -3.91
C VAL A 65 -0.40 -6.79 -5.07
N GLU A 66 -1.41 -7.64 -5.00
CA GLU A 66 -2.42 -7.74 -6.05
C GLU A 66 -3.09 -6.38 -6.28
N ALA A 67 -3.51 -5.75 -5.19
CA ALA A 67 -4.17 -4.46 -5.27
C ALA A 67 -3.24 -3.40 -5.84
N MET A 68 -1.94 -3.60 -5.67
CA MET A 68 -0.95 -2.67 -6.18
C MET A 68 -0.84 -2.74 -7.69
N LYS A 69 -0.70 -3.96 -8.21
CA LYS A 69 -0.59 -4.18 -9.65
C LYS A 69 -1.92 -3.92 -10.34
N ALA A 70 -3.01 -4.25 -9.67
CA ALA A 70 -4.35 -4.06 -10.21
C ALA A 70 -4.58 -2.59 -10.57
N LEU A 71 -4.43 -1.71 -9.58
CA LEU A 71 -4.62 -0.28 -9.79
C LEU A 71 -3.45 0.32 -10.55
N ASN A 72 -2.26 -0.23 -10.31
CA ASN A 72 -1.06 0.26 -10.97
C ASN A 72 -1.32 0.56 -12.45
N GLY A 73 -1.53 1.82 -12.77
CA GLY A 73 -1.79 2.22 -14.14
C GLY A 73 -3.22 2.65 -14.35
N LYS A 74 -3.84 3.20 -13.31
CA LYS A 74 -5.22 3.66 -13.38
C LYS A 74 -5.29 5.18 -13.36
N VAL A 75 -6.42 5.73 -13.80
CA VAL A 75 -6.60 7.18 -13.83
C VAL A 75 -7.85 7.58 -13.05
N LEU A 76 -7.66 7.92 -11.77
CA LEU A 76 -8.77 8.33 -10.91
C LEU A 76 -9.03 9.82 -11.05
N ASP A 77 -10.27 10.23 -10.77
CA ASP A 77 -10.65 11.63 -10.86
C ASP A 77 -9.91 12.34 -11.98
N GLY A 78 -9.66 11.60 -13.07
CA GLY A 78 -8.95 12.17 -14.21
C GLY A 78 -7.51 12.48 -13.89
N SER A 79 -6.82 11.53 -13.26
CA SER A 79 -5.42 11.71 -12.90
C SER A 79 -4.71 10.35 -12.77
N PRO A 80 -3.52 10.25 -13.38
CA PRO A 80 -2.72 9.03 -13.35
C PRO A 80 -2.16 8.74 -11.97
N ILE A 81 -2.80 7.81 -11.25
CA ILE A 81 -2.36 7.44 -9.91
C ILE A 81 -1.34 6.29 -9.97
N GLU A 82 -0.38 6.32 -9.05
CA GLU A 82 0.65 5.30 -8.99
C GLU A 82 0.64 4.59 -7.63
N VAL A 83 0.77 3.27 -7.66
CA VAL A 83 0.77 2.47 -6.44
C VAL A 83 2.05 1.64 -6.33
N THR A 84 2.79 1.84 -5.24
CA THR A 84 4.03 1.12 -5.00
C THR A 84 4.17 0.73 -3.55
N LEU A 85 5.06 -0.22 -3.27
CA LEU A 85 5.30 -0.68 -1.91
C LEU A 85 6.16 0.32 -1.14
N ALA A 86 5.57 0.93 -0.11
CA ALA A 86 6.28 1.90 0.71
C ALA A 86 7.36 1.22 1.54
N LYS A 87 8.37 2.00 1.93
CA LYS A 87 9.48 1.48 2.73
C LYS A 87 9.48 2.09 4.12
N PRO A 88 8.78 1.42 5.06
CA PRO A 88 8.69 1.87 6.45
C PRO A 88 10.00 1.74 7.19
N VAL A 89 10.39 2.80 7.90
CA VAL A 89 11.63 2.80 8.66
C VAL A 89 11.55 1.84 9.84
N ASP A 90 12.70 1.33 10.26
CA ASP A 90 12.77 0.41 11.39
C ASP A 90 14.21 0.13 11.78
N LYS A 91 14.56 0.46 13.02
CA LYS A 91 15.92 0.25 13.53
C LYS A 91 15.95 -0.89 14.53
N ASP A 92 17.07 -1.61 14.57
CA ASP A 92 17.23 -2.73 15.48
C ASP A 92 18.39 -2.49 16.43
N SER A 93 18.16 -2.71 17.72
CA SER A 93 19.20 -2.52 18.73
C SER A 93 20.16 -3.70 18.75
N SER A 94 21.45 -3.39 18.76
CA SER A 94 22.48 -4.43 18.77
C SER A 94 22.06 -5.61 19.65
N GLY A 95 22.56 -6.79 19.33
CA GLY A 95 22.23 -7.98 20.09
C GLY A 95 22.74 -9.24 19.45
N PRO A 96 24.02 -9.57 19.70
CA PRO A 96 24.66 -10.77 19.14
C PRO A 96 24.11 -12.05 19.76
N SER A 97 23.05 -12.60 19.14
CA SER A 97 22.43 -13.82 19.63
C SER A 97 22.86 -15.02 18.80
N SER A 98 23.05 -16.15 19.45
CA SER A 98 23.46 -17.38 18.76
C SER A 98 22.26 -18.27 18.48
N GLY A 99 22.34 -19.03 17.39
CA GLY A 99 21.26 -19.92 17.03
C GLY A 99 21.49 -21.33 17.50
N GLY A 1 -4.87 -24.81 -2.90
CA GLY A 1 -4.95 -23.54 -3.59
C GLY A 1 -3.81 -22.61 -3.23
N SER A 2 -3.10 -22.12 -4.25
CA SER A 2 -1.98 -21.21 -4.03
C SER A 2 -1.60 -20.50 -5.32
N SER A 3 -1.85 -19.19 -5.36
CA SER A 3 -1.54 -18.39 -6.54
C SER A 3 -0.71 -17.17 -6.16
N GLY A 4 0.27 -16.83 -7.00
CA GLY A 4 1.12 -15.69 -6.75
C GLY A 4 2.57 -16.08 -6.54
N SER A 5 3.28 -15.29 -5.73
CA SER A 5 4.69 -15.56 -5.45
C SER A 5 4.91 -15.83 -3.96
N SER A 6 5.85 -16.71 -3.66
CA SER A 6 6.16 -17.06 -2.27
C SER A 6 7.15 -16.06 -1.68
N GLY A 7 8.05 -15.56 -2.51
CA GLY A 7 9.03 -14.60 -2.05
C GLY A 7 10.43 -15.20 -1.96
N ASP A 8 11.42 -14.45 -2.40
CA ASP A 8 12.81 -14.92 -2.38
C ASP A 8 13.58 -14.25 -1.24
N GLU A 9 13.64 -12.93 -1.25
CA GLU A 9 14.34 -12.18 -0.22
C GLU A 9 13.97 -12.69 1.17
N ASP A 10 14.99 -13.12 1.92
CA ASP A 10 14.77 -13.63 3.26
C ASP A 10 14.09 -12.59 4.14
N THR A 11 12.77 -12.60 4.14
CA THR A 11 11.99 -11.65 4.94
C THR A 11 11.02 -12.37 5.87
N MET A 12 11.30 -12.31 7.16
CA MET A 12 10.46 -12.96 8.16
C MET A 12 9.26 -12.08 8.50
N SER A 13 9.52 -10.79 8.71
CA SER A 13 8.46 -9.85 9.05
C SER A 13 7.62 -9.51 7.83
N SER A 14 6.38 -10.00 7.80
CA SER A 14 5.47 -9.76 6.68
C SER A 14 4.89 -8.36 6.77
N VAL A 15 5.41 -7.45 5.94
CA VAL A 15 4.93 -6.08 5.90
C VAL A 15 4.18 -5.78 4.61
N LYS A 16 3.05 -5.11 4.74
CA LYS A 16 2.22 -4.75 3.59
C LYS A 16 1.83 -3.28 3.63
N ILE A 17 2.28 -2.52 2.65
CA ILE A 17 1.96 -1.10 2.57
C ILE A 17 1.87 -0.63 1.13
N LEU A 18 0.87 0.20 0.84
CA LEU A 18 0.68 0.72 -0.51
C LEU A 18 0.66 2.25 -0.51
N TYR A 19 1.71 2.85 -1.07
CA TYR A 19 1.81 4.30 -1.13
C TYR A 19 1.22 4.83 -2.43
N VAL A 20 0.32 5.80 -2.32
CA VAL A 20 -0.32 6.40 -3.48
C VAL A 20 0.15 7.84 -3.68
N ARG A 21 0.37 8.21 -4.94
CA ARG A 21 0.82 9.57 -5.26
C ARG A 21 0.03 10.13 -6.45
N ASN A 22 0.09 11.44 -6.62
CA ASN A 22 -0.61 12.10 -7.72
C ASN A 22 -2.12 12.01 -7.52
N LEU A 23 -2.58 12.33 -6.32
CA LEU A 23 -4.00 12.28 -6.00
C LEU A 23 -4.59 13.69 -5.96
N MET A 24 -5.77 13.86 -6.53
CA MET A 24 -6.44 15.15 -6.54
C MET A 24 -6.91 15.54 -5.14
N LEU A 25 -6.58 16.75 -4.72
CA LEU A 25 -6.97 17.24 -3.40
C LEU A 25 -8.46 17.03 -3.16
N SER A 26 -9.25 17.17 -4.21
CA SER A 26 -10.70 17.00 -4.12
C SER A 26 -11.05 15.57 -3.73
N THR A 27 -10.16 14.64 -4.07
CA THR A 27 -10.38 13.23 -3.76
C THR A 27 -10.38 12.99 -2.26
N SER A 28 -11.28 12.13 -1.80
CA SER A 28 -11.38 11.81 -0.38
C SER A 28 -10.99 10.36 -0.12
N GLU A 29 -10.80 10.03 1.16
CA GLU A 29 -10.42 8.67 1.55
C GLU A 29 -11.40 7.65 0.97
N GLU A 30 -12.69 7.89 1.16
CA GLU A 30 -13.71 6.99 0.65
C GLU A 30 -13.37 6.50 -0.75
N MET A 31 -12.89 7.42 -1.59
CA MET A 31 -12.52 7.08 -2.96
C MET A 31 -11.33 6.12 -2.98
N ILE A 32 -10.42 6.29 -2.02
CA ILE A 32 -9.23 5.44 -1.93
C ILE A 32 -9.59 4.07 -1.37
N GLU A 33 -10.46 4.05 -0.38
CA GLU A 33 -10.88 2.80 0.24
C GLU A 33 -11.66 1.93 -0.74
N LYS A 34 -12.59 2.56 -1.46
CA LYS A 34 -13.40 1.86 -2.45
C LYS A 34 -12.54 1.33 -3.59
N GLU A 35 -11.71 2.20 -4.14
CA GLU A 35 -10.83 1.81 -5.25
C GLU A 35 -9.95 0.63 -4.85
N PHE A 36 -9.54 0.60 -3.59
CA PHE A 36 -8.69 -0.47 -3.08
C PHE A 36 -9.54 -1.66 -2.61
N ASN A 37 -10.80 -1.38 -2.29
CA ASN A 37 -11.70 -2.42 -1.81
C ASN A 37 -12.42 -3.09 -2.98
N ASN A 38 -12.25 -2.53 -4.17
CA ASN A 38 -12.87 -3.09 -5.37
C ASN A 38 -12.15 -4.35 -5.82
N ILE A 39 -10.92 -4.53 -5.35
CA ILE A 39 -10.12 -5.68 -5.73
C ILE A 39 -10.43 -6.87 -4.82
N LYS A 40 -10.35 -6.64 -3.51
CA LYS A 40 -10.63 -7.70 -2.53
C LYS A 40 -11.41 -7.14 -1.34
N PRO A 41 -12.51 -7.81 -1.00
CA PRO A 41 -13.37 -7.40 0.13
C PRO A 41 -12.70 -7.62 1.47
N GLY A 42 -12.58 -6.55 2.26
CA GLY A 42 -11.96 -6.65 3.56
C GLY A 42 -10.46 -6.81 3.47
N ALA A 43 -9.84 -6.09 2.54
CA ALA A 43 -8.40 -6.17 2.36
C ALA A 43 -7.71 -4.93 2.93
N VAL A 44 -8.29 -3.76 2.66
CA VAL A 44 -7.73 -2.50 3.16
C VAL A 44 -7.95 -2.36 4.66
N GLU A 45 -6.86 -2.20 5.39
CA GLU A 45 -6.92 -2.05 6.84
C GLU A 45 -7.22 -0.60 7.22
N ARG A 46 -6.36 0.31 6.80
CA ARG A 46 -6.54 1.73 7.10
C ARG A 46 -6.05 2.59 5.94
N VAL A 47 -6.64 3.78 5.80
CA VAL A 47 -6.27 4.69 4.73
C VAL A 47 -5.91 6.07 5.30
N LYS A 48 -4.81 6.64 4.80
CA LYS A 48 -4.36 7.95 5.25
C LYS A 48 -4.15 8.89 4.07
N LYS A 49 -5.06 9.83 3.89
CA LYS A 49 -4.98 10.80 2.80
C LYS A 49 -3.98 11.91 3.13
N ILE A 50 -3.30 12.41 2.11
CA ILE A 50 -2.33 13.47 2.29
C ILE A 50 -2.44 14.51 1.18
N ARG A 51 -1.71 15.61 1.34
CA ARG A 51 -1.72 16.69 0.36
C ARG A 51 -1.99 16.14 -1.05
N ASP A 52 -0.99 15.48 -1.61
CA ASP A 52 -1.12 14.92 -2.95
C ASP A 52 -0.74 13.43 -2.95
N TYR A 53 -0.78 12.82 -1.76
CA TYR A 53 -0.44 11.41 -1.63
C TYR A 53 -1.23 10.77 -0.49
N ALA A 54 -1.07 9.47 -0.33
CA ALA A 54 -1.77 8.72 0.71
C ALA A 54 -1.13 7.36 0.95
N PHE A 55 -1.53 6.70 2.03
CA PHE A 55 -1.00 5.39 2.37
C PHE A 55 -2.12 4.40 2.66
N VAL A 56 -1.98 3.18 2.16
CA VAL A 56 -2.98 2.15 2.37
C VAL A 56 -2.36 0.87 2.92
N HIS A 57 -2.84 0.43 4.08
CA HIS A 57 -2.32 -0.78 4.72
C HIS A 57 -3.22 -1.97 4.42
N PHE A 58 -2.65 -3.17 4.50
CA PHE A 58 -3.41 -4.39 4.24
C PHE A 58 -3.21 -5.40 5.36
N SER A 59 -3.86 -6.55 5.24
CA SER A 59 -3.76 -7.60 6.25
C SER A 59 -2.74 -8.66 5.82
N ASN A 60 -2.44 -8.70 4.53
CA ASN A 60 -1.49 -9.67 4.00
C ASN A 60 -0.85 -9.15 2.72
N ARG A 61 0.44 -9.44 2.55
CA ARG A 61 1.17 -8.99 1.37
C ARG A 61 0.43 -9.38 0.09
N GLU A 62 -0.01 -10.63 0.02
CA GLU A 62 -0.74 -11.12 -1.15
C GLU A 62 -1.73 -10.07 -1.65
N ASP A 63 -2.73 -9.77 -0.83
CA ASP A 63 -3.74 -8.78 -1.20
C ASP A 63 -3.09 -7.47 -1.63
N ALA A 64 -2.17 -6.97 -0.81
CA ALA A 64 -1.47 -5.72 -1.10
C ALA A 64 -0.90 -5.74 -2.52
N VAL A 65 -0.28 -6.85 -2.89
CA VAL A 65 0.30 -6.99 -4.21
C VAL A 65 -0.75 -6.87 -5.30
N GLU A 66 -1.86 -7.58 -5.13
CA GLU A 66 -2.95 -7.54 -6.10
C GLU A 66 -3.50 -6.12 -6.25
N ALA A 67 -4.01 -5.57 -5.16
CA ALA A 67 -4.56 -4.22 -5.17
C ALA A 67 -3.55 -3.22 -5.74
N MET A 68 -2.27 -3.52 -5.58
CA MET A 68 -1.22 -2.66 -6.08
C MET A 68 -1.20 -2.64 -7.60
N LYS A 69 -1.11 -3.82 -8.21
CA LYS A 69 -1.08 -3.95 -9.66
C LYS A 69 -2.49 -3.81 -10.23
N ALA A 70 -3.50 -3.93 -9.38
CA ALA A 70 -4.88 -3.82 -9.81
C ALA A 70 -5.26 -2.37 -10.08
N LEU A 71 -4.62 -1.45 -9.36
CA LEU A 71 -4.89 -0.02 -9.52
C LEU A 71 -3.69 0.68 -10.14
N ASN A 72 -2.49 0.15 -9.89
CA ASN A 72 -1.27 0.74 -10.42
C ASN A 72 -1.34 0.86 -11.94
N GLY A 73 -1.52 2.09 -12.42
CA GLY A 73 -1.60 2.32 -13.85
C GLY A 73 -2.97 2.80 -14.29
N LYS A 74 -3.84 3.04 -13.32
CA LYS A 74 -5.19 3.51 -13.60
C LYS A 74 -5.29 5.03 -13.42
N VAL A 75 -6.23 5.64 -14.13
CA VAL A 75 -6.43 7.08 -14.06
C VAL A 75 -7.70 7.42 -13.29
N LEU A 76 -7.54 7.72 -12.00
CA LEU A 76 -8.68 8.06 -11.15
C LEU A 76 -9.04 9.53 -11.30
N ASP A 77 -10.33 9.84 -11.18
CA ASP A 77 -10.81 11.21 -11.30
C ASP A 77 -10.00 11.99 -12.34
N GLY A 78 -9.69 11.32 -13.45
CA GLY A 78 -8.92 11.96 -14.50
C GLY A 78 -7.52 12.30 -14.07
N SER A 79 -6.86 11.37 -13.39
CA SER A 79 -5.50 11.59 -12.91
C SER A 79 -4.76 10.26 -12.74
N PRO A 80 -3.53 10.20 -13.28
CA PRO A 80 -2.69 9.00 -13.21
C PRO A 80 -2.20 8.73 -11.79
N ILE A 81 -2.78 7.71 -11.16
CA ILE A 81 -2.41 7.34 -9.80
C ILE A 81 -1.39 6.21 -9.80
N GLU A 82 -0.42 6.30 -8.90
CA GLU A 82 0.62 5.27 -8.80
C GLU A 82 0.57 4.57 -7.45
N VAL A 83 0.66 3.25 -7.46
CA VAL A 83 0.62 2.46 -6.23
C VAL A 83 1.86 1.58 -6.10
N THR A 84 2.69 1.90 -5.12
CA THR A 84 3.92 1.14 -4.89
C THR A 84 4.02 0.69 -3.44
N LEU A 85 4.92 -0.24 -3.17
CA LEU A 85 5.13 -0.76 -1.83
C LEU A 85 6.04 0.15 -1.02
N ALA A 86 5.44 0.96 -0.14
CA ALA A 86 6.21 1.88 0.69
C ALA A 86 7.08 1.12 1.69
N LYS A 87 8.29 1.63 1.91
CA LYS A 87 9.22 1.01 2.84
C LYS A 87 9.19 1.71 4.19
N PRO A 88 9.21 0.91 5.28
CA PRO A 88 9.19 1.43 6.65
C PRO A 88 10.49 2.14 7.02
N VAL A 89 10.37 3.18 7.84
CA VAL A 89 11.54 3.94 8.28
C VAL A 89 12.16 3.32 9.52
N ASP A 90 13.46 3.59 9.71
CA ASP A 90 14.18 3.05 10.86
C ASP A 90 13.33 3.13 12.13
N LYS A 91 12.92 1.98 12.64
CA LYS A 91 12.10 1.92 13.84
C LYS A 91 12.40 0.66 14.64
N ASP A 92 13.01 0.84 15.81
CA ASP A 92 13.36 -0.28 16.68
C ASP A 92 12.78 -0.09 18.07
N SER A 93 11.88 -0.99 18.46
CA SER A 93 11.24 -0.92 19.77
C SER A 93 12.21 -1.32 20.87
N SER A 94 11.88 -0.95 22.10
CA SER A 94 12.73 -1.26 23.25
C SER A 94 12.33 -2.60 23.87
N GLY A 95 12.35 -3.65 23.05
CA GLY A 95 12.00 -4.96 23.53
C GLY A 95 13.17 -5.93 23.48
N PRO A 96 14.01 -5.89 24.52
CA PRO A 96 15.19 -6.77 24.61
C PRO A 96 14.80 -8.23 24.86
N SER A 97 13.76 -8.44 25.65
CA SER A 97 13.30 -9.79 25.95
C SER A 97 11.96 -9.75 26.69
N SER A 98 11.22 -10.85 26.63
CA SER A 98 9.93 -10.94 27.29
C SER A 98 9.90 -12.08 28.30
N GLY A 99 10.32 -11.77 29.53
CA GLY A 99 10.35 -12.78 30.58
C GLY A 99 9.51 -12.38 31.79
N GLY A 1 -1.70 -38.56 12.64
CA GLY A 1 -1.09 -38.48 11.32
C GLY A 1 0.26 -37.81 11.34
N SER A 2 1.32 -38.59 11.19
CA SER A 2 2.67 -38.05 11.20
C SER A 2 2.91 -37.17 9.97
N SER A 3 3.52 -36.02 10.20
CA SER A 3 3.81 -35.07 9.11
C SER A 3 4.80 -34.01 9.57
N GLY A 4 5.60 -33.52 8.62
CA GLY A 4 6.58 -32.50 8.95
C GLY A 4 6.60 -31.37 7.93
N SER A 5 7.79 -31.01 7.48
CA SER A 5 7.94 -29.93 6.50
C SER A 5 9.20 -30.14 5.66
N SER A 6 9.09 -29.86 4.37
CA SER A 6 10.20 -30.02 3.45
C SER A 6 11.18 -28.85 3.58
N GLY A 7 10.65 -27.67 3.84
CA GLY A 7 11.48 -26.49 3.99
C GLY A 7 10.79 -25.23 3.52
N ASP A 8 9.68 -24.90 4.15
CA ASP A 8 8.92 -23.70 3.78
C ASP A 8 9.62 -22.44 4.29
N GLU A 9 9.95 -21.54 3.36
CA GLU A 9 10.62 -20.30 3.71
C GLU A 9 9.63 -19.14 3.75
N ASP A 10 9.43 -18.59 4.94
CA ASP A 10 8.51 -17.47 5.11
C ASP A 10 9.24 -16.23 5.63
N THR A 11 8.65 -15.06 5.40
CA THR A 11 9.26 -13.81 5.84
C THR A 11 9.05 -13.60 7.34
N MET A 12 10.14 -13.29 8.04
CA MET A 12 10.07 -13.07 9.48
C MET A 12 9.25 -11.83 9.80
N SER A 13 9.39 -10.80 8.97
CA SER A 13 8.66 -9.55 9.17
C SER A 13 7.76 -9.24 7.97
N SER A 14 6.52 -9.69 8.02
CA SER A 14 5.58 -9.48 6.94
C SER A 14 5.06 -8.04 6.95
N VAL A 15 5.57 -7.23 6.04
CA VAL A 15 5.16 -5.82 5.95
C VAL A 15 4.44 -5.55 4.64
N LYS A 16 3.27 -4.94 4.74
CA LYS A 16 2.47 -4.62 3.55
C LYS A 16 2.01 -3.16 3.58
N ILE A 17 2.47 -2.38 2.61
CA ILE A 17 2.11 -0.97 2.54
C ILE A 17 2.04 -0.51 1.09
N LEU A 18 0.97 0.20 0.74
CA LEU A 18 0.79 0.70 -0.62
C LEU A 18 0.75 2.23 -0.63
N TYR A 19 1.81 2.84 -1.16
CA TYR A 19 1.90 4.29 -1.24
C TYR A 19 1.33 4.81 -2.55
N VAL A 20 0.49 5.83 -2.47
CA VAL A 20 -0.12 6.43 -3.66
C VAL A 20 0.28 7.89 -3.81
N ARG A 21 0.53 8.30 -5.05
CA ARG A 21 0.93 9.68 -5.33
C ARG A 21 0.21 10.19 -6.57
N ASN A 22 0.27 11.52 -6.77
CA ASN A 22 -0.38 12.14 -7.91
C ASN A 22 -1.89 12.09 -7.78
N LEU A 23 -2.39 12.40 -6.59
CA LEU A 23 -3.83 12.38 -6.34
C LEU A 23 -4.39 13.80 -6.35
N MET A 24 -5.69 13.90 -6.65
CA MET A 24 -6.35 15.20 -6.70
C MET A 24 -6.80 15.63 -5.31
N LEU A 25 -6.52 16.89 -4.97
CA LEU A 25 -6.89 17.43 -3.67
C LEU A 25 -8.39 17.28 -3.41
N SER A 26 -9.13 16.98 -4.48
CA SER A 26 -10.58 16.81 -4.38
C SER A 26 -10.94 15.36 -4.08
N THR A 27 -9.92 14.55 -3.77
CA THR A 27 -10.13 13.14 -3.46
C THR A 27 -10.08 12.89 -1.96
N SER A 28 -11.03 12.10 -1.47
CA SER A 28 -11.12 11.79 -0.05
C SER A 28 -10.67 10.36 0.21
N GLU A 29 -10.53 10.02 1.49
CA GLU A 29 -10.10 8.68 1.88
C GLU A 29 -11.14 7.64 1.48
N GLU A 30 -12.36 8.11 1.22
CA GLU A 30 -13.45 7.21 0.82
C GLU A 30 -13.21 6.65 -0.58
N MET A 31 -12.80 7.52 -1.49
CA MET A 31 -12.54 7.12 -2.87
C MET A 31 -11.37 6.15 -2.93
N ILE A 32 -10.35 6.40 -2.12
CA ILE A 32 -9.17 5.55 -2.09
C ILE A 32 -9.48 4.19 -1.45
N GLU A 33 -10.28 4.22 -0.39
CA GLU A 33 -10.66 3.00 0.31
C GLU A 33 -11.57 2.13 -0.57
N LYS A 34 -12.62 2.73 -1.11
CA LYS A 34 -13.56 2.02 -1.97
C LYS A 34 -12.83 1.38 -3.15
N GLU A 35 -11.98 2.16 -3.80
CA GLU A 35 -11.23 1.66 -4.95
C GLU A 35 -10.41 0.43 -4.57
N PHE A 36 -9.44 0.62 -3.70
CA PHE A 36 -8.58 -0.47 -3.26
C PHE A 36 -9.41 -1.65 -2.76
N ASN A 37 -10.65 -1.36 -2.37
CA ASN A 37 -11.55 -2.40 -1.87
C ASN A 37 -12.17 -3.18 -3.04
N ASN A 38 -12.60 -2.46 -4.07
CA ASN A 38 -13.21 -3.09 -5.23
C ASN A 38 -12.39 -4.27 -5.70
N ILE A 39 -11.08 -4.22 -5.46
CA ILE A 39 -10.18 -5.29 -5.87
C ILE A 39 -10.33 -6.50 -4.95
N LYS A 40 -10.25 -6.27 -3.64
CA LYS A 40 -10.39 -7.33 -2.66
C LYS A 40 -11.22 -6.88 -1.47
N PRO A 41 -12.41 -7.47 -1.33
CA PRO A 41 -13.33 -7.15 -0.24
C PRO A 41 -12.82 -7.63 1.12
N GLY A 42 -12.74 -6.72 2.08
CA GLY A 42 -12.26 -7.07 3.41
C GLY A 42 -10.76 -7.28 3.45
N ALA A 43 -10.05 -6.58 2.57
CA ALA A 43 -8.59 -6.69 2.51
C ALA A 43 -7.93 -5.43 3.08
N VAL A 44 -8.40 -4.27 2.64
CA VAL A 44 -7.85 -3.00 3.10
C VAL A 44 -8.13 -2.79 4.58
N GLU A 45 -7.10 -2.41 5.33
CA GLU A 45 -7.24 -2.17 6.76
C GLU A 45 -7.61 -0.71 7.03
N ARG A 46 -6.71 0.19 6.66
CA ARG A 46 -6.93 1.62 6.87
C ARG A 46 -6.28 2.44 5.75
N VAL A 47 -6.75 3.66 5.57
CA VAL A 47 -6.22 4.55 4.55
C VAL A 47 -6.07 5.97 5.08
N LYS A 48 -5.01 6.64 4.65
CA LYS A 48 -4.76 8.01 5.08
C LYS A 48 -4.50 8.92 3.87
N LYS A 49 -5.40 9.89 3.67
CA LYS A 49 -5.27 10.82 2.56
C LYS A 49 -4.29 11.94 2.89
N ILE A 50 -3.47 12.31 1.92
CA ILE A 50 -2.49 13.38 2.11
C ILE A 50 -2.58 14.42 1.00
N ARG A 51 -1.84 15.51 1.16
CA ARG A 51 -1.84 16.58 0.17
C ARG A 51 -2.08 16.03 -1.23
N ASP A 52 -1.06 15.40 -1.80
CA ASP A 52 -1.15 14.83 -3.14
C ASP A 52 -0.79 13.35 -3.12
N TYR A 53 -0.85 12.75 -1.94
CA TYR A 53 -0.51 11.33 -1.79
C TYR A 53 -1.36 10.69 -0.69
N ALA A 54 -1.22 9.37 -0.55
CA ALA A 54 -1.97 8.64 0.46
C ALA A 54 -1.37 7.26 0.70
N PHE A 55 -1.80 6.60 1.77
CA PHE A 55 -1.31 5.27 2.09
C PHE A 55 -2.47 4.29 2.29
N VAL A 56 -2.21 3.02 1.99
CA VAL A 56 -3.23 1.98 2.14
C VAL A 56 -2.65 0.72 2.76
N HIS A 57 -3.16 0.35 3.93
CA HIS A 57 -2.69 -0.83 4.63
C HIS A 57 -3.57 -2.03 4.31
N PHE A 58 -3.03 -3.23 4.51
CA PHE A 58 -3.77 -4.46 4.23
C PHE A 58 -3.61 -5.45 5.38
N SER A 59 -4.27 -6.60 5.25
CA SER A 59 -4.21 -7.63 6.28
C SER A 59 -3.14 -8.67 5.95
N ASN A 60 -2.68 -8.66 4.71
CA ASN A 60 -1.66 -9.60 4.26
C ASN A 60 -0.96 -9.09 3.00
N ARG A 61 0.33 -9.38 2.88
CA ARG A 61 1.10 -8.96 1.73
C ARG A 61 0.45 -9.44 0.43
N GLU A 62 -0.03 -10.67 0.44
CA GLU A 62 -0.67 -11.25 -0.74
C GLU A 62 -1.66 -10.26 -1.36
N ASP A 63 -2.64 -9.84 -0.57
CA ASP A 63 -3.64 -8.90 -1.03
C ASP A 63 -3.00 -7.57 -1.46
N ALA A 64 -2.10 -7.06 -0.62
CA ALA A 64 -1.42 -5.82 -0.90
C ALA A 64 -0.81 -5.82 -2.30
N VAL A 65 -0.05 -6.86 -2.61
CA VAL A 65 0.58 -7.00 -3.91
C VAL A 65 -0.46 -6.98 -5.02
N GLU A 66 -1.48 -7.81 -4.88
CA GLU A 66 -2.55 -7.89 -5.88
C GLU A 66 -3.16 -6.52 -6.14
N ALA A 67 -3.66 -5.90 -5.08
CA ALA A 67 -4.28 -4.58 -5.19
C ALA A 67 -3.33 -3.58 -5.83
N MET A 68 -2.04 -3.74 -5.56
CA MET A 68 -1.02 -2.86 -6.13
C MET A 68 -1.05 -2.90 -7.65
N LYS A 69 -0.66 -4.04 -8.21
CA LYS A 69 -0.64 -4.20 -9.66
C LYS A 69 -2.03 -4.04 -10.24
N ALA A 70 -3.05 -4.20 -9.41
CA ALA A 70 -4.43 -4.06 -9.84
C ALA A 70 -4.75 -2.62 -10.24
N LEU A 71 -4.54 -1.71 -9.31
CA LEU A 71 -4.80 -0.29 -9.57
C LEU A 71 -3.65 0.35 -10.35
N ASN A 72 -2.44 -0.17 -10.15
CA ASN A 72 -1.27 0.35 -10.84
C ASN A 72 -1.59 0.67 -12.29
N GLY A 73 -1.58 1.95 -12.63
CA GLY A 73 -1.86 2.36 -13.99
C GLY A 73 -3.31 2.76 -14.18
N LYS A 74 -3.91 3.32 -13.13
CA LYS A 74 -5.31 3.74 -13.18
C LYS A 74 -5.40 5.27 -13.16
N VAL A 75 -6.54 5.79 -13.63
CA VAL A 75 -6.76 7.22 -13.67
C VAL A 75 -7.96 7.62 -12.81
N LEU A 76 -7.70 8.02 -11.58
CA LEU A 76 -8.76 8.42 -10.66
C LEU A 76 -9.00 9.92 -10.73
N ASP A 77 -10.22 10.34 -10.40
CA ASP A 77 -10.59 11.75 -10.42
C ASP A 77 -9.99 12.44 -11.65
N GLY A 78 -9.80 11.67 -12.72
CA GLY A 78 -9.24 12.23 -13.94
C GLY A 78 -7.75 12.53 -13.81
N SER A 79 -7.03 11.62 -13.17
CA SER A 79 -5.59 11.80 -12.98
C SER A 79 -4.89 10.45 -12.83
N PRO A 80 -3.72 10.32 -13.45
CA PRO A 80 -2.93 9.09 -13.41
C PRO A 80 -2.32 8.85 -12.03
N ILE A 81 -2.88 7.88 -11.30
CA ILE A 81 -2.39 7.56 -9.96
C ILE A 81 -1.39 6.42 -10.01
N GLU A 82 -0.47 6.40 -9.06
CA GLU A 82 0.56 5.38 -8.99
C GLU A 82 0.52 4.65 -7.65
N VAL A 83 0.88 3.37 -7.66
CA VAL A 83 0.88 2.56 -6.44
C VAL A 83 2.17 1.77 -6.32
N THR A 84 2.87 1.93 -5.20
CA THR A 84 4.11 1.21 -4.96
C THR A 84 4.22 0.78 -3.51
N LEU A 85 5.15 -0.13 -3.23
CA LEU A 85 5.36 -0.64 -1.89
C LEU A 85 6.23 0.33 -1.07
N ALA A 86 5.59 1.04 -0.14
CA ALA A 86 6.30 1.99 0.70
C ALA A 86 7.19 1.27 1.71
N LYS A 87 8.38 1.81 1.93
CA LYS A 87 9.33 1.23 2.87
C LYS A 87 8.92 1.51 4.31
N PRO A 88 9.03 0.49 5.17
CA PRO A 88 8.68 0.61 6.59
C PRO A 88 9.66 1.49 7.36
N VAL A 89 9.16 2.13 8.42
CA VAL A 89 9.98 3.00 9.24
C VAL A 89 10.73 2.22 10.31
N ASP A 90 12.05 2.34 10.33
CA ASP A 90 12.88 1.64 11.30
C ASP A 90 12.47 2.02 12.73
N LYS A 91 12.23 1.02 13.57
CA LYS A 91 11.84 1.25 14.95
C LYS A 91 12.52 0.26 15.88
N ASP A 92 12.70 0.65 17.14
CA ASP A 92 13.34 -0.21 18.12
C ASP A 92 12.65 -1.57 18.20
N SER A 93 13.40 -2.62 17.89
CA SER A 93 12.85 -3.97 17.91
C SER A 93 13.00 -4.60 19.29
N SER A 94 11.91 -5.17 19.79
CA SER A 94 11.90 -5.80 21.11
C SER A 94 11.28 -7.19 21.04
N GLY A 95 12.12 -8.21 21.16
CA GLY A 95 11.63 -9.58 21.11
C GLY A 95 12.60 -10.56 21.74
N PRO A 96 12.72 -10.50 23.07
CA PRO A 96 13.62 -11.38 23.82
C PRO A 96 13.13 -12.83 23.84
N SER A 97 14.07 -13.76 23.88
CA SER A 97 13.74 -15.19 23.90
C SER A 97 13.73 -15.73 25.32
N SER A 98 12.77 -16.59 25.62
CA SER A 98 12.65 -17.19 26.94
C SER A 98 12.49 -18.70 26.85
N GLY A 99 13.28 -19.42 27.64
CA GLY A 99 13.21 -20.87 27.64
C GLY A 99 14.52 -21.52 27.25
N GLY A 1 7.33 -13.02 -17.27
CA GLY A 1 8.32 -13.36 -16.27
C GLY A 1 9.57 -12.51 -16.39
N SER A 2 10.11 -12.09 -15.25
CA SER A 2 11.32 -11.28 -15.24
C SER A 2 12.58 -12.15 -15.17
N SER A 3 13.69 -11.61 -15.64
CA SER A 3 14.96 -12.33 -15.64
C SER A 3 15.51 -12.46 -14.23
N GLY A 4 15.88 -13.68 -13.85
CA GLY A 4 16.42 -13.91 -12.53
C GLY A 4 15.65 -13.17 -11.45
N SER A 5 16.33 -12.86 -10.35
CA SER A 5 15.71 -12.16 -9.24
C SER A 5 16.70 -11.19 -8.58
N SER A 6 16.18 -10.10 -8.05
CA SER A 6 17.01 -9.09 -7.40
C SER A 6 16.89 -9.20 -5.88
N GLY A 7 15.69 -9.54 -5.41
CA GLY A 7 15.47 -9.66 -3.98
C GLY A 7 15.21 -11.09 -3.56
N ASP A 8 16.22 -11.75 -3.02
CA ASP A 8 16.10 -13.13 -2.57
C ASP A 8 16.62 -13.29 -1.15
N GLU A 9 15.71 -13.29 -0.19
CA GLU A 9 16.07 -13.42 1.21
C GLU A 9 14.90 -13.97 2.03
N ASP A 10 15.15 -14.24 3.31
CA ASP A 10 14.12 -14.76 4.20
C ASP A 10 13.54 -13.65 5.07
N THR A 11 12.42 -13.08 4.62
CA THR A 11 11.76 -12.00 5.36
C THR A 11 10.76 -12.56 6.36
N MET A 12 11.12 -12.52 7.64
CA MET A 12 10.24 -13.01 8.69
C MET A 12 9.26 -11.93 9.14
N SER A 13 9.46 -10.72 8.64
CA SER A 13 8.59 -9.60 8.99
C SER A 13 7.67 -9.24 7.83
N SER A 14 6.59 -10.01 7.67
CA SER A 14 5.64 -9.77 6.59
C SER A 14 5.09 -8.35 6.66
N VAL A 15 5.59 -7.48 5.78
CA VAL A 15 5.16 -6.10 5.73
C VAL A 15 4.41 -5.80 4.44
N LYS A 16 3.24 -5.18 4.56
CA LYS A 16 2.42 -4.83 3.41
C LYS A 16 2.01 -3.36 3.45
N ILE A 17 2.46 -2.60 2.46
CA ILE A 17 2.14 -1.18 2.38
C ILE A 17 2.05 -0.72 0.92
N LEU A 18 1.05 0.12 0.64
CA LEU A 18 0.86 0.64 -0.71
C LEU A 18 0.79 2.16 -0.70
N TYR A 19 1.81 2.80 -1.26
CA TYR A 19 1.85 4.27 -1.31
C TYR A 19 1.28 4.77 -2.63
N VAL A 20 0.33 5.71 -2.53
CA VAL A 20 -0.29 6.29 -3.71
C VAL A 20 0.09 7.75 -3.89
N ARG A 21 0.55 8.10 -5.08
CA ARG A 21 0.96 9.47 -5.39
C ARG A 21 0.14 10.04 -6.52
N ASN A 22 0.13 11.37 -6.64
CA ASN A 22 -0.62 12.05 -7.69
C ASN A 22 -2.12 12.04 -7.37
N LEU A 23 -2.45 12.14 -6.10
CA LEU A 23 -3.85 12.15 -5.66
C LEU A 23 -4.43 13.55 -5.74
N MET A 24 -5.55 13.69 -6.47
CA MET A 24 -6.20 14.98 -6.62
C MET A 24 -6.70 15.49 -5.27
N LEU A 25 -6.43 16.77 -5.01
CA LEU A 25 -6.85 17.39 -3.74
C LEU A 25 -8.36 17.33 -3.59
N SER A 26 -9.06 16.99 -4.67
CA SER A 26 -10.51 16.89 -4.65
C SER A 26 -10.96 15.45 -4.48
N THR A 27 -10.03 14.59 -4.06
CA THR A 27 -10.32 13.18 -3.85
C THR A 27 -10.49 12.87 -2.37
N SER A 28 -11.59 12.19 -2.04
CA SER A 28 -11.87 11.83 -0.65
C SER A 28 -11.43 10.40 -0.36
N GLU A 29 -10.97 10.17 0.87
CA GLU A 29 -10.51 8.84 1.27
C GLU A 29 -11.46 7.75 0.75
N GLU A 30 -12.75 7.96 0.95
CA GLU A 30 -13.76 7.00 0.51
C GLU A 30 -13.43 6.48 -0.89
N MET A 31 -12.94 7.38 -1.75
CA MET A 31 -12.59 7.01 -3.12
C MET A 31 -11.41 6.04 -3.14
N ILE A 32 -10.44 6.27 -2.25
CA ILE A 32 -9.26 5.43 -2.16
C ILE A 32 -9.60 4.07 -1.54
N GLU A 33 -10.53 4.09 -0.58
CA GLU A 33 -10.95 2.86 0.09
C GLU A 33 -11.82 2.01 -0.82
N LYS A 34 -12.79 2.65 -1.47
CA LYS A 34 -13.70 1.95 -2.37
C LYS A 34 -12.93 1.30 -3.52
N GLU A 35 -12.00 2.06 -4.11
CA GLU A 35 -11.19 1.56 -5.21
C GLU A 35 -10.36 0.36 -4.78
N PHE A 36 -9.53 0.55 -3.77
CA PHE A 36 -8.67 -0.51 -3.26
C PHE A 36 -9.50 -1.73 -2.85
N ASN A 37 -10.58 -1.48 -2.12
CA ASN A 37 -11.46 -2.55 -1.67
C ASN A 37 -12.15 -3.22 -2.85
N ASN A 38 -12.27 -2.50 -3.95
CA ASN A 38 -12.90 -3.02 -5.16
C ASN A 38 -12.31 -4.37 -5.55
N ILE A 39 -11.00 -4.50 -5.36
CA ILE A 39 -10.31 -5.74 -5.70
C ILE A 39 -10.76 -6.88 -4.80
N LYS A 40 -10.71 -6.66 -3.49
CA LYS A 40 -11.12 -7.67 -2.53
C LYS A 40 -11.83 -7.03 -1.33
N PRO A 41 -12.97 -7.61 -0.94
CA PRO A 41 -13.77 -7.11 0.19
C PRO A 41 -13.07 -7.33 1.52
N GLY A 42 -13.13 -6.33 2.39
CA GLY A 42 -12.51 -6.44 3.70
C GLY A 42 -11.02 -6.70 3.61
N ALA A 43 -10.35 -6.03 2.68
CA ALA A 43 -8.92 -6.20 2.49
C ALA A 43 -8.16 -4.99 3.02
N VAL A 44 -8.63 -3.80 2.67
CA VAL A 44 -8.00 -2.56 3.11
C VAL A 44 -8.14 -2.36 4.61
N GLU A 45 -7.01 -2.15 5.28
CA GLU A 45 -7.01 -1.95 6.73
C GLU A 45 -7.32 -0.49 7.07
N ARG A 46 -6.46 0.41 6.60
CA ARG A 46 -6.64 1.83 6.87
C ARG A 46 -6.11 2.66 5.70
N VAL A 47 -6.73 3.83 5.50
CA VAL A 47 -6.32 4.73 4.42
C VAL A 47 -6.04 6.13 4.94
N LYS A 48 -4.78 6.52 4.92
CA LYS A 48 -4.38 7.84 5.39
C LYS A 48 -4.15 8.79 4.21
N LYS A 49 -5.05 9.76 4.07
CA LYS A 49 -4.94 10.74 2.99
C LYS A 49 -3.92 11.82 3.33
N ILE A 50 -3.25 12.33 2.31
CA ILE A 50 -2.25 13.38 2.49
C ILE A 50 -2.38 14.46 1.43
N ARG A 51 -1.62 15.55 1.60
CA ARG A 51 -1.66 16.66 0.66
C ARG A 51 -1.96 16.16 -0.75
N ASP A 52 -0.99 15.50 -1.36
CA ASP A 52 -1.15 14.97 -2.71
C ASP A 52 -0.81 13.49 -2.77
N TYR A 53 -0.77 12.85 -1.60
CA TYR A 53 -0.44 11.44 -1.51
C TYR A 53 -1.25 10.75 -0.41
N ALA A 54 -1.10 9.44 -0.29
CA ALA A 54 -1.81 8.67 0.72
C ALA A 54 -1.21 7.27 0.87
N PHE A 55 -1.46 6.65 2.02
CA PHE A 55 -0.95 5.32 2.29
C PHE A 55 -2.09 4.33 2.50
N VAL A 56 -1.88 3.08 2.08
CA VAL A 56 -2.89 2.05 2.23
C VAL A 56 -2.31 0.79 2.86
N HIS A 57 -2.84 0.40 4.01
CA HIS A 57 -2.38 -0.78 4.71
C HIS A 57 -3.27 -1.98 4.42
N PHE A 58 -2.68 -3.17 4.40
CA PHE A 58 -3.43 -4.39 4.12
C PHE A 58 -3.21 -5.41 5.23
N SER A 59 -3.97 -6.51 5.18
CA SER A 59 -3.85 -7.56 6.18
C SER A 59 -2.65 -8.46 5.89
N ASN A 60 -2.45 -8.78 4.61
CA ASN A 60 -1.34 -9.63 4.20
C ASN A 60 -0.65 -9.06 2.97
N ARG A 61 0.50 -9.63 2.62
CA ARG A 61 1.26 -9.19 1.46
C ARG A 61 0.59 -9.64 0.16
N GLU A 62 0.01 -10.83 0.18
CA GLU A 62 -0.66 -11.37 -0.99
C GLU A 62 -1.69 -10.39 -1.53
N ASP A 63 -2.58 -9.92 -0.66
CA ASP A 63 -3.61 -8.97 -1.05
C ASP A 63 -3.01 -7.61 -1.36
N ALA A 64 -2.14 -7.13 -0.48
CA ALA A 64 -1.49 -5.84 -0.66
C ALA A 64 -0.85 -5.74 -2.04
N VAL A 65 -0.09 -6.75 -2.41
CA VAL A 65 0.59 -6.77 -3.71
C VAL A 65 -0.43 -6.85 -4.85
N GLU A 66 -1.32 -7.84 -4.77
CA GLU A 66 -2.34 -8.02 -5.79
C GLU A 66 -3.03 -6.69 -6.12
N ALA A 67 -3.30 -5.90 -5.09
CA ALA A 67 -3.96 -4.61 -5.27
C ALA A 67 -3.02 -3.61 -5.94
N MET A 68 -1.75 -3.64 -5.55
CA MET A 68 -0.75 -2.74 -6.11
C MET A 68 -0.80 -2.77 -7.64
N LYS A 69 -0.68 -3.97 -8.20
CA LYS A 69 -0.71 -4.15 -9.66
C LYS A 69 -2.09 -3.84 -10.21
N ALA A 70 -3.13 -4.31 -9.52
CA ALA A 70 -4.50 -4.07 -9.94
C ALA A 70 -4.75 -2.60 -10.22
N LEU A 71 -4.46 -1.76 -9.23
CA LEU A 71 -4.65 -0.32 -9.38
C LEU A 71 -3.52 0.31 -10.18
N ASN A 72 -2.29 -0.14 -9.93
CA ASN A 72 -1.14 0.38 -10.65
C ASN A 72 -1.47 0.68 -12.10
N GLY A 73 -1.53 1.97 -12.44
CA GLY A 73 -1.85 2.36 -13.80
C GLY A 73 -3.30 2.75 -13.97
N LYS A 74 -3.88 3.34 -12.92
CA LYS A 74 -5.28 3.75 -12.96
C LYS A 74 -5.39 5.26 -12.94
N VAL A 75 -6.42 5.79 -13.60
CA VAL A 75 -6.64 7.24 -13.65
C VAL A 75 -7.93 7.61 -12.93
N LEU A 76 -7.81 8.05 -11.69
CA LEU A 76 -8.97 8.44 -10.89
C LEU A 76 -9.19 9.95 -10.95
N ASP A 77 -10.43 10.37 -10.76
CA ASP A 77 -10.76 11.79 -10.79
C ASP A 77 -10.06 12.49 -11.95
N GLY A 78 -9.72 11.73 -12.98
CA GLY A 78 -9.05 12.29 -14.13
C GLY A 78 -7.59 12.58 -13.86
N SER A 79 -6.94 11.69 -13.11
CA SER A 79 -5.53 11.85 -12.77
C SER A 79 -4.84 10.51 -12.68
N PRO A 80 -3.65 10.40 -13.30
CA PRO A 80 -2.85 9.17 -13.30
C PRO A 80 -2.27 8.86 -11.93
N ILE A 81 -3.00 8.07 -11.14
CA ILE A 81 -2.55 7.69 -9.81
C ILE A 81 -1.54 6.54 -9.87
N GLU A 82 -0.59 6.55 -8.95
CA GLU A 82 0.43 5.51 -8.89
C GLU A 82 0.26 4.65 -7.65
N VAL A 83 0.78 3.42 -7.70
CA VAL A 83 0.69 2.51 -6.57
C VAL A 83 1.95 1.66 -6.45
N THR A 84 2.68 1.85 -5.36
CA THR A 84 3.92 1.10 -5.14
C THR A 84 4.02 0.66 -3.68
N LEU A 85 5.03 -0.16 -3.38
CA LEU A 85 5.26 -0.65 -2.02
C LEU A 85 6.14 0.31 -1.24
N ALA A 86 5.51 1.13 -0.40
CA ALA A 86 6.24 2.09 0.42
C ALA A 86 7.03 1.39 1.52
N LYS A 87 8.27 1.83 1.73
CA LYS A 87 9.13 1.25 2.75
C LYS A 87 9.03 2.03 4.06
N PRO A 88 9.00 1.31 5.19
CA PRO A 88 8.92 1.92 6.52
C PRO A 88 10.20 2.64 6.90
N VAL A 89 10.12 3.49 7.93
CA VAL A 89 11.27 4.24 8.40
C VAL A 89 12.09 3.43 9.39
N ASP A 90 13.36 3.22 9.06
CA ASP A 90 14.26 2.46 9.93
C ASP A 90 13.95 2.74 11.40
N LYS A 91 13.48 1.71 12.11
CA LYS A 91 13.15 1.84 13.52
C LYS A 91 13.40 0.53 14.26
N ASP A 92 14.43 0.52 15.10
CA ASP A 92 14.78 -0.67 15.87
C ASP A 92 14.38 -0.50 17.34
N SER A 93 13.79 -1.54 17.90
CA SER A 93 13.35 -1.52 19.30
C SER A 93 14.54 -1.58 20.24
N SER A 94 14.51 -0.76 21.28
CA SER A 94 15.60 -0.72 22.26
C SER A 94 15.05 -0.68 23.68
N GLY A 95 15.29 -1.75 24.44
CA GLY A 95 14.80 -1.81 25.81
C GLY A 95 14.85 -3.21 26.38
N PRO A 96 15.08 -3.31 27.69
CA PRO A 96 15.15 -4.60 28.39
C PRO A 96 13.80 -5.30 28.47
N SER A 97 13.82 -6.56 28.88
CA SER A 97 12.59 -7.34 28.99
C SER A 97 12.01 -7.24 30.40
N SER A 98 10.71 -7.49 30.52
CA SER A 98 10.03 -7.42 31.81
C SER A 98 9.79 -8.82 32.37
N GLY A 99 9.35 -8.88 33.63
CA GLY A 99 9.10 -10.15 34.26
C GLY A 99 9.44 -10.14 35.74
N GLY A 1 1.83 -4.97 -13.17
CA GLY A 1 2.76 -4.74 -14.27
C GLY A 1 3.82 -5.82 -14.37
N SER A 2 5.04 -5.42 -14.68
CA SER A 2 6.15 -6.35 -14.82
C SER A 2 7.43 -5.78 -14.22
N SER A 3 8.46 -6.61 -14.13
CA SER A 3 9.75 -6.19 -13.59
C SER A 3 10.84 -7.19 -13.92
N GLY A 4 12.09 -6.76 -13.77
CA GLY A 4 13.22 -7.65 -14.06
C GLY A 4 13.40 -8.72 -13.01
N SER A 5 14.47 -9.48 -13.12
CA SER A 5 14.76 -10.55 -12.17
C SER A 5 15.59 -10.03 -10.99
N SER A 6 15.01 -10.11 -9.80
CA SER A 6 15.69 -9.65 -8.60
C SER A 6 15.88 -10.79 -7.60
N GLY A 7 14.91 -11.71 -7.58
CA GLY A 7 14.99 -12.84 -6.68
C GLY A 7 14.70 -12.45 -5.23
N ASP A 8 13.42 -12.44 -4.87
CA ASP A 8 13.01 -12.08 -3.52
C ASP A 8 13.49 -13.12 -2.52
N GLU A 9 13.93 -12.65 -1.35
CA GLU A 9 14.42 -13.54 -0.30
C GLU A 9 13.39 -13.68 0.82
N ASP A 10 13.56 -14.71 1.64
CA ASP A 10 12.64 -14.95 2.75
C ASP A 10 12.72 -13.82 3.77
N THR A 11 11.62 -13.08 3.91
CA THR A 11 11.56 -11.96 4.85
C THR A 11 10.93 -12.40 6.17
N MET A 12 11.73 -12.40 7.23
CA MET A 12 11.25 -12.78 8.55
C MET A 12 10.03 -11.95 8.94
N SER A 13 10.09 -10.65 8.72
CA SER A 13 8.99 -9.75 9.05
C SER A 13 8.11 -9.51 7.84
N SER A 14 6.81 -9.79 8.01
CA SER A 14 5.85 -9.61 6.92
C SER A 14 5.30 -8.18 6.92
N VAL A 15 5.87 -7.34 6.05
CA VAL A 15 5.43 -5.96 5.95
C VAL A 15 4.67 -5.72 4.65
N LYS A 16 3.50 -5.11 4.77
CA LYS A 16 2.67 -4.81 3.60
C LYS A 16 2.20 -3.37 3.62
N ILE A 17 2.60 -2.60 2.63
CA ILE A 17 2.22 -1.20 2.53
C ILE A 17 2.11 -0.77 1.06
N LEU A 18 1.13 0.09 0.78
CA LEU A 18 0.91 0.58 -0.58
C LEU A 18 0.85 2.10 -0.59
N TYR A 19 1.86 2.73 -1.19
CA TYR A 19 1.92 4.18 -1.28
C TYR A 19 1.27 4.68 -2.57
N VAL A 20 0.41 5.68 -2.44
CA VAL A 20 -0.27 6.25 -3.60
C VAL A 20 0.13 7.71 -3.81
N ARG A 21 0.26 8.10 -5.07
CA ARG A 21 0.64 9.47 -5.41
C ARG A 21 -0.28 10.04 -6.49
N ASN A 22 -0.15 11.34 -6.74
CA ASN A 22 -0.98 12.01 -7.75
C ASN A 22 -2.45 11.92 -7.38
N LEU A 23 -2.77 12.27 -6.14
CA LEU A 23 -4.16 12.24 -5.66
C LEU A 23 -4.75 13.64 -5.62
N MET A 24 -5.76 13.88 -6.45
CA MET A 24 -6.42 15.19 -6.49
C MET A 24 -6.94 15.59 -5.12
N LEU A 25 -6.50 16.74 -4.62
CA LEU A 25 -6.92 17.23 -3.32
C LEU A 25 -8.43 17.08 -3.15
N SER A 26 -9.16 17.22 -4.24
CA SER A 26 -10.61 17.10 -4.21
C SER A 26 -11.04 15.70 -3.79
N THR A 27 -10.31 14.69 -4.28
CA THR A 27 -10.61 13.31 -3.96
C THR A 27 -10.56 13.07 -2.45
N SER A 28 -11.47 12.23 -1.95
CA SER A 28 -11.53 11.92 -0.53
C SER A 28 -11.12 10.48 -0.27
N GLU A 29 -10.90 10.15 1.00
CA GLU A 29 -10.51 8.80 1.38
C GLU A 29 -11.52 7.77 0.88
N GLU A 30 -12.80 8.06 1.11
CA GLU A 30 -13.87 7.17 0.70
C GLU A 30 -13.62 6.64 -0.72
N MET A 31 -13.06 7.49 -1.57
CA MET A 31 -12.77 7.11 -2.95
C MET A 31 -11.62 6.12 -3.01
N ILE A 32 -10.56 6.41 -2.25
CA ILE A 32 -9.38 5.55 -2.21
C ILE A 32 -9.72 4.19 -1.61
N GLU A 33 -10.54 4.19 -0.56
CA GLU A 33 -10.95 2.96 0.10
C GLU A 33 -11.83 2.12 -0.82
N LYS A 34 -12.97 2.67 -1.21
CA LYS A 34 -13.89 1.96 -2.10
C LYS A 34 -13.15 1.31 -3.26
N GLU A 35 -12.26 2.07 -3.88
CA GLU A 35 -11.48 1.56 -5.01
C GLU A 35 -10.66 0.34 -4.61
N PHE A 36 -9.65 0.56 -3.78
CA PHE A 36 -8.79 -0.50 -3.31
C PHE A 36 -9.62 -1.68 -2.79
N ASN A 37 -10.84 -1.39 -2.37
CA ASN A 37 -11.74 -2.42 -1.85
C ASN A 37 -12.25 -3.31 -2.98
N ASN A 38 -12.67 -2.68 -4.08
CA ASN A 38 -13.19 -3.41 -5.23
C ASN A 38 -12.45 -4.72 -5.42
N ILE A 39 -11.12 -4.65 -5.41
CA ILE A 39 -10.29 -5.84 -5.58
C ILE A 39 -10.76 -6.98 -4.68
N LYS A 40 -10.69 -6.74 -3.37
CA LYS A 40 -11.11 -7.75 -2.41
C LYS A 40 -11.86 -7.10 -1.25
N PRO A 41 -13.00 -7.73 -0.86
CA PRO A 41 -13.84 -7.23 0.24
C PRO A 41 -13.17 -7.38 1.60
N GLY A 42 -13.10 -6.29 2.34
CA GLY A 42 -12.48 -6.33 3.66
C GLY A 42 -10.99 -6.57 3.60
N ALA A 43 -10.33 -5.97 2.60
CA ALA A 43 -8.90 -6.12 2.43
C ALA A 43 -8.15 -4.89 2.90
N VAL A 44 -8.66 -3.71 2.55
CA VAL A 44 -8.05 -2.45 2.93
C VAL A 44 -8.26 -2.17 4.41
N GLU A 45 -7.16 -2.20 5.17
CA GLU A 45 -7.23 -1.94 6.61
C GLU A 45 -7.54 -0.47 6.89
N ARG A 46 -6.61 0.40 6.51
CA ARG A 46 -6.77 1.82 6.72
C ARG A 46 -6.25 2.62 5.52
N VAL A 47 -6.62 3.89 5.45
CA VAL A 47 -6.20 4.76 4.36
C VAL A 47 -5.85 6.15 4.86
N LYS A 48 -4.58 6.51 4.76
CA LYS A 48 -4.12 7.83 5.21
C LYS A 48 -3.93 8.77 4.02
N LYS A 49 -4.83 9.73 3.90
CA LYS A 49 -4.76 10.71 2.80
C LYS A 49 -3.74 11.79 3.11
N ILE A 50 -3.03 12.24 2.08
CA ILE A 50 -2.02 13.29 2.24
C ILE A 50 -2.16 14.35 1.15
N ARG A 51 -1.40 15.43 1.30
CA ARG A 51 -1.43 16.52 0.32
C ARG A 51 -1.75 16.00 -1.07
N ASP A 52 -0.77 15.34 -1.69
CA ASP A 52 -0.94 14.79 -3.03
C ASP A 52 -0.61 13.30 -3.04
N TYR A 53 -0.61 12.68 -1.87
CA TYR A 53 -0.32 11.26 -1.76
C TYR A 53 -1.10 10.63 -0.60
N ALA A 54 -0.93 9.33 -0.43
CA ALA A 54 -1.62 8.60 0.64
C ALA A 54 -1.03 7.21 0.83
N PHE A 55 -1.49 6.51 1.85
CA PHE A 55 -1.01 5.17 2.15
C PHE A 55 -2.17 4.19 2.35
N VAL A 56 -2.00 2.97 1.90
CA VAL A 56 -3.03 1.94 2.02
C VAL A 56 -2.48 0.68 2.68
N HIS A 57 -3.09 0.28 3.79
CA HIS A 57 -2.67 -0.91 4.52
C HIS A 57 -3.60 -2.09 4.23
N PHE A 58 -3.08 -3.30 4.39
CA PHE A 58 -3.86 -4.50 4.15
C PHE A 58 -3.71 -5.49 5.29
N SER A 59 -4.42 -6.61 5.20
CA SER A 59 -4.35 -7.65 6.24
C SER A 59 -3.24 -8.64 5.94
N ASN A 60 -2.72 -8.60 4.71
CA ASN A 60 -1.66 -9.50 4.31
C ASN A 60 -0.95 -8.99 3.06
N ARG A 61 0.34 -9.25 2.95
CA ARG A 61 1.13 -8.82 1.80
C ARG A 61 0.51 -9.31 0.50
N GLU A 62 0.14 -10.59 0.48
CA GLU A 62 -0.47 -11.18 -0.71
C GLU A 62 -1.45 -10.23 -1.36
N ASP A 63 -2.44 -9.78 -0.58
CA ASP A 63 -3.44 -8.85 -1.08
C ASP A 63 -2.81 -7.52 -1.49
N ALA A 64 -1.98 -6.97 -0.60
CA ALA A 64 -1.31 -5.70 -0.86
C ALA A 64 -0.68 -5.69 -2.24
N VAL A 65 0.02 -6.78 -2.58
CA VAL A 65 0.68 -6.90 -3.88
C VAL A 65 -0.34 -6.93 -5.00
N GLU A 66 -1.24 -7.91 -4.97
CA GLU A 66 -2.27 -8.05 -5.99
C GLU A 66 -2.94 -6.71 -6.28
N ALA A 67 -3.25 -5.98 -5.22
CA ALA A 67 -3.89 -4.67 -5.35
C ALA A 67 -2.93 -3.64 -5.93
N MET A 68 -1.66 -3.77 -5.58
CA MET A 68 -0.64 -2.84 -6.07
C MET A 68 -0.67 -2.75 -7.58
N LYS A 69 -0.32 -3.86 -8.25
CA LYS A 69 -0.32 -3.91 -9.70
C LYS A 69 -1.71 -3.68 -10.26
N ALA A 70 -2.72 -4.23 -9.59
CA ALA A 70 -4.10 -4.08 -10.02
C ALA A 70 -4.41 -2.63 -10.38
N LEU A 71 -4.17 -1.72 -9.45
CA LEU A 71 -4.42 -0.30 -9.66
C LEU A 71 -3.28 0.34 -10.46
N ASN A 72 -2.06 -0.10 -10.17
CA ASN A 72 -0.88 0.43 -10.86
C ASN A 72 -1.19 0.72 -12.32
N GLY A 73 -1.36 2.00 -12.64
CA GLY A 73 -1.65 2.40 -14.01
C GLY A 73 -3.10 2.79 -14.19
N LYS A 74 -3.71 3.33 -13.15
CA LYS A 74 -5.11 3.75 -13.20
C LYS A 74 -5.22 5.28 -13.13
N VAL A 75 -6.32 5.80 -13.64
CA VAL A 75 -6.56 7.24 -13.63
C VAL A 75 -7.82 7.59 -12.85
N LEU A 76 -7.65 7.94 -11.58
CA LEU A 76 -8.78 8.30 -10.73
C LEU A 76 -9.06 9.80 -10.80
N ASP A 77 -10.32 10.17 -10.54
CA ASP A 77 -10.72 11.58 -10.58
C ASP A 77 -10.02 12.32 -11.71
N GLY A 78 -9.87 11.64 -12.85
CA GLY A 78 -9.22 12.24 -13.99
C GLY A 78 -7.78 12.61 -13.71
N SER A 79 -7.06 11.70 -13.06
CA SER A 79 -5.65 11.93 -12.73
C SER A 79 -4.90 10.61 -12.64
N PRO A 80 -3.66 10.60 -13.18
CA PRO A 80 -2.81 9.41 -13.17
C PRO A 80 -2.30 9.07 -11.78
N ILE A 81 -2.93 8.09 -11.15
CA ILE A 81 -2.54 7.66 -9.81
C ILE A 81 -1.56 6.51 -9.87
N GLU A 82 -0.63 6.48 -8.92
CA GLU A 82 0.38 5.41 -8.86
C GLU A 82 0.25 4.62 -7.57
N VAL A 83 0.75 3.39 -7.58
CA VAL A 83 0.69 2.53 -6.41
C VAL A 83 1.92 1.62 -6.34
N THR A 84 2.65 1.73 -5.23
CA THR A 84 3.86 0.94 -5.03
C THR A 84 4.01 0.53 -3.57
N LEU A 85 5.03 -0.28 -3.29
CA LEU A 85 5.29 -0.74 -1.92
C LEU A 85 6.17 0.26 -1.18
N ALA A 86 5.56 1.05 -0.30
CA ALA A 86 6.29 2.04 0.47
C ALA A 86 7.24 1.36 1.46
N LYS A 87 8.45 1.91 1.58
CA LYS A 87 9.45 1.36 2.49
C LYS A 87 9.44 2.10 3.83
N PRO A 88 9.12 1.35 4.90
CA PRO A 88 9.07 1.92 6.25
C PRO A 88 10.44 2.29 6.78
N VAL A 89 10.49 3.30 7.65
CA VAL A 89 11.75 3.74 8.23
C VAL A 89 11.82 3.38 9.71
N ASP A 90 12.90 2.69 10.09
CA ASP A 90 13.09 2.28 11.47
C ASP A 90 14.54 2.54 11.92
N LYS A 91 14.75 2.52 13.22
CA LYS A 91 16.08 2.74 13.78
C LYS A 91 16.79 1.42 14.05
N ASP A 92 17.94 1.23 13.40
CA ASP A 92 18.71 0.01 13.57
C ASP A 92 19.67 0.13 14.75
N SER A 93 19.67 -0.87 15.62
CA SER A 93 20.54 -0.87 16.79
C SER A 93 21.88 -1.51 16.47
N SER A 94 22.93 -0.71 16.46
CA SER A 94 24.27 -1.19 16.16
C SER A 94 24.80 -2.06 17.31
N GLY A 95 25.14 -3.30 17.01
CA GLY A 95 25.65 -4.21 18.02
C GLY A 95 24.82 -5.46 18.15
N PRO A 96 23.92 -5.48 19.14
CA PRO A 96 23.04 -6.63 19.41
C PRO A 96 21.98 -6.80 18.31
N SER A 97 21.68 -8.06 17.99
CA SER A 97 20.69 -8.36 16.96
C SER A 97 19.47 -9.06 17.57
N SER A 98 19.74 -10.12 18.33
CA SER A 98 18.67 -10.89 18.97
C SER A 98 17.75 -9.98 19.77
N GLY A 99 16.52 -9.81 19.28
CA GLY A 99 15.57 -8.97 19.97
C GLY A 99 14.80 -9.70 21.04
N GLY A 1 -3.91 -12.43 -13.76
CA GLY A 1 -3.26 -11.14 -13.71
C GLY A 1 -2.09 -11.03 -14.66
N SER A 2 -1.02 -10.36 -14.22
CA SER A 2 0.17 -10.20 -15.05
C SER A 2 1.33 -9.66 -14.22
N SER A 3 2.50 -10.26 -14.39
CA SER A 3 3.68 -9.84 -13.65
C SER A 3 3.79 -8.33 -13.61
N GLY A 4 3.68 -7.76 -12.41
CA GLY A 4 3.77 -6.33 -12.26
C GLY A 4 5.08 -5.89 -11.63
N SER A 5 5.08 -5.75 -10.31
CA SER A 5 6.27 -5.33 -9.59
C SER A 5 6.47 -6.16 -8.32
N SER A 6 7.59 -6.85 -8.24
CA SER A 6 7.89 -7.68 -7.08
C SER A 6 8.60 -6.88 -5.99
N GLY A 7 9.44 -5.92 -6.42
CA GLY A 7 10.16 -5.11 -5.47
C GLY A 7 11.49 -5.71 -5.06
N ASP A 8 12.33 -4.91 -4.42
CA ASP A 8 13.64 -5.38 -3.96
C ASP A 8 13.88 -5.00 -2.50
N GLU A 9 14.06 -6.01 -1.67
CA GLU A 9 14.30 -5.78 -0.24
C GLU A 9 14.63 -7.09 0.47
N ASP A 10 15.34 -6.99 1.58
CA ASP A 10 15.72 -8.17 2.36
C ASP A 10 15.29 -8.02 3.81
N THR A 11 14.00 -8.27 4.07
CA THR A 11 13.45 -8.17 5.41
C THR A 11 12.56 -9.36 5.75
N MET A 12 12.87 -10.03 6.85
CA MET A 12 12.10 -11.19 7.28
C MET A 12 10.67 -10.79 7.65
N SER A 13 10.55 -9.82 8.56
CA SER A 13 9.24 -9.35 9.00
C SER A 13 8.32 -9.11 7.81
N SER A 14 7.08 -9.57 7.92
CA SER A 14 6.10 -9.41 6.85
C SER A 14 5.48 -8.02 6.89
N VAL A 15 5.92 -7.15 6.00
CA VAL A 15 5.41 -5.79 5.94
C VAL A 15 4.63 -5.54 4.65
N LYS A 16 3.45 -4.96 4.78
CA LYS A 16 2.60 -4.68 3.63
C LYS A 16 2.11 -3.24 3.66
N ILE A 17 2.51 -2.46 2.65
CA ILE A 17 2.10 -1.06 2.56
C ILE A 17 1.96 -0.62 1.11
N LEU A 18 0.94 0.20 0.84
CA LEU A 18 0.71 0.69 -0.52
C LEU A 18 0.67 2.21 -0.54
N TYR A 19 1.73 2.82 -1.04
CA TYR A 19 1.82 4.27 -1.11
C TYR A 19 1.28 4.78 -2.45
N VAL A 20 0.32 5.69 -2.39
CA VAL A 20 -0.27 6.27 -3.60
C VAL A 20 0.21 7.70 -3.81
N ARG A 21 0.55 8.01 -5.06
CA ARG A 21 1.02 9.35 -5.40
C ARG A 21 0.25 9.91 -6.59
N ASN A 22 0.47 11.19 -6.88
CA ASN A 22 -0.22 11.84 -7.99
C ASN A 22 -1.72 11.86 -7.78
N LEU A 23 -2.14 12.18 -6.55
CA LEU A 23 -3.56 12.23 -6.22
C LEU A 23 -4.05 13.67 -6.20
N MET A 24 -5.28 13.87 -6.70
CA MET A 24 -5.88 15.20 -6.73
C MET A 24 -6.45 15.58 -5.37
N LEU A 25 -6.29 16.84 -4.99
CA LEU A 25 -6.79 17.33 -3.71
C LEU A 25 -8.28 17.02 -3.57
N SER A 26 -8.98 16.94 -4.69
CA SER A 26 -10.41 16.67 -4.68
C SER A 26 -10.67 15.24 -4.19
N THR A 27 -9.68 14.37 -4.36
CA THR A 27 -9.81 12.98 -3.94
C THR A 27 -9.93 12.87 -2.43
N SER A 28 -10.73 11.92 -1.97
CA SER A 28 -10.93 11.71 -0.54
C SER A 28 -10.71 10.25 -0.17
N GLU A 29 -10.27 10.02 1.07
CA GLU A 29 -10.02 8.67 1.56
C GLU A 29 -11.17 7.74 1.20
N GLU A 30 -12.34 8.33 0.95
CA GLU A 30 -13.53 7.56 0.60
C GLU A 30 -13.35 6.87 -0.75
N MET A 31 -13.32 7.66 -1.81
CA MET A 31 -13.16 7.13 -3.16
C MET A 31 -11.93 6.22 -3.25
N ILE A 32 -10.88 6.60 -2.53
CA ILE A 32 -9.65 5.83 -2.53
C ILE A 32 -9.88 4.43 -1.98
N GLU A 33 -10.51 4.35 -0.82
CA GLU A 33 -10.79 3.07 -0.19
C GLU A 33 -11.66 2.20 -1.09
N LYS A 34 -12.88 2.66 -1.35
CA LYS A 34 -13.81 1.92 -2.20
C LYS A 34 -13.08 1.29 -3.38
N GLU A 35 -12.23 2.08 -4.03
CA GLU A 35 -11.47 1.60 -5.19
C GLU A 35 -10.62 0.39 -4.81
N PHE A 36 -9.85 0.52 -3.74
CA PHE A 36 -8.99 -0.57 -3.28
C PHE A 36 -9.82 -1.79 -2.89
N ASN A 37 -10.77 -1.59 -1.96
CA ASN A 37 -11.62 -2.67 -1.50
C ASN A 37 -12.32 -3.35 -2.68
N ASN A 38 -12.76 -2.54 -3.64
CA ASN A 38 -13.45 -3.07 -4.82
C ASN A 38 -12.68 -4.25 -5.41
N ILE A 39 -11.35 -4.21 -5.28
CA ILE A 39 -10.51 -5.28 -5.80
C ILE A 39 -10.71 -6.57 -5.02
N LYS A 40 -10.56 -6.49 -3.70
CA LYS A 40 -10.73 -7.66 -2.85
C LYS A 40 -11.40 -7.27 -1.54
N PRO A 41 -12.57 -7.88 -1.26
CA PRO A 41 -13.34 -7.62 -0.04
C PRO A 41 -12.65 -8.17 1.21
N GLY A 42 -12.38 -7.29 2.16
CA GLY A 42 -11.72 -7.70 3.39
C GLY A 42 -10.22 -7.76 3.25
N ALA A 43 -9.65 -6.82 2.51
CA ALA A 43 -8.20 -6.77 2.31
C ALA A 43 -7.61 -5.48 2.87
N VAL A 44 -8.28 -4.37 2.61
CA VAL A 44 -7.83 -3.07 3.09
C VAL A 44 -8.08 -2.92 4.58
N GLU A 45 -7.09 -2.39 5.29
CA GLU A 45 -7.21 -2.18 6.73
C GLU A 45 -7.56 -0.73 7.05
N ARG A 46 -6.66 0.18 6.68
CA ARG A 46 -6.87 1.60 6.93
C ARG A 46 -6.32 2.44 5.78
N VAL A 47 -6.89 3.63 5.60
CA VAL A 47 -6.46 4.53 4.53
C VAL A 47 -6.02 5.87 5.09
N LYS A 48 -5.04 6.49 4.43
CA LYS A 48 -4.54 7.79 4.86
C LYS A 48 -4.34 8.72 3.67
N LYS A 49 -5.18 9.75 3.59
CA LYS A 49 -5.10 10.72 2.50
C LYS A 49 -4.13 11.84 2.84
N ILE A 50 -3.42 12.32 1.82
CA ILE A 50 -2.45 13.40 2.01
C ILE A 50 -2.57 14.45 0.91
N ARG A 51 -1.85 15.55 1.07
CA ARG A 51 -1.87 16.63 0.09
C ARG A 51 -2.11 16.07 -1.31
N ASP A 52 -1.09 15.43 -1.88
CA ASP A 52 -1.19 14.86 -3.21
C ASP A 52 -0.82 13.38 -3.20
N TYR A 53 -0.76 12.80 -2.00
CA TYR A 53 -0.42 11.39 -1.85
C TYR A 53 -1.26 10.74 -0.77
N ALA A 54 -1.08 9.43 -0.59
CA ALA A 54 -1.82 8.68 0.42
C ALA A 54 -1.17 7.34 0.69
N PHE A 55 -1.75 6.58 1.60
CA PHE A 55 -1.23 5.27 1.96
C PHE A 55 -2.36 4.29 2.27
N VAL A 56 -2.12 3.01 1.99
CA VAL A 56 -3.13 1.98 2.23
C VAL A 56 -2.49 0.75 2.88
N HIS A 57 -3.01 0.37 4.05
CA HIS A 57 -2.50 -0.79 4.77
C HIS A 57 -3.36 -2.02 4.50
N PHE A 58 -2.75 -3.20 4.56
CA PHE A 58 -3.45 -4.45 4.32
C PHE A 58 -3.24 -5.43 5.47
N SER A 59 -3.90 -6.57 5.39
CA SER A 59 -3.79 -7.59 6.43
C SER A 59 -2.77 -8.65 6.04
N ASN A 60 -2.57 -8.83 4.74
CA ASN A 60 -1.61 -9.81 4.24
C ASN A 60 -0.92 -9.31 2.97
N ARG A 61 0.39 -9.48 2.91
CA ARG A 61 1.17 -9.04 1.76
C ARG A 61 0.48 -9.44 0.46
N GLU A 62 0.17 -10.73 0.32
CA GLU A 62 -0.48 -11.23 -0.88
C GLU A 62 -1.51 -10.24 -1.41
N ASP A 63 -2.45 -9.86 -0.55
CA ASP A 63 -3.48 -8.90 -0.93
C ASP A 63 -2.87 -7.58 -1.35
N ALA A 64 -1.94 -7.07 -0.55
CA ALA A 64 -1.28 -5.81 -0.84
C ALA A 64 -0.65 -5.83 -2.24
N VAL A 65 -0.04 -6.96 -2.59
CA VAL A 65 0.60 -7.11 -3.88
C VAL A 65 -0.42 -7.09 -5.01
N GLU A 66 -1.54 -7.79 -4.80
CA GLU A 66 -2.60 -7.84 -5.81
C GLU A 66 -3.23 -6.46 -6.01
N ALA A 67 -3.63 -5.84 -4.91
CA ALA A 67 -4.25 -4.51 -4.96
C ALA A 67 -3.32 -3.50 -5.61
N MET A 68 -2.03 -3.61 -5.31
CA MET A 68 -1.03 -2.70 -5.85
C MET A 68 -1.13 -2.64 -7.38
N LYS A 69 -0.83 -3.75 -8.04
CA LYS A 69 -0.88 -3.81 -9.49
C LYS A 69 -2.29 -3.50 -9.99
N ALA A 70 -3.28 -4.15 -9.39
CA ALA A 70 -4.68 -3.95 -9.78
C ALA A 70 -4.92 -2.48 -10.14
N LEU A 71 -4.55 -1.58 -9.24
CA LEU A 71 -4.74 -0.15 -9.47
C LEU A 71 -3.58 0.44 -10.25
N ASN A 72 -2.40 -0.16 -10.09
CA ASN A 72 -1.20 0.30 -10.78
C ASN A 72 -1.52 0.64 -12.24
N GLY A 73 -1.77 1.92 -12.49
CA GLY A 73 -2.08 2.35 -13.85
C GLY A 73 -3.51 2.81 -13.99
N LYS A 74 -4.08 3.33 -12.91
CA LYS A 74 -5.46 3.82 -12.92
C LYS A 74 -5.50 5.34 -12.86
N VAL A 75 -6.60 5.92 -13.34
CA VAL A 75 -6.77 7.36 -13.34
C VAL A 75 -7.96 7.77 -12.50
N LEU A 76 -7.69 8.39 -11.35
CA LEU A 76 -8.76 8.84 -10.45
C LEU A 76 -8.90 10.35 -10.50
N ASP A 77 -10.11 10.83 -10.20
CA ASP A 77 -10.38 12.26 -10.20
C ASP A 77 -9.74 12.94 -11.42
N GLY A 78 -9.60 12.18 -12.50
CA GLY A 78 -9.01 12.72 -13.71
C GLY A 78 -7.51 12.93 -13.57
N SER A 79 -6.83 11.97 -12.96
CA SER A 79 -5.39 12.06 -12.77
C SER A 79 -4.77 10.66 -12.67
N PRO A 80 -3.59 10.50 -13.28
CA PRO A 80 -2.86 9.22 -13.28
C PRO A 80 -2.30 8.88 -11.91
N ILE A 81 -3.02 8.03 -11.18
CA ILE A 81 -2.59 7.62 -9.85
C ILE A 81 -1.64 6.43 -9.92
N GLU A 82 -0.70 6.38 -8.98
CA GLU A 82 0.28 5.29 -8.94
C GLU A 82 0.21 4.55 -7.61
N VAL A 83 0.59 3.28 -7.62
CA VAL A 83 0.59 2.46 -6.41
C VAL A 83 1.87 1.65 -6.28
N THR A 84 2.60 1.89 -5.20
CA THR A 84 3.85 1.19 -4.95
C THR A 84 3.98 0.77 -3.49
N LEU A 85 4.95 -0.09 -3.20
CA LEU A 85 5.17 -0.55 -1.84
C LEU A 85 6.02 0.44 -1.05
N ALA A 86 5.37 1.26 -0.24
CA ALA A 86 6.06 2.24 0.58
C ALA A 86 6.86 1.57 1.70
N LYS A 87 8.07 2.06 1.93
CA LYS A 87 8.93 1.52 2.97
C LYS A 87 8.56 2.09 4.34
N PRO A 88 8.64 1.24 5.37
CA PRO A 88 8.32 1.63 6.75
C PRO A 88 9.34 2.61 7.33
N VAL A 89 9.01 3.20 8.48
CA VAL A 89 9.89 4.14 9.13
C VAL A 89 10.82 3.44 10.12
N ASP A 90 12.11 3.48 9.83
CA ASP A 90 13.10 2.85 10.70
C ASP A 90 12.69 2.94 12.17
N LYS A 91 12.94 1.86 12.91
CA LYS A 91 12.59 1.82 14.32
C LYS A 91 13.13 0.55 14.98
N ASP A 92 14.04 0.73 15.95
CA ASP A 92 14.63 -0.39 16.65
C ASP A 92 13.62 -1.53 16.83
N SER A 93 14.08 -2.76 16.60
CA SER A 93 13.22 -3.92 16.73
C SER A 93 13.58 -4.73 17.98
N SER A 94 12.67 -4.75 18.94
CA SER A 94 12.89 -5.48 20.19
C SER A 94 12.28 -6.88 20.11
N GLY A 95 13.11 -7.89 20.36
CA GLY A 95 12.64 -9.26 20.31
C GLY A 95 13.68 -10.25 20.82
N PRO A 96 13.60 -10.56 22.13
CA PRO A 96 14.53 -11.50 22.77
C PRO A 96 14.32 -12.93 22.30
N SER A 97 15.17 -13.83 22.78
CA SER A 97 15.08 -15.24 22.42
C SER A 97 15.24 -16.13 23.64
N SER A 98 14.93 -17.42 23.47
CA SER A 98 15.02 -18.38 24.57
C SER A 98 14.48 -17.79 25.86
N GLY A 99 13.35 -17.08 25.76
CA GLY A 99 12.75 -16.48 26.93
C GLY A 99 11.45 -15.77 26.60
N GLY A 1 -1.09 -8.34 -16.33
CA GLY A 1 -1.17 -9.22 -17.48
C GLY A 1 -0.42 -10.53 -17.27
N SER A 2 0.62 -10.74 -18.07
CA SER A 2 1.42 -11.96 -17.96
C SER A 2 2.68 -11.72 -17.13
N SER A 3 2.57 -11.96 -15.83
CA SER A 3 3.70 -11.77 -14.92
C SER A 3 4.01 -13.05 -14.16
N GLY A 4 5.30 -13.37 -14.06
CA GLY A 4 5.70 -14.57 -13.35
C GLY A 4 6.45 -14.26 -12.06
N SER A 5 5.71 -14.10 -10.97
CA SER A 5 6.30 -13.80 -9.68
C SER A 5 6.91 -15.06 -9.05
N SER A 6 8.15 -15.35 -9.42
CA SER A 6 8.84 -16.52 -8.90
C SER A 6 9.93 -16.11 -7.92
N GLY A 7 9.78 -14.92 -7.33
CA GLY A 7 10.75 -14.43 -6.37
C GLY A 7 10.11 -13.85 -5.14
N ASP A 8 9.68 -14.72 -4.23
CA ASP A 8 9.04 -14.28 -2.99
C ASP A 8 10.07 -13.79 -1.98
N GLU A 9 10.07 -12.49 -1.72
CA GLU A 9 11.02 -11.90 -0.78
C GLU A 9 11.01 -12.67 0.54
N ASP A 10 12.17 -13.22 0.91
CA ASP A 10 12.30 -13.97 2.15
C ASP A 10 12.56 -13.05 3.33
N THR A 11 11.49 -12.46 3.85
CA THR A 11 11.59 -11.54 4.99
C THR A 11 10.77 -12.03 6.17
N MET A 12 11.38 -12.07 7.34
CA MET A 12 10.69 -12.51 8.55
C MET A 12 9.60 -11.52 8.95
N SER A 13 9.91 -10.23 8.85
CA SER A 13 8.96 -9.18 9.21
C SER A 13 7.99 -8.92 8.06
N SER A 14 6.89 -9.65 8.03
CA SER A 14 5.89 -9.50 6.98
C SER A 14 5.28 -8.10 7.01
N VAL A 15 5.78 -7.22 6.14
CA VAL A 15 5.30 -5.86 6.07
C VAL A 15 4.56 -5.61 4.76
N LYS A 16 3.39 -5.00 4.85
CA LYS A 16 2.58 -4.70 3.67
C LYS A 16 2.10 -3.25 3.69
N ILE A 17 2.54 -2.47 2.71
CA ILE A 17 2.15 -1.08 2.61
C ILE A 17 2.06 -0.62 1.15
N LEU A 18 1.04 0.16 0.84
CA LEU A 18 0.85 0.66 -0.51
C LEU A 18 0.80 2.19 -0.53
N TYR A 19 1.85 2.81 -1.06
CA TYR A 19 1.92 4.26 -1.13
C TYR A 19 1.37 4.77 -2.46
N VAL A 20 0.39 5.67 -2.38
CA VAL A 20 -0.22 6.23 -3.59
C VAL A 20 0.16 7.70 -3.74
N ARG A 21 0.35 8.11 -5.00
CA ARG A 21 0.72 9.50 -5.29
C ARG A 21 -0.12 10.04 -6.44
N ASN A 22 -0.08 11.36 -6.62
CA ASN A 22 -0.84 12.00 -7.69
C ASN A 22 -2.34 11.98 -7.40
N LEU A 23 -2.69 12.21 -6.13
CA LEU A 23 -4.09 12.21 -5.72
C LEU A 23 -4.62 13.64 -5.62
N MET A 24 -5.60 13.96 -6.46
CA MET A 24 -6.20 15.29 -6.47
C MET A 24 -6.74 15.64 -5.08
N LEU A 25 -6.38 16.84 -4.60
CA LEU A 25 -6.84 17.29 -3.29
C LEU A 25 -8.32 17.01 -3.10
N SER A 26 -9.10 17.20 -4.17
CA SER A 26 -10.54 16.97 -4.12
C SER A 26 -10.84 15.53 -3.68
N THR A 27 -10.01 14.60 -4.12
CA THR A 27 -10.19 13.19 -3.78
C THR A 27 -10.11 12.98 -2.26
N SER A 28 -11.01 12.16 -1.74
CA SER A 28 -11.04 11.88 -0.30
C SER A 28 -10.69 10.42 -0.03
N GLU A 29 -10.49 10.10 1.24
CA GLU A 29 -10.15 8.73 1.63
C GLU A 29 -11.17 7.74 1.08
N GLU A 30 -12.45 8.00 1.35
CA GLU A 30 -13.52 7.12 0.87
C GLU A 30 -13.24 6.63 -0.54
N MET A 31 -12.88 7.56 -1.42
CA MET A 31 -12.58 7.22 -2.81
C MET A 31 -11.42 6.23 -2.89
N ILE A 32 -10.43 6.41 -2.02
CA ILE A 32 -9.26 5.53 -2.00
C ILE A 32 -9.61 4.17 -1.40
N GLU A 33 -10.48 4.18 -0.40
CA GLU A 33 -10.90 2.94 0.26
C GLU A 33 -11.79 2.12 -0.66
N LYS A 34 -12.76 2.77 -1.29
CA LYS A 34 -13.68 2.09 -2.20
C LYS A 34 -12.93 1.51 -3.39
N GLU A 35 -12.07 2.33 -4.01
CA GLU A 35 -11.30 1.91 -5.16
C GLU A 35 -10.48 0.66 -4.84
N PHE A 36 -9.68 0.76 -3.79
CA PHE A 36 -8.83 -0.37 -3.37
C PHE A 36 -9.68 -1.56 -2.95
N ASN A 37 -10.70 -1.30 -2.12
CA ASN A 37 -11.58 -2.36 -1.64
C ASN A 37 -12.20 -3.12 -2.81
N ASN A 38 -12.69 -2.39 -3.81
CA ASN A 38 -13.30 -3.00 -4.97
C ASN A 38 -12.54 -4.26 -5.39
N ILE A 39 -11.22 -4.15 -5.48
CA ILE A 39 -10.38 -5.28 -5.86
C ILE A 39 -10.74 -6.52 -5.06
N LYS A 40 -10.66 -6.42 -3.74
CA LYS A 40 -10.98 -7.53 -2.86
C LYS A 40 -11.72 -7.06 -1.62
N PRO A 41 -12.87 -7.69 -1.34
CA PRO A 41 -13.70 -7.35 -0.17
C PRO A 41 -13.04 -7.75 1.14
N GLY A 42 -12.80 -6.76 2.00
CA GLY A 42 -12.18 -7.03 3.29
C GLY A 42 -10.68 -7.27 3.16
N ALA A 43 -10.04 -6.57 2.23
CA ALA A 43 -8.61 -6.72 2.02
C ALA A 43 -7.85 -5.53 2.60
N VAL A 44 -8.46 -4.36 2.53
CA VAL A 44 -7.84 -3.14 3.06
C VAL A 44 -8.01 -3.04 4.57
N GLU A 45 -7.03 -2.42 5.22
CA GLU A 45 -7.07 -2.25 6.67
C GLU A 45 -7.39 -0.80 7.04
N ARG A 46 -6.54 0.12 6.60
CA ARG A 46 -6.73 1.54 6.88
C ARG A 46 -6.13 2.40 5.78
N VAL A 47 -6.64 3.62 5.65
CA VAL A 47 -6.16 4.54 4.63
C VAL A 47 -5.87 5.91 5.23
N LYS A 48 -4.94 6.64 4.62
CA LYS A 48 -4.56 7.97 5.09
C LYS A 48 -4.32 8.91 3.92
N LYS A 49 -5.22 9.88 3.74
CA LYS A 49 -5.11 10.85 2.66
C LYS A 49 -4.11 11.94 3.02
N ILE A 50 -3.34 12.37 2.04
CA ILE A 50 -2.35 13.43 2.25
C ILE A 50 -2.44 14.49 1.16
N ARG A 51 -1.69 15.58 1.34
CA ARG A 51 -1.67 16.67 0.38
C ARG A 51 -1.91 16.15 -1.04
N ASP A 52 -0.91 15.47 -1.59
CA ASP A 52 -1.01 14.93 -2.94
C ASP A 52 -0.66 13.44 -2.94
N TYR A 53 -0.69 12.83 -1.76
CA TYR A 53 -0.38 11.41 -1.63
C TYR A 53 -1.24 10.77 -0.55
N ALA A 54 -1.08 9.45 -0.39
CA ALA A 54 -1.84 8.71 0.61
C ALA A 54 -1.26 7.32 0.83
N PHE A 55 -1.55 6.73 1.97
CA PHE A 55 -1.06 5.39 2.30
C PHE A 55 -2.21 4.41 2.47
N VAL A 56 -1.94 3.14 2.19
CA VAL A 56 -2.95 2.10 2.31
C VAL A 56 -2.36 0.82 2.90
N HIS A 57 -3.07 0.24 3.87
CA HIS A 57 -2.62 -0.99 4.52
C HIS A 57 -3.55 -2.15 4.20
N PHE A 58 -3.04 -3.37 4.33
CA PHE A 58 -3.82 -4.56 4.04
C PHE A 58 -3.67 -5.59 5.17
N SER A 59 -4.44 -6.66 5.08
CA SER A 59 -4.40 -7.71 6.09
C SER A 59 -3.24 -8.66 5.84
N ASN A 60 -2.72 -8.64 4.62
CA ASN A 60 -1.60 -9.50 4.24
C ASN A 60 -0.85 -8.92 3.05
N ARG A 61 0.40 -9.36 2.88
CA ARG A 61 1.23 -8.88 1.77
C ARG A 61 0.60 -9.25 0.43
N GLU A 62 0.20 -10.51 0.29
CA GLU A 62 -0.40 -10.99 -0.94
C GLU A 62 -1.50 -10.03 -1.41
N ASP A 63 -2.34 -9.59 -0.48
CA ASP A 63 -3.42 -8.67 -0.79
C ASP A 63 -2.88 -7.32 -1.26
N ALA A 64 -1.98 -6.75 -0.47
CA ALA A 64 -1.38 -5.47 -0.81
C ALA A 64 -0.73 -5.50 -2.19
N VAL A 65 -0.08 -6.62 -2.50
CA VAL A 65 0.57 -6.78 -3.78
C VAL A 65 -0.43 -6.84 -4.93
N GLU A 66 -1.46 -7.67 -4.75
CA GLU A 66 -2.50 -7.82 -5.76
C GLU A 66 -3.18 -6.48 -6.06
N ALA A 67 -3.57 -5.78 -4.99
CA ALA A 67 -4.22 -4.49 -5.13
C ALA A 67 -3.31 -3.47 -5.82
N MET A 68 -2.01 -3.58 -5.54
CA MET A 68 -1.04 -2.68 -6.14
C MET A 68 -1.04 -2.78 -7.66
N LYS A 69 -0.80 -3.98 -8.17
CA LYS A 69 -0.77 -4.22 -9.61
C LYS A 69 -2.16 -3.98 -10.22
N ALA A 70 -3.19 -4.19 -9.41
CA ALA A 70 -4.57 -3.99 -9.86
C ALA A 70 -4.84 -2.52 -10.19
N LEU A 71 -4.47 -1.64 -9.26
CA LEU A 71 -4.67 -0.21 -9.46
C LEU A 71 -3.51 0.41 -10.23
N ASN A 72 -2.40 -0.31 -10.28
CA ASN A 72 -1.22 0.17 -10.99
C ASN A 72 -1.54 0.47 -12.44
N GLY A 73 -1.54 1.74 -12.79
CA GLY A 73 -1.84 2.14 -14.16
C GLY A 73 -3.29 2.55 -14.35
N LYS A 74 -3.88 3.13 -13.31
CA LYS A 74 -5.26 3.57 -13.36
C LYS A 74 -5.36 5.09 -13.32
N VAL A 75 -6.44 5.63 -13.86
CA VAL A 75 -6.66 7.06 -13.89
C VAL A 75 -7.90 7.46 -13.09
N LEU A 76 -7.70 7.85 -11.84
CA LEU A 76 -8.80 8.25 -10.98
C LEU A 76 -9.03 9.75 -11.05
N ASP A 77 -10.27 10.17 -10.82
CA ASP A 77 -10.62 11.58 -10.85
C ASP A 77 -9.95 12.29 -12.03
N GLY A 78 -9.64 11.52 -13.07
CA GLY A 78 -9.00 12.08 -14.24
C GLY A 78 -7.53 12.38 -14.00
N SER A 79 -6.83 11.45 -13.36
CA SER A 79 -5.40 11.61 -13.06
C SER A 79 -4.72 10.26 -12.91
N PRO A 80 -3.52 10.14 -13.49
CA PRO A 80 -2.73 8.91 -13.43
C PRO A 80 -2.20 8.62 -12.04
N ILE A 81 -2.90 7.78 -11.30
CA ILE A 81 -2.49 7.42 -9.94
C ILE A 81 -1.49 6.27 -9.95
N GLU A 82 -0.54 6.32 -9.03
CA GLU A 82 0.48 5.27 -8.92
C GLU A 82 0.36 4.52 -7.60
N VAL A 83 0.58 3.21 -7.65
CA VAL A 83 0.50 2.38 -6.46
C VAL A 83 1.76 1.53 -6.30
N THR A 84 2.55 1.83 -5.28
CA THR A 84 3.78 1.08 -5.02
C THR A 84 3.89 0.71 -3.55
N LEU A 85 4.97 0.01 -3.20
CA LEU A 85 5.20 -0.40 -1.82
C LEU A 85 6.11 0.58 -1.11
N ALA A 86 5.55 1.32 -0.16
CA ALA A 86 6.32 2.29 0.61
C ALA A 86 7.37 1.61 1.48
N LYS A 87 8.50 2.27 1.65
CA LYS A 87 9.59 1.72 2.45
C LYS A 87 9.34 1.97 3.95
N PRO A 88 9.34 0.89 4.74
CA PRO A 88 9.12 0.96 6.18
C PRO A 88 10.29 1.62 6.91
N VAL A 89 9.97 2.37 7.96
CA VAL A 89 10.99 3.05 8.74
C VAL A 89 11.60 2.12 9.80
N ASP A 90 12.92 2.08 9.87
CA ASP A 90 13.60 1.23 10.83
C ASP A 90 14.42 2.08 11.80
N LYS A 91 14.77 1.49 12.94
CA LYS A 91 15.55 2.18 13.95
C LYS A 91 16.46 1.21 14.71
N ASP A 92 17.58 1.71 15.20
CA ASP A 92 18.53 0.88 15.94
C ASP A 92 17.80 -0.11 16.83
N SER A 93 17.68 -1.34 16.37
CA SER A 93 17.00 -2.39 17.13
C SER A 93 17.95 -3.04 18.13
N SER A 94 17.54 -3.06 19.40
CA SER A 94 18.35 -3.65 20.45
C SER A 94 18.65 -5.11 20.15
N GLY A 95 17.60 -5.88 19.88
CA GLY A 95 17.77 -7.29 19.59
C GLY A 95 16.98 -8.18 20.52
N PRO A 96 15.67 -8.31 20.26
CA PRO A 96 14.78 -9.14 21.07
C PRO A 96 15.05 -10.63 20.92
N SER A 97 15.86 -10.97 19.91
CA SER A 97 16.20 -12.37 19.65
C SER A 97 16.46 -13.11 20.96
N SER A 98 16.39 -14.44 20.89
CA SER A 98 16.62 -15.27 22.07
C SER A 98 17.78 -14.74 22.90
N GLY A 99 17.60 -14.71 24.21
CA GLY A 99 18.64 -14.22 25.10
C GLY A 99 18.18 -13.06 25.97
N GLY A 1 3.53 -6.69 -23.42
CA GLY A 1 2.63 -5.72 -22.85
C GLY A 1 3.33 -4.80 -21.86
N SER A 2 2.72 -4.62 -20.69
CA SER A 2 3.28 -3.75 -19.66
C SER A 2 2.78 -4.16 -18.27
N SER A 3 3.66 -4.77 -17.49
CA SER A 3 3.31 -5.21 -16.15
C SER A 3 4.00 -4.35 -15.10
N GLY A 4 5.33 -4.32 -15.13
CA GLY A 4 6.08 -3.54 -14.18
C GLY A 4 6.95 -4.40 -13.28
N SER A 5 6.60 -4.49 -12.01
CA SER A 5 7.37 -5.28 -11.05
C SER A 5 7.72 -6.65 -11.63
N SER A 6 9.00 -7.01 -11.55
CA SER A 6 9.46 -8.29 -12.07
C SER A 6 9.51 -9.34 -10.97
N GLY A 7 9.85 -8.90 -9.75
CA GLY A 7 9.92 -9.82 -8.62
C GLY A 7 9.65 -9.13 -7.30
N ASP A 8 8.60 -9.55 -6.62
CA ASP A 8 8.23 -8.98 -5.34
C ASP A 8 9.10 -9.55 -4.21
N GLU A 9 9.82 -8.67 -3.52
CA GLU A 9 10.69 -9.08 -2.43
C GLU A 9 9.87 -9.73 -1.31
N ASP A 10 10.42 -10.80 -0.74
CA ASP A 10 9.75 -11.50 0.35
C ASP A 10 10.61 -11.49 1.61
N THR A 11 10.24 -10.66 2.58
CA THR A 11 10.97 -10.56 3.82
C THR A 11 10.43 -11.53 4.87
N MET A 12 11.12 -11.64 5.99
CA MET A 12 10.71 -12.53 7.07
C MET A 12 9.37 -12.08 7.66
N SER A 13 9.26 -10.79 7.93
CA SER A 13 8.04 -10.24 8.50
C SER A 13 7.04 -9.87 7.40
N SER A 14 5.75 -10.02 7.70
CA SER A 14 4.70 -9.71 6.74
C SER A 14 4.35 -8.22 6.78
N VAL A 15 4.91 -7.46 5.84
CA VAL A 15 4.67 -6.03 5.76
C VAL A 15 3.92 -5.67 4.49
N LYS A 16 2.84 -4.90 4.64
CA LYS A 16 2.03 -4.49 3.50
C LYS A 16 1.79 -2.98 3.53
N ILE A 17 2.29 -2.28 2.52
CA ILE A 17 2.13 -0.84 2.43
C ILE A 17 2.05 -0.38 0.97
N LEU A 18 0.99 0.33 0.64
CA LEU A 18 0.79 0.83 -0.72
C LEU A 18 0.81 2.35 -0.75
N TYR A 19 1.84 2.92 -1.36
CA TYR A 19 1.99 4.36 -1.46
C TYR A 19 1.35 4.89 -2.75
N VAL A 20 0.39 5.79 -2.60
CA VAL A 20 -0.30 6.37 -3.75
C VAL A 20 0.10 7.83 -3.95
N ARG A 21 0.63 8.14 -5.12
CA ARG A 21 1.05 9.49 -5.44
C ARG A 21 0.22 10.07 -6.58
N ASN A 22 0.22 11.39 -6.69
CA ASN A 22 -0.54 12.08 -7.74
C ASN A 22 -2.04 11.99 -7.46
N LEU A 23 -2.43 12.31 -6.24
CA LEU A 23 -3.83 12.28 -5.85
C LEU A 23 -4.42 13.69 -5.82
N MET A 24 -5.51 13.88 -6.56
CA MET A 24 -6.17 15.18 -6.62
C MET A 24 -6.66 15.60 -5.25
N LEU A 25 -6.54 16.89 -4.94
CA LEU A 25 -6.96 17.43 -3.66
C LEU A 25 -8.48 17.31 -3.50
N SER A 26 -9.19 17.24 -4.62
CA SER A 26 -10.64 17.12 -4.59
C SER A 26 -11.07 15.67 -4.40
N THR A 27 -10.13 14.84 -3.97
CA THR A 27 -10.40 13.42 -3.74
C THR A 27 -10.58 13.13 -2.25
N SER A 28 -11.52 12.24 -1.94
CA SER A 28 -11.79 11.88 -0.55
C SER A 28 -11.37 10.43 -0.28
N GLU A 29 -10.93 10.17 0.94
CA GLU A 29 -10.50 8.83 1.32
C GLU A 29 -11.47 7.77 0.79
N GLU A 30 -12.76 8.02 0.99
CA GLU A 30 -13.78 7.09 0.54
C GLU A 30 -13.44 6.52 -0.83
N MET A 31 -13.02 7.39 -1.74
CA MET A 31 -12.66 6.96 -3.09
C MET A 31 -11.46 6.02 -3.06
N ILE A 32 -10.47 6.36 -2.25
CA ILE A 32 -9.28 5.53 -2.13
C ILE A 32 -9.60 4.17 -1.54
N GLU A 33 -10.54 4.14 -0.59
CA GLU A 33 -10.95 2.90 0.05
C GLU A 33 -11.68 1.99 -0.94
N LYS A 34 -12.76 2.51 -1.51
CA LYS A 34 -13.56 1.75 -2.47
C LYS A 34 -12.68 1.19 -3.58
N GLU A 35 -11.81 2.04 -4.13
CA GLU A 35 -10.91 1.61 -5.20
C GLU A 35 -10.07 0.41 -4.77
N PHE A 36 -9.44 0.53 -3.61
CA PHE A 36 -8.60 -0.54 -3.09
C PHE A 36 -9.45 -1.70 -2.58
N ASN A 37 -10.72 -1.42 -2.30
CA ASN A 37 -11.64 -2.43 -1.82
C ASN A 37 -12.37 -3.11 -2.98
N ASN A 38 -12.23 -2.54 -4.17
CA ASN A 38 -12.87 -3.09 -5.36
C ASN A 38 -12.17 -4.37 -5.81
N ILE A 39 -10.96 -4.58 -5.32
CA ILE A 39 -10.19 -5.77 -5.67
C ILE A 39 -10.64 -6.97 -4.84
N LYS A 40 -10.61 -6.83 -3.53
CA LYS A 40 -11.01 -7.90 -2.62
C LYS A 40 -11.73 -7.34 -1.40
N PRO A 41 -12.95 -7.84 -1.15
CA PRO A 41 -13.76 -7.41 -0.01
C PRO A 41 -13.18 -7.87 1.32
N GLY A 42 -12.85 -6.92 2.20
CA GLY A 42 -12.30 -7.25 3.50
C GLY A 42 -10.79 -7.40 3.45
N ALA A 43 -10.14 -6.62 2.60
CA ALA A 43 -8.69 -6.67 2.47
C ALA A 43 -8.04 -5.42 3.06
N VAL A 44 -8.48 -4.26 2.59
CA VAL A 44 -7.93 -2.99 3.07
C VAL A 44 -8.13 -2.84 4.57
N GLU A 45 -7.14 -2.26 5.23
CA GLU A 45 -7.21 -2.05 6.68
C GLU A 45 -7.54 -0.61 7.01
N ARG A 46 -6.66 0.30 6.61
CA ARG A 46 -6.85 1.73 6.86
C ARG A 46 -6.34 2.57 5.70
N VAL A 47 -6.92 3.75 5.53
CA VAL A 47 -6.51 4.65 4.46
C VAL A 47 -6.16 6.03 5.00
N LYS A 48 -4.98 6.53 4.65
CA LYS A 48 -4.53 7.84 5.09
C LYS A 48 -4.29 8.77 3.91
N LYS A 49 -5.21 9.71 3.70
CA LYS A 49 -5.10 10.65 2.60
C LYS A 49 -4.13 11.78 2.95
N ILE A 50 -3.39 12.26 1.96
CA ILE A 50 -2.44 13.33 2.16
C ILE A 50 -2.53 14.38 1.05
N ARG A 51 -1.81 15.48 1.22
CA ARG A 51 -1.81 16.55 0.23
C ARG A 51 -2.01 15.99 -1.18
N ASP A 52 -0.97 15.38 -1.71
CA ASP A 52 -1.03 14.80 -3.05
C ASP A 52 -0.63 13.33 -3.03
N TYR A 53 -0.75 12.71 -1.87
CA TYR A 53 -0.39 11.31 -1.71
C TYR A 53 -1.21 10.66 -0.59
N ALA A 54 -1.01 9.36 -0.40
CA ALA A 54 -1.73 8.62 0.64
C ALA A 54 -1.08 7.27 0.89
N PHE A 55 -1.53 6.59 1.94
CA PHE A 55 -1.00 5.28 2.30
C PHE A 55 -2.11 4.30 2.63
N VAL A 56 -2.01 3.09 2.09
CA VAL A 56 -3.01 2.06 2.33
C VAL A 56 -2.40 0.84 2.99
N HIS A 57 -3.01 0.38 4.08
CA HIS A 57 -2.53 -0.78 4.80
C HIS A 57 -3.40 -2.01 4.54
N PHE A 58 -2.82 -3.19 4.69
CA PHE A 58 -3.54 -4.43 4.46
C PHE A 58 -3.26 -5.44 5.56
N SER A 59 -3.80 -6.65 5.40
CA SER A 59 -3.61 -7.71 6.39
C SER A 59 -2.36 -8.52 6.07
N ASN A 60 -2.05 -8.65 4.78
CA ASN A 60 -0.88 -9.40 4.35
C ASN A 60 -0.36 -8.86 3.01
N ARG A 61 0.97 -8.89 2.85
CA ARG A 61 1.60 -8.40 1.63
C ARG A 61 0.94 -9.01 0.41
N GLU A 62 0.41 -10.22 0.56
CA GLU A 62 -0.25 -10.93 -0.54
C GLU A 62 -1.35 -10.06 -1.15
N ASP A 63 -2.36 -9.75 -0.34
CA ASP A 63 -3.47 -8.93 -0.80
C ASP A 63 -3.00 -7.56 -1.26
N ALA A 64 -2.03 -7.01 -0.54
CA ALA A 64 -1.49 -5.70 -0.88
C ALA A 64 -0.78 -5.73 -2.24
N VAL A 65 -0.14 -6.86 -2.54
CA VAL A 65 0.57 -7.01 -3.80
C VAL A 65 -0.41 -7.08 -4.97
N GLU A 66 -1.52 -7.77 -4.77
CA GLU A 66 -2.53 -7.92 -5.80
C GLU A 66 -3.22 -6.58 -6.08
N ALA A 67 -3.69 -5.94 -5.02
CA ALA A 67 -4.37 -4.66 -5.15
C ALA A 67 -3.49 -3.64 -5.87
N MET A 68 -2.20 -3.65 -5.54
CA MET A 68 -1.25 -2.72 -6.16
C MET A 68 -1.19 -2.94 -7.66
N LYS A 69 -1.10 -4.20 -8.08
CA LYS A 69 -1.04 -4.53 -9.50
C LYS A 69 -2.40 -4.37 -10.15
N ALA A 70 -3.46 -4.37 -9.34
CA ALA A 70 -4.81 -4.22 -9.84
C ALA A 70 -5.12 -2.77 -10.18
N LEU A 71 -4.64 -1.86 -9.34
CA LEU A 71 -4.86 -0.43 -9.56
C LEU A 71 -3.68 0.20 -10.29
N ASN A 72 -2.53 -0.45 -10.22
CA ASN A 72 -1.32 0.05 -10.87
C ASN A 72 -1.61 0.43 -12.33
N GLY A 73 -1.86 1.72 -12.55
CA GLY A 73 -2.13 2.19 -13.88
C GLY A 73 -3.56 2.71 -14.03
N LYS A 74 -4.10 3.25 -12.94
CA LYS A 74 -5.46 3.77 -12.95
C LYS A 74 -5.45 5.30 -12.91
N VAL A 75 -6.56 5.91 -13.32
CA VAL A 75 -6.68 7.36 -13.31
C VAL A 75 -7.89 7.81 -12.49
N LEU A 76 -7.61 8.39 -11.33
CA LEU A 76 -8.66 8.87 -10.45
C LEU A 76 -8.80 10.39 -10.54
N ASP A 77 -10.00 10.88 -10.25
CA ASP A 77 -10.26 12.32 -10.30
C ASP A 77 -9.60 12.95 -11.52
N GLY A 78 -9.41 12.16 -12.56
CA GLY A 78 -8.79 12.66 -13.78
C GLY A 78 -7.29 12.88 -13.61
N SER A 79 -6.65 11.97 -12.89
CA SER A 79 -5.20 12.08 -12.66
C SER A 79 -4.57 10.69 -12.58
N PRO A 80 -3.40 10.54 -13.22
CA PRO A 80 -2.66 9.27 -13.24
C PRO A 80 -2.07 8.93 -11.88
N ILE A 81 -2.72 8.02 -11.17
CA ILE A 81 -2.27 7.60 -9.86
C ILE A 81 -1.33 6.41 -9.96
N GLU A 82 -0.36 6.33 -9.04
CA GLU A 82 0.60 5.24 -9.03
C GLU A 82 0.62 4.54 -7.67
N VAL A 83 0.58 3.22 -7.68
CA VAL A 83 0.60 2.43 -6.46
C VAL A 83 1.87 1.59 -6.36
N THR A 84 2.67 1.88 -5.34
CA THR A 84 3.93 1.15 -5.13
C THR A 84 4.05 0.68 -3.68
N LEU A 85 5.03 -0.17 -3.44
CA LEU A 85 5.27 -0.69 -2.09
C LEU A 85 6.21 0.22 -1.30
N ALA A 86 5.63 1.06 -0.45
CA ALA A 86 6.43 1.98 0.36
C ALA A 86 7.24 1.23 1.41
N LYS A 87 8.50 1.63 1.59
CA LYS A 87 9.38 1.00 2.56
C LYS A 87 9.24 1.66 3.92
N PRO A 88 9.34 0.85 4.98
CA PRO A 88 9.23 1.33 6.37
C PRO A 88 10.44 2.17 6.78
N VAL A 89 10.19 3.23 7.54
CA VAL A 89 11.25 4.11 8.01
C VAL A 89 11.77 3.68 9.38
N ASP A 90 13.07 3.50 9.48
CA ASP A 90 13.69 3.09 10.74
C ASP A 90 14.04 4.30 11.60
N LYS A 91 13.15 4.63 12.53
CA LYS A 91 13.35 5.77 13.41
C LYS A 91 12.76 5.50 14.79
N ASP A 92 13.62 5.55 15.81
CA ASP A 92 13.18 5.31 17.18
C ASP A 92 12.52 3.94 17.32
N SER A 93 13.12 2.93 16.67
CA SER A 93 12.59 1.58 16.71
C SER A 93 12.59 1.04 18.14
N SER A 94 11.39 0.92 18.71
CA SER A 94 11.25 0.42 20.07
C SER A 94 12.38 0.94 20.97
N GLY A 95 12.70 2.23 20.81
CA GLY A 95 13.75 2.82 21.60
C GLY A 95 13.37 2.99 23.06
N PRO A 96 12.40 3.87 23.32
CA PRO A 96 11.90 4.14 24.67
C PRO A 96 11.13 2.97 25.26
N SER A 97 11.61 2.45 26.38
CA SER A 97 10.95 1.32 27.04
C SER A 97 9.47 1.61 27.27
N SER A 98 8.62 0.67 26.87
CA SER A 98 7.18 0.82 27.03
C SER A 98 6.56 -0.46 27.58
N GLY A 99 5.79 -0.33 28.66
CA GLY A 99 5.15 -1.47 29.26
C GLY A 99 6.00 -2.13 30.33
N GLY A 1 19.73 2.88 -16.65
CA GLY A 1 20.09 1.48 -16.43
C GLY A 1 19.22 0.83 -15.36
N SER A 2 18.85 -0.43 -15.60
CA SER A 2 18.02 -1.16 -14.66
C SER A 2 18.48 -2.60 -14.54
N SER A 3 19.03 -2.94 -13.37
CA SER A 3 19.52 -4.30 -13.12
C SER A 3 18.37 -5.31 -13.14
N GLY A 4 18.71 -6.58 -13.26
CA GLY A 4 17.71 -7.63 -13.29
C GLY A 4 17.47 -8.24 -11.93
N SER A 5 16.22 -8.21 -11.48
CA SER A 5 15.86 -8.77 -10.18
C SER A 5 15.04 -10.05 -10.34
N SER A 6 15.56 -11.15 -9.83
CA SER A 6 14.88 -12.44 -9.92
C SER A 6 13.73 -12.51 -8.91
N GLY A 7 13.94 -11.90 -7.75
CA GLY A 7 12.91 -11.91 -6.72
C GLY A 7 13.47 -12.26 -5.35
N ASP A 8 13.76 -11.24 -4.56
CA ASP A 8 14.31 -11.44 -3.22
C ASP A 8 13.22 -11.92 -2.26
N GLU A 9 12.23 -11.07 -2.02
CA GLU A 9 11.13 -11.40 -1.12
C GLU A 9 11.64 -12.01 0.17
N ASP A 10 12.74 -11.44 0.68
CA ASP A 10 13.34 -11.93 1.92
C ASP A 10 13.18 -10.91 3.05
N THR A 11 12.01 -10.91 3.68
CA THR A 11 11.73 -9.98 4.76
C THR A 11 11.36 -10.72 6.04
N MET A 12 12.19 -10.56 7.07
CA MET A 12 11.96 -11.22 8.35
C MET A 12 10.52 -11.00 8.81
N SER A 13 10.06 -9.76 8.75
CA SER A 13 8.70 -9.42 9.17
C SER A 13 7.83 -9.08 7.96
N SER A 14 6.78 -9.86 7.77
CA SER A 14 5.86 -9.64 6.65
C SER A 14 5.24 -8.25 6.72
N VAL A 15 5.73 -7.35 5.87
CA VAL A 15 5.22 -5.98 5.83
C VAL A 15 4.45 -5.72 4.54
N LYS A 16 3.32 -5.03 4.67
CA LYS A 16 2.49 -4.70 3.52
C LYS A 16 2.03 -3.24 3.56
N ILE A 17 2.46 -2.47 2.57
CA ILE A 17 2.10 -1.05 2.50
C ILE A 17 1.99 -0.59 1.05
N LEU A 18 0.94 0.17 0.76
CA LEU A 18 0.72 0.69 -0.59
C LEU A 18 0.70 2.22 -0.60
N TYR A 19 1.74 2.82 -1.14
CA TYR A 19 1.84 4.27 -1.21
C TYR A 19 1.26 4.79 -2.52
N VAL A 20 0.37 5.77 -2.40
CA VAL A 20 -0.27 6.36 -3.58
C VAL A 20 0.12 7.83 -3.74
N ARG A 21 0.45 8.22 -4.96
CA ARG A 21 0.84 9.60 -5.25
C ARG A 21 0.03 10.16 -6.41
N ASN A 22 0.04 11.49 -6.54
CA ASN A 22 -0.69 12.15 -7.62
C ASN A 22 -2.20 12.07 -7.38
N LEU A 23 -2.62 12.39 -6.16
CA LEU A 23 -4.03 12.37 -5.81
C LEU A 23 -4.61 13.77 -5.77
N MET A 24 -5.66 14.00 -6.56
CA MET A 24 -6.32 15.30 -6.62
C MET A 24 -6.88 15.68 -5.25
N LEU A 25 -6.45 16.83 -4.75
CA LEU A 25 -6.92 17.31 -3.45
C LEU A 25 -8.43 17.17 -3.32
N SER A 26 -9.12 17.23 -4.45
CA SER A 26 -10.58 17.10 -4.46
C SER A 26 -11.01 15.72 -4.01
N THR A 27 -10.24 14.71 -4.42
CA THR A 27 -10.53 13.33 -4.07
C THR A 27 -10.56 13.14 -2.55
N SER A 28 -11.27 12.11 -2.10
CA SER A 28 -11.38 11.82 -0.67
C SER A 28 -11.05 10.37 -0.38
N GLU A 29 -10.87 10.06 0.90
CA GLU A 29 -10.53 8.70 1.31
C GLU A 29 -11.56 7.71 0.77
N GLU A 30 -12.83 7.96 1.06
CA GLU A 30 -13.90 7.08 0.60
C GLU A 30 -13.62 6.56 -0.80
N MET A 31 -13.08 7.42 -1.65
CA MET A 31 -12.76 7.05 -3.03
C MET A 31 -11.56 6.11 -3.07
N ILE A 32 -10.57 6.38 -2.23
CA ILE A 32 -9.37 5.55 -2.16
C ILE A 32 -9.69 4.16 -1.61
N GLU A 33 -10.54 4.13 -0.59
CA GLU A 33 -10.92 2.87 0.04
C GLU A 33 -11.81 2.05 -0.89
N LYS A 34 -12.92 2.65 -1.33
CA LYS A 34 -13.85 1.98 -2.22
C LYS A 34 -13.11 1.34 -3.41
N GLU A 35 -12.22 2.11 -4.01
CA GLU A 35 -11.45 1.63 -5.15
C GLU A 35 -10.61 0.42 -4.77
N PHE A 36 -9.84 0.56 -3.69
CA PHE A 36 -8.99 -0.53 -3.22
C PHE A 36 -9.83 -1.72 -2.73
N ASN A 37 -11.06 -1.43 -2.33
CA ASN A 37 -11.97 -2.47 -1.84
C ASN A 37 -12.41 -3.37 -2.99
N ASN A 38 -12.81 -2.76 -4.10
CA ASN A 38 -13.27 -3.51 -5.26
C ASN A 38 -12.47 -4.79 -5.43
N ILE A 39 -11.16 -4.70 -5.23
CA ILE A 39 -10.28 -5.86 -5.36
C ILE A 39 -10.72 -6.99 -4.44
N LYS A 40 -10.67 -6.74 -3.13
CA LYS A 40 -11.08 -7.74 -2.15
C LYS A 40 -11.81 -7.09 -0.98
N PRO A 41 -12.92 -7.72 -0.55
CA PRO A 41 -13.73 -7.21 0.56
C PRO A 41 -13.02 -7.34 1.90
N GLY A 42 -13.03 -6.26 2.69
CA GLY A 42 -12.38 -6.27 3.98
C GLY A 42 -10.89 -6.51 3.88
N ALA A 43 -10.27 -5.96 2.85
CA ALA A 43 -8.84 -6.11 2.64
C ALA A 43 -8.07 -4.89 3.14
N VAL A 44 -8.58 -3.71 2.84
CA VAL A 44 -7.95 -2.46 3.26
C VAL A 44 -8.08 -2.26 4.77
N GLU A 45 -6.94 -2.20 5.44
CA GLU A 45 -6.92 -2.02 6.89
C GLU A 45 -7.16 -0.56 7.25
N ARG A 46 -6.31 0.32 6.73
CA ARG A 46 -6.42 1.75 7.00
C ARG A 46 -6.03 2.56 5.78
N VAL A 47 -6.63 3.74 5.64
CA VAL A 47 -6.36 4.62 4.50
C VAL A 47 -6.14 6.06 4.97
N LYS A 48 -4.91 6.53 4.85
CA LYS A 48 -4.56 7.89 5.25
C LYS A 48 -4.32 8.78 4.04
N LYS A 49 -5.15 9.80 3.90
CA LYS A 49 -5.03 10.73 2.77
C LYS A 49 -4.04 11.84 3.09
N ILE A 50 -3.26 12.25 2.09
CA ILE A 50 -2.28 13.30 2.26
C ILE A 50 -2.39 14.35 1.16
N ARG A 51 -1.64 15.44 1.29
CA ARG A 51 -1.65 16.52 0.31
C ARG A 51 -1.96 15.96 -1.09
N ASP A 52 -0.98 15.28 -1.67
CA ASP A 52 -1.15 14.70 -3.00
C ASP A 52 -0.85 13.21 -2.98
N TYR A 53 -0.52 12.69 -1.81
CA TYR A 53 -0.20 11.27 -1.66
C TYR A 53 -1.09 10.64 -0.59
N ALA A 54 -0.95 9.32 -0.42
CA ALA A 54 -1.73 8.59 0.57
C ALA A 54 -1.08 7.26 0.91
N PHE A 55 -1.62 6.57 1.90
CA PHE A 55 -1.09 5.28 2.33
C PHE A 55 -2.21 4.29 2.57
N VAL A 56 -2.03 3.06 2.08
CA VAL A 56 -3.04 2.02 2.24
C VAL A 56 -2.40 0.73 2.77
N HIS A 57 -2.95 0.22 3.86
CA HIS A 57 -2.44 -1.01 4.47
C HIS A 57 -3.35 -2.18 4.16
N PHE A 58 -2.81 -3.39 4.27
CA PHE A 58 -3.56 -4.61 3.99
C PHE A 58 -3.36 -5.64 5.09
N SER A 59 -4.19 -6.68 5.07
CA SER A 59 -4.10 -7.75 6.07
C SER A 59 -2.91 -8.67 5.78
N ASN A 60 -2.67 -8.94 4.51
CA ASN A 60 -1.58 -9.81 4.10
C ASN A 60 -0.90 -9.26 2.85
N ARG A 61 0.40 -9.53 2.73
CA ARG A 61 1.17 -9.06 1.59
C ARG A 61 0.49 -9.46 0.28
N GLU A 62 0.23 -10.76 0.12
CA GLU A 62 -0.41 -11.28 -1.07
C GLU A 62 -1.44 -10.28 -1.61
N ASP A 63 -2.44 -9.97 -0.79
CA ASP A 63 -3.48 -9.03 -1.18
C ASP A 63 -2.88 -7.69 -1.60
N ALA A 64 -2.04 -7.12 -0.74
CA ALA A 64 -1.40 -5.85 -1.02
C ALA A 64 -0.79 -5.84 -2.43
N VAL A 65 -0.08 -6.92 -2.76
CA VAL A 65 0.55 -7.03 -4.08
C VAL A 65 -0.49 -6.93 -5.19
N GLU A 66 -1.53 -7.76 -5.10
CA GLU A 66 -2.59 -7.76 -6.11
C GLU A 66 -3.14 -6.35 -6.32
N ALA A 67 -3.57 -5.72 -5.24
CA ALA A 67 -4.11 -4.37 -5.31
C ALA A 67 -3.10 -3.39 -5.91
N MET A 68 -1.81 -3.67 -5.67
CA MET A 68 -0.75 -2.81 -6.18
C MET A 68 -0.71 -2.86 -7.70
N LYS A 69 -0.53 -4.06 -8.25
CA LYS A 69 -0.47 -4.24 -9.69
C LYS A 69 -1.84 -3.95 -10.34
N ALA A 70 -2.90 -4.27 -9.61
CA ALA A 70 -4.26 -4.04 -10.11
C ALA A 70 -4.50 -2.55 -10.37
N LEU A 71 -4.32 -1.74 -9.34
CA LEU A 71 -4.52 -0.31 -9.45
C LEU A 71 -3.37 0.36 -10.18
N ASN A 72 -2.16 -0.15 -9.97
CA ASN A 72 -0.96 0.39 -10.61
C ASN A 72 -1.25 0.71 -12.08
N GLY A 73 -1.35 2.00 -12.38
CA GLY A 73 -1.61 2.42 -13.75
C GLY A 73 -3.06 2.77 -13.98
N LYS A 74 -3.68 3.40 -12.98
CA LYS A 74 -5.08 3.80 -13.08
C LYS A 74 -5.22 5.32 -13.07
N VAL A 75 -6.28 5.81 -13.68
CA VAL A 75 -6.53 7.25 -13.75
C VAL A 75 -7.83 7.62 -13.03
N LEU A 76 -7.72 7.99 -11.76
CA LEU A 76 -8.88 8.37 -10.97
C LEU A 76 -9.10 9.88 -11.01
N ASP A 77 -10.35 10.30 -10.82
CA ASP A 77 -10.68 11.71 -10.82
C ASP A 77 -9.95 12.45 -11.94
N GLY A 78 -9.58 11.71 -12.98
CA GLY A 78 -8.88 12.30 -14.10
C GLY A 78 -7.42 12.58 -13.79
N SER A 79 -6.79 11.67 -13.05
CA SER A 79 -5.39 11.82 -12.68
C SER A 79 -4.69 10.47 -12.62
N PRO A 80 -3.51 10.39 -13.22
CA PRO A 80 -2.71 9.15 -13.25
C PRO A 80 -2.14 8.79 -11.88
N ILE A 81 -2.94 8.09 -11.08
CA ILE A 81 -2.50 7.69 -9.75
C ILE A 81 -1.47 6.57 -9.81
N GLU A 82 -0.58 6.54 -8.83
CA GLU A 82 0.47 5.52 -8.78
C GLU A 82 0.33 4.67 -7.51
N VAL A 83 0.87 3.46 -7.56
CA VAL A 83 0.82 2.55 -6.42
C VAL A 83 2.10 1.73 -6.32
N THR A 84 2.81 1.90 -5.20
CA THR A 84 4.05 1.17 -4.97
C THR A 84 4.20 0.80 -3.50
N LEU A 85 5.10 -0.16 -3.23
CA LEU A 85 5.33 -0.61 -1.87
C LEU A 85 6.20 0.39 -1.10
N ALA A 86 5.55 1.20 -0.28
CA ALA A 86 6.26 2.21 0.52
C ALA A 86 7.13 1.54 1.58
N LYS A 87 8.44 1.67 1.43
CA LYS A 87 9.38 1.09 2.37
C LYS A 87 9.53 1.97 3.61
N PRO A 88 9.56 1.34 4.79
CA PRO A 88 9.70 2.04 6.07
C PRO A 88 11.08 2.65 6.24
N VAL A 89 11.13 3.84 6.86
CA VAL A 89 12.39 4.53 7.09
C VAL A 89 12.81 4.43 8.56
N ASP A 90 13.85 3.63 8.81
CA ASP A 90 14.35 3.44 10.16
C ASP A 90 15.75 2.84 10.14
N LYS A 91 16.53 3.14 11.18
CA LYS A 91 17.89 2.62 11.28
C LYS A 91 17.94 1.36 12.13
N ASP A 92 19.06 0.64 12.07
CA ASP A 92 19.22 -0.58 12.84
C ASP A 92 20.32 -0.42 13.88
N SER A 93 20.02 -0.79 15.13
CA SER A 93 20.98 -0.69 16.22
C SER A 93 21.81 -1.96 16.32
N SER A 94 23.12 -1.78 16.53
CA SER A 94 24.03 -2.91 16.64
C SER A 94 24.20 -3.33 18.10
N GLY A 95 24.14 -4.64 18.34
CA GLY A 95 24.29 -5.15 19.70
C GLY A 95 23.27 -6.23 20.02
N PRO A 96 23.64 -7.49 19.80
CA PRO A 96 22.76 -8.64 20.06
C PRO A 96 22.54 -8.87 21.55
N SER A 97 23.30 -8.15 22.37
CA SER A 97 23.19 -8.28 23.82
C SER A 97 23.15 -6.90 24.49
N SER A 98 22.66 -6.86 25.72
CA SER A 98 22.56 -5.62 26.46
C SER A 98 23.77 -4.74 26.22
N GLY A 99 23.61 -3.44 26.48
CA GLY A 99 24.71 -2.51 26.26
C GLY A 99 25.78 -2.62 27.33
N GLY A 1 7.50 11.23 -2.57
CA GLY A 1 7.75 12.19 -1.52
C GLY A 1 9.14 12.08 -0.93
N SER A 2 9.60 10.84 -0.74
CA SER A 2 10.93 10.59 -0.19
C SER A 2 11.49 9.26 -0.68
N SER A 3 12.71 9.29 -1.16
CA SER A 3 13.36 8.08 -1.67
C SER A 3 14.73 7.88 -1.01
N GLY A 4 15.18 6.63 -0.97
CA GLY A 4 16.46 6.32 -0.37
C GLY A 4 17.32 5.42 -1.25
N SER A 5 17.62 4.23 -0.76
CA SER A 5 18.44 3.29 -1.50
C SER A 5 17.67 2.71 -2.68
N SER A 6 18.39 2.04 -3.59
CA SER A 6 17.77 1.44 -4.77
C SER A 6 17.80 -0.08 -4.67
N GLY A 7 18.87 -0.61 -4.09
CA GLY A 7 19.01 -2.05 -3.95
C GLY A 7 19.33 -2.46 -2.53
N ASP A 8 18.48 -3.31 -1.95
CA ASP A 8 18.68 -3.78 -0.59
C ASP A 8 18.24 -5.24 -0.45
N GLU A 9 18.78 -5.92 0.56
CA GLU A 9 18.44 -7.32 0.79
C GLU A 9 16.98 -7.48 1.15
N ASP A 10 16.34 -8.51 0.61
CA ASP A 10 14.93 -8.77 0.86
C ASP A 10 14.69 -8.99 2.35
N THR A 11 14.03 -8.03 2.99
CA THR A 11 13.74 -8.11 4.42
C THR A 11 12.90 -9.35 4.73
N MET A 12 12.86 -9.73 6.00
CA MET A 12 12.10 -10.89 6.42
C MET A 12 10.73 -10.49 6.96
N SER A 13 10.72 -9.57 7.93
CA SER A 13 9.48 -9.09 8.53
C SER A 13 8.41 -8.90 7.46
N SER A 14 7.26 -9.53 7.65
CA SER A 14 6.15 -9.43 6.70
C SER A 14 5.47 -8.07 6.81
N VAL A 15 5.80 -7.17 5.89
CA VAL A 15 5.22 -5.84 5.88
C VAL A 15 4.45 -5.58 4.58
N LYS A 16 3.30 -4.92 4.71
CA LYS A 16 2.47 -4.60 3.55
C LYS A 16 2.01 -3.16 3.58
N ILE A 17 2.44 -2.38 2.59
CA ILE A 17 2.07 -0.97 2.52
C ILE A 17 1.96 -0.51 1.07
N LEU A 18 0.87 0.17 0.74
CA LEU A 18 0.65 0.68 -0.61
C LEU A 18 0.64 2.20 -0.64
N TYR A 19 1.68 2.78 -1.21
CA TYR A 19 1.79 4.24 -1.30
C TYR A 19 1.19 4.75 -2.60
N VAL A 20 0.39 5.81 -2.51
CA VAL A 20 -0.25 6.39 -3.68
C VAL A 20 0.15 7.86 -3.84
N ARG A 21 0.55 8.23 -5.05
CA ARG A 21 0.96 9.59 -5.34
C ARG A 21 0.14 10.17 -6.49
N ASN A 22 0.17 11.49 -6.62
CA ASN A 22 -0.57 12.17 -7.67
C ASN A 22 -2.07 12.10 -7.41
N LEU A 23 -2.48 12.47 -6.21
CA LEU A 23 -3.89 12.45 -5.84
C LEU A 23 -4.44 13.86 -5.72
N MET A 24 -5.47 14.16 -6.51
CA MET A 24 -6.10 15.47 -6.49
C MET A 24 -6.65 15.80 -5.10
N LEU A 25 -6.40 17.01 -4.63
CA LEU A 25 -6.86 17.44 -3.32
C LEU A 25 -8.38 17.25 -3.19
N SER A 26 -9.07 17.27 -4.33
CA SER A 26 -10.52 17.10 -4.34
C SER A 26 -10.90 15.70 -3.88
N THR A 27 -10.13 14.71 -4.31
CA THR A 27 -10.39 13.32 -3.94
C THR A 27 -10.34 13.14 -2.43
N SER A 28 -11.15 12.21 -1.92
CA SER A 28 -11.19 11.94 -0.50
C SER A 28 -10.84 10.48 -0.20
N GLU A 29 -10.52 10.19 1.05
CA GLU A 29 -10.17 8.84 1.46
C GLU A 29 -11.24 7.84 1.02
N GLU A 30 -12.48 8.10 1.41
CA GLU A 30 -13.60 7.22 1.06
C GLU A 30 -13.41 6.66 -0.35
N MET A 31 -13.01 7.52 -1.28
CA MET A 31 -12.80 7.11 -2.67
C MET A 31 -11.68 6.08 -2.76
N ILE A 32 -10.58 6.35 -2.08
CA ILE A 32 -9.43 5.45 -2.09
C ILE A 32 -9.78 4.11 -1.45
N GLU A 33 -10.72 4.14 -0.51
CA GLU A 33 -11.14 2.92 0.17
C GLU A 33 -11.96 2.02 -0.76
N LYS A 34 -13.01 2.60 -1.35
CA LYS A 34 -13.86 1.85 -2.26
C LYS A 34 -13.07 1.30 -3.44
N GLU A 35 -12.16 2.12 -3.96
CA GLU A 35 -11.32 1.70 -5.09
C GLU A 35 -10.45 0.51 -4.71
N PHE A 36 -9.70 0.65 -3.63
CA PHE A 36 -8.83 -0.42 -3.16
C PHE A 36 -9.64 -1.61 -2.65
N ASN A 37 -10.84 -1.32 -2.15
CA ASN A 37 -11.71 -2.36 -1.63
C ASN A 37 -12.46 -3.06 -2.76
N ASN A 38 -12.61 -2.36 -3.88
CA ASN A 38 -13.31 -2.92 -5.03
C ASN A 38 -12.62 -4.20 -5.53
N ILE A 39 -11.30 -4.25 -5.37
CA ILE A 39 -10.53 -5.40 -5.80
C ILE A 39 -10.88 -6.64 -4.96
N LYS A 40 -10.74 -6.53 -3.65
CA LYS A 40 -11.05 -7.62 -2.75
C LYS A 40 -11.69 -7.11 -1.46
N PRO A 41 -12.80 -7.76 -1.07
CA PRO A 41 -13.54 -7.38 0.15
C PRO A 41 -12.76 -7.73 1.42
N GLY A 42 -12.71 -6.78 2.34
CA GLY A 42 -12.00 -7.01 3.60
C GLY A 42 -10.50 -7.17 3.39
N ALA A 43 -9.94 -6.37 2.49
CA ALA A 43 -8.52 -6.44 2.21
C ALA A 43 -7.80 -5.19 2.71
N VAL A 44 -8.53 -4.08 2.79
CA VAL A 44 -7.96 -2.82 3.25
C VAL A 44 -8.16 -2.65 4.76
N GLU A 45 -7.07 -2.36 5.45
CA GLU A 45 -7.12 -2.17 6.91
C GLU A 45 -7.42 -0.72 7.25
N ARG A 46 -6.61 0.20 6.73
CA ARG A 46 -6.80 1.62 6.99
C ARG A 46 -6.29 2.46 5.82
N VAL A 47 -6.89 3.62 5.63
CA VAL A 47 -6.50 4.52 4.55
C VAL A 47 -6.22 5.92 5.06
N LYS A 48 -5.16 6.54 4.55
CA LYS A 48 -4.79 7.88 4.96
C LYS A 48 -4.49 8.76 3.74
N LYS A 49 -5.30 9.80 3.57
CA LYS A 49 -5.13 10.71 2.44
C LYS A 49 -4.14 11.82 2.79
N ILE A 50 -3.38 12.27 1.79
CA ILE A 50 -2.40 13.33 1.99
C ILE A 50 -2.49 14.39 0.89
N ARG A 51 -1.75 15.48 1.07
CA ARG A 51 -1.75 16.55 0.09
C ARG A 51 -1.96 16.01 -1.32
N ASP A 52 -0.92 15.36 -1.86
CA ASP A 52 -1.00 14.78 -3.20
C ASP A 52 -0.66 13.30 -3.18
N TYR A 53 -0.67 12.72 -1.99
CA TYR A 53 -0.35 11.30 -1.83
C TYR A 53 -1.22 10.66 -0.75
N ALA A 54 -1.06 9.36 -0.55
CA ALA A 54 -1.82 8.62 0.45
C ALA A 54 -1.21 7.27 0.73
N PHE A 55 -1.66 6.62 1.80
CA PHE A 55 -1.14 5.32 2.19
C PHE A 55 -2.29 4.34 2.45
N VAL A 56 -2.08 3.08 2.09
CA VAL A 56 -3.09 2.05 2.29
C VAL A 56 -2.47 0.78 2.85
N HIS A 57 -3.03 0.31 3.97
CA HIS A 57 -2.53 -0.91 4.60
C HIS A 57 -3.43 -2.10 4.30
N PHE A 58 -2.86 -3.30 4.34
CA PHE A 58 -3.61 -4.52 4.05
C PHE A 58 -3.48 -5.51 5.20
N SER A 59 -4.09 -6.68 5.03
CA SER A 59 -4.03 -7.72 6.05
C SER A 59 -2.87 -8.67 5.81
N ASN A 60 -2.52 -8.86 4.54
CA ASN A 60 -1.42 -9.74 4.17
C ASN A 60 -0.67 -9.19 2.96
N ARG A 61 0.59 -9.59 2.82
CA ARG A 61 1.41 -9.15 1.70
C ARG A 61 0.71 -9.39 0.37
N GLU A 62 0.54 -10.66 0.02
CA GLU A 62 -0.12 -11.03 -1.23
C GLU A 62 -1.25 -10.05 -1.56
N ASP A 63 -2.21 -9.92 -0.64
CA ASP A 63 -3.33 -9.01 -0.83
C ASP A 63 -2.85 -7.64 -1.30
N ALA A 64 -1.91 -7.07 -0.56
CA ALA A 64 -1.36 -5.76 -0.89
C ALA A 64 -0.74 -5.76 -2.28
N VAL A 65 0.06 -6.78 -2.57
CA VAL A 65 0.72 -6.90 -3.86
C VAL A 65 -0.31 -6.93 -5.00
N GLU A 66 -1.33 -7.77 -4.84
CA GLU A 66 -2.37 -7.90 -5.84
C GLU A 66 -3.07 -6.56 -6.07
N ALA A 67 -3.56 -5.96 -4.99
CA ALA A 67 -4.24 -4.68 -5.07
C ALA A 67 -3.33 -3.60 -5.64
N MET A 68 -2.04 -3.71 -5.36
CA MET A 68 -1.06 -2.75 -5.84
C MET A 68 -1.06 -2.69 -7.36
N LYS A 69 -0.90 -3.84 -8.00
CA LYS A 69 -0.88 -3.92 -9.45
C LYS A 69 -2.26 -3.62 -10.03
N ALA A 70 -3.27 -4.34 -9.55
CA ALA A 70 -4.64 -4.15 -10.01
C ALA A 70 -4.92 -2.67 -10.29
N LEU A 71 -4.47 -1.81 -9.40
CA LEU A 71 -4.67 -0.37 -9.56
C LEU A 71 -3.52 0.26 -10.31
N ASN A 72 -2.30 -0.18 -10.01
CA ASN A 72 -1.11 0.34 -10.66
C ASN A 72 -1.38 0.66 -12.13
N GLY A 73 -1.34 1.94 -12.48
CA GLY A 73 -1.59 2.35 -13.85
C GLY A 73 -3.04 2.72 -14.08
N LYS A 74 -3.68 3.28 -13.07
CA LYS A 74 -5.09 3.67 -13.17
C LYS A 74 -5.23 5.20 -13.18
N VAL A 75 -6.37 5.68 -13.66
CA VAL A 75 -6.62 7.12 -13.73
C VAL A 75 -7.88 7.48 -12.94
N LEU A 76 -7.69 8.01 -11.74
CA LEU A 76 -8.81 8.41 -10.90
C LEU A 76 -9.06 9.91 -10.99
N ASP A 77 -10.30 10.32 -10.74
CA ASP A 77 -10.67 11.72 -10.79
C ASP A 77 -9.99 12.42 -11.97
N GLY A 78 -9.70 11.65 -13.02
CA GLY A 78 -9.06 12.21 -14.19
C GLY A 78 -7.60 12.55 -13.94
N SER A 79 -6.90 11.67 -13.22
CA SER A 79 -5.50 11.88 -12.91
C SER A 79 -4.76 10.54 -12.80
N PRO A 80 -3.55 10.49 -13.37
CA PRO A 80 -2.72 9.28 -13.34
C PRO A 80 -2.18 8.97 -11.94
N ILE A 81 -2.85 8.05 -11.25
CA ILE A 81 -2.43 7.66 -9.92
C ILE A 81 -1.45 6.50 -9.95
N GLU A 82 -0.54 6.47 -8.99
CA GLU A 82 0.46 5.41 -8.91
C GLU A 82 0.32 4.63 -7.60
N VAL A 83 0.80 3.39 -7.62
CA VAL A 83 0.73 2.54 -6.44
C VAL A 83 1.97 1.64 -6.33
N THR A 84 2.71 1.79 -5.23
CA THR A 84 3.90 1.01 -5.01
C THR A 84 4.02 0.58 -3.56
N LEU A 85 5.03 -0.24 -3.26
CA LEU A 85 5.25 -0.72 -1.90
C LEU A 85 6.11 0.26 -1.11
N ALA A 86 5.54 0.80 -0.03
CA ALA A 86 6.25 1.75 0.81
C ALA A 86 7.30 1.04 1.67
N LYS A 87 8.35 1.76 2.02
CA LYS A 87 9.43 1.20 2.83
C LYS A 87 9.36 1.74 4.26
N PRO A 88 9.23 0.82 5.23
CA PRO A 88 9.14 1.18 6.65
C PRO A 88 10.47 1.70 7.19
N VAL A 89 10.39 2.71 8.07
CA VAL A 89 11.58 3.30 8.66
C VAL A 89 12.01 2.55 9.92
N ASP A 90 13.26 2.14 9.97
CA ASP A 90 13.79 1.41 11.12
C ASP A 90 15.22 1.85 11.43
N LYS A 91 15.45 2.30 12.65
CA LYS A 91 16.77 2.74 13.07
C LYS A 91 17.68 1.55 13.36
N ASP A 92 18.98 1.81 13.51
CA ASP A 92 19.94 0.76 13.78
C ASP A 92 19.70 -0.46 12.89
N SER A 93 19.35 -0.20 11.63
CA SER A 93 19.08 -1.28 10.69
C SER A 93 20.38 -1.85 10.14
N SER A 94 20.38 -3.16 9.88
CA SER A 94 21.56 -3.84 9.36
C SER A 94 21.26 -4.49 8.02
N GLY A 95 22.22 -4.36 7.09
CA GLY A 95 22.04 -4.94 5.78
C GLY A 95 23.10 -5.97 5.44
N PRO A 96 23.06 -7.12 6.16
CA PRO A 96 24.02 -8.20 5.96
C PRO A 96 23.81 -8.91 4.63
N SER A 97 24.86 -9.58 4.16
CA SER A 97 24.79 -10.31 2.89
C SER A 97 25.15 -11.78 3.08
N SER A 98 24.17 -12.65 2.88
CA SER A 98 24.39 -14.09 3.04
C SER A 98 24.82 -14.73 1.72
N GLY A 99 25.73 -15.70 1.81
CA GLY A 99 26.21 -16.37 0.62
C GLY A 99 27.72 -16.45 0.58
N GLY A 1 9.41 -3.19 -9.08
CA GLY A 1 8.30 -2.27 -9.13
C GLY A 1 7.05 -2.89 -9.73
N SER A 2 7.04 -3.01 -11.06
CA SER A 2 5.89 -3.60 -11.76
C SER A 2 6.30 -4.86 -12.51
N SER A 3 5.34 -5.46 -13.20
CA SER A 3 5.59 -6.68 -13.97
C SER A 3 6.61 -7.56 -13.24
N GLY A 4 6.46 -7.69 -11.94
CA GLY A 4 7.38 -8.50 -11.15
C GLY A 4 8.33 -7.67 -10.32
N SER A 5 9.29 -8.33 -9.68
CA SER A 5 10.26 -7.64 -8.85
C SER A 5 11.47 -7.20 -9.67
N SER A 6 12.09 -6.10 -9.25
CA SER A 6 13.26 -5.58 -9.95
C SER A 6 14.54 -5.89 -9.18
N GLY A 7 14.45 -5.87 -7.85
CA GLY A 7 15.59 -6.15 -7.03
C GLY A 7 15.42 -7.40 -6.18
N ASP A 8 16.48 -7.81 -5.51
CA ASP A 8 16.43 -9.00 -4.66
C ASP A 8 16.55 -8.62 -3.19
N GLU A 9 15.42 -8.28 -2.58
CA GLU A 9 15.39 -7.89 -1.17
C GLU A 9 14.31 -8.67 -0.42
N ASP A 10 14.71 -9.78 0.18
CA ASP A 10 13.78 -10.61 0.95
C ASP A 10 13.58 -10.06 2.35
N THR A 11 12.42 -9.47 2.60
CA THR A 11 12.10 -8.90 3.90
C THR A 11 11.63 -9.98 4.87
N MET A 12 12.40 -10.19 5.94
CA MET A 12 12.06 -11.20 6.93
C MET A 12 10.72 -10.86 7.60
N SER A 13 10.57 -9.61 8.01
CA SER A 13 9.34 -9.16 8.66
C SER A 13 8.22 -8.99 7.65
N SER A 14 7.07 -9.59 7.93
CA SER A 14 5.92 -9.50 7.04
C SER A 14 5.30 -8.11 7.07
N VAL A 15 5.66 -7.29 6.08
CA VAL A 15 5.16 -5.93 6.00
C VAL A 15 4.43 -5.70 4.67
N LYS A 16 3.23 -5.11 4.76
CA LYS A 16 2.43 -4.82 3.57
C LYS A 16 1.94 -3.39 3.57
N ILE A 17 2.38 -2.61 2.58
CA ILE A 17 1.99 -1.22 2.47
C ILE A 17 1.91 -0.78 1.01
N LEU A 18 1.03 0.19 0.73
CA LEU A 18 0.86 0.69 -0.62
C LEU A 18 0.77 2.22 -0.63
N TYR A 19 1.80 2.86 -1.15
CA TYR A 19 1.84 4.32 -1.22
C TYR A 19 1.26 4.82 -2.54
N VAL A 20 0.33 5.76 -2.45
CA VAL A 20 -0.31 6.33 -3.63
C VAL A 20 0.07 7.79 -3.80
N ARG A 21 0.56 8.14 -5.00
CA ARG A 21 0.97 9.50 -5.30
C ARG A 21 0.17 10.06 -6.47
N ASN A 22 0.30 11.36 -6.70
CA ASN A 22 -0.41 12.01 -7.79
C ASN A 22 -1.92 11.94 -7.58
N LEU A 23 -2.36 12.29 -6.37
CA LEU A 23 -3.78 12.26 -6.04
C LEU A 23 -4.35 13.68 -5.99
N MET A 24 -5.49 13.87 -6.66
CA MET A 24 -6.14 15.17 -6.68
C MET A 24 -6.74 15.52 -5.33
N LEU A 25 -6.48 16.73 -4.86
CA LEU A 25 -7.00 17.18 -3.56
C LEU A 25 -8.50 16.93 -3.47
N SER A 26 -9.17 16.95 -4.61
CA SER A 26 -10.61 16.73 -4.65
C SER A 26 -10.97 15.33 -4.19
N THR A 27 -10.08 14.38 -4.47
CA THR A 27 -10.29 12.99 -4.08
C THR A 27 -10.26 12.84 -2.56
N SER A 28 -11.19 12.03 -2.03
CA SER A 28 -11.26 11.80 -0.59
C SER A 28 -11.02 10.34 -0.26
N GLU A 29 -10.76 10.06 1.01
CA GLU A 29 -10.51 8.69 1.45
C GLU A 29 -11.53 7.73 0.85
N GLU A 30 -12.80 7.95 1.14
CA GLU A 30 -13.87 7.11 0.62
C GLU A 30 -13.54 6.62 -0.79
N MET A 31 -13.41 7.55 -1.72
CA MET A 31 -13.10 7.21 -3.10
C MET A 31 -12.06 6.10 -3.17
N ILE A 32 -10.91 6.33 -2.54
CA ILE A 32 -9.84 5.34 -2.53
C ILE A 32 -10.28 4.07 -1.82
N GLU A 33 -10.53 4.17 -0.52
CA GLU A 33 -10.96 3.03 0.28
C GLU A 33 -11.93 2.16 -0.51
N LYS A 34 -12.76 2.80 -1.33
CA LYS A 34 -13.74 2.09 -2.14
C LYS A 34 -13.08 1.44 -3.35
N GLU A 35 -12.13 2.15 -3.95
CA GLU A 35 -11.42 1.64 -5.13
C GLU A 35 -10.58 0.42 -4.77
N PHE A 36 -9.81 0.54 -3.69
CA PHE A 36 -8.95 -0.55 -3.23
C PHE A 36 -9.78 -1.73 -2.74
N ASN A 37 -10.83 -1.42 -1.99
CA ASN A 37 -11.72 -2.45 -1.44
C ASN A 37 -12.37 -3.24 -2.56
N ASN A 38 -12.79 -2.54 -3.61
CA ASN A 38 -13.44 -3.18 -4.75
C ASN A 38 -12.72 -4.48 -5.13
N ILE A 39 -11.39 -4.43 -5.12
CA ILE A 39 -10.60 -5.60 -5.47
C ILE A 39 -10.96 -6.79 -4.59
N LYS A 40 -10.83 -6.62 -3.28
CA LYS A 40 -11.14 -7.68 -2.33
C LYS A 40 -11.77 -7.10 -1.07
N PRO A 41 -12.85 -7.75 -0.61
CA PRO A 41 -13.57 -7.34 0.60
C PRO A 41 -12.77 -7.57 1.88
N GLY A 42 -12.72 -6.55 2.74
CA GLY A 42 -11.99 -6.67 3.98
C GLY A 42 -10.49 -6.79 3.76
N ALA A 43 -9.97 -6.04 2.78
CA ALA A 43 -8.55 -6.07 2.47
C ALA A 43 -7.85 -4.84 3.03
N VAL A 44 -8.34 -3.66 2.65
CA VAL A 44 -7.75 -2.41 3.10
C VAL A 44 -8.01 -2.19 4.59
N GLU A 45 -6.94 -2.19 5.37
CA GLU A 45 -7.04 -1.98 6.81
C GLU A 45 -7.34 -0.53 7.14
N ARG A 46 -6.49 0.37 6.66
CA ARG A 46 -6.67 1.79 6.90
C ARG A 46 -6.09 2.62 5.75
N VAL A 47 -6.74 3.73 5.44
CA VAL A 47 -6.30 4.60 4.37
C VAL A 47 -6.03 6.01 4.88
N LYS A 48 -4.79 6.47 4.74
CA LYS A 48 -4.40 7.79 5.19
C LYS A 48 -4.21 8.74 4.00
N LYS A 49 -5.14 9.68 3.85
CA LYS A 49 -5.08 10.64 2.76
C LYS A 49 -4.10 11.76 3.07
N ILE A 50 -3.39 12.22 2.05
CA ILE A 50 -2.41 13.30 2.21
C ILE A 50 -2.53 14.32 1.10
N ARG A 51 -1.79 15.42 1.23
CA ARG A 51 -1.81 16.49 0.24
C ARG A 51 -2.11 15.93 -1.15
N ASP A 52 -1.13 15.24 -1.73
CA ASP A 52 -1.28 14.65 -3.05
C ASP A 52 -0.91 13.18 -3.04
N TYR A 53 -0.93 12.58 -1.85
CA TYR A 53 -0.59 11.16 -1.70
C TYR A 53 -1.37 10.53 -0.55
N ALA A 54 -1.25 9.22 -0.42
CA ALA A 54 -1.95 8.49 0.64
C ALA A 54 -1.30 7.14 0.88
N PHE A 55 -1.61 6.53 2.03
CA PHE A 55 -1.07 5.23 2.38
C PHE A 55 -2.18 4.23 2.65
N VAL A 56 -2.02 3.01 2.12
CA VAL A 56 -3.02 1.97 2.31
C VAL A 56 -2.39 0.73 2.95
N HIS A 57 -3.02 0.24 4.02
CA HIS A 57 -2.54 -0.94 4.72
C HIS A 57 -3.35 -2.17 4.36
N PHE A 58 -2.77 -3.34 4.56
CA PHE A 58 -3.46 -4.60 4.26
C PHE A 58 -3.25 -5.63 5.38
N SER A 59 -3.80 -6.82 5.19
CA SER A 59 -3.68 -7.88 6.18
C SER A 59 -2.57 -8.85 5.80
N ASN A 60 -2.32 -8.97 4.50
CA ASN A 60 -1.29 -9.87 4.00
C ASN A 60 -0.62 -9.30 2.76
N ARG A 61 0.67 -9.59 2.60
CA ARG A 61 1.42 -9.11 1.45
C ARG A 61 0.68 -9.41 0.15
N GLU A 62 0.48 -10.69 -0.13
CA GLU A 62 -0.21 -11.10 -1.35
C GLU A 62 -1.34 -10.13 -1.69
N ASP A 63 -2.19 -9.85 -0.71
CA ASP A 63 -3.31 -8.93 -0.91
C ASP A 63 -2.82 -7.57 -1.41
N ALA A 64 -1.93 -6.94 -0.64
CA ALA A 64 -1.39 -5.64 -1.02
C ALA A 64 -0.77 -5.69 -2.41
N VAL A 65 -0.11 -6.80 -2.71
CA VAL A 65 0.52 -6.97 -4.02
C VAL A 65 -0.50 -7.00 -5.14
N GLU A 66 -1.55 -7.80 -4.95
CA GLU A 66 -2.61 -7.92 -5.94
C GLU A 66 -3.27 -6.57 -6.21
N ALA A 67 -3.67 -5.89 -5.13
CA ALA A 67 -4.31 -4.59 -5.24
C ALA A 67 -3.36 -3.56 -5.83
N MET A 68 -2.06 -3.78 -5.65
CA MET A 68 -1.06 -2.86 -6.17
C MET A 68 -1.08 -2.82 -7.70
N LYS A 69 -0.70 -3.93 -8.32
CA LYS A 69 -0.69 -4.03 -9.77
C LYS A 69 -2.08 -3.79 -10.35
N ALA A 70 -3.11 -4.14 -9.57
CA ALA A 70 -4.49 -3.95 -10.00
C ALA A 70 -4.76 -2.50 -10.38
N LEU A 71 -4.50 -1.59 -9.44
CA LEU A 71 -4.71 -0.17 -9.67
C LEU A 71 -3.54 0.44 -10.44
N ASN A 72 -2.36 -0.11 -10.24
CA ASN A 72 -1.15 0.38 -10.91
C ASN A 72 -1.46 0.73 -12.37
N GLY A 73 -1.55 2.02 -12.64
CA GLY A 73 -1.84 2.47 -14.00
C GLY A 73 -3.26 2.97 -14.15
N LYS A 74 -3.89 3.33 -13.05
CA LYS A 74 -5.26 3.83 -13.06
C LYS A 74 -5.29 5.35 -13.04
N VAL A 75 -6.37 5.92 -13.56
CA VAL A 75 -6.52 7.37 -13.60
C VAL A 75 -7.78 7.82 -12.87
N LEU A 76 -7.61 8.23 -11.61
CA LEU A 76 -8.74 8.69 -10.80
C LEU A 76 -8.91 10.20 -10.88
N ASP A 77 -10.13 10.67 -10.68
CA ASP A 77 -10.41 12.11 -10.73
C ASP A 77 -9.70 12.76 -11.90
N GLY A 78 -9.43 11.98 -12.93
CA GLY A 78 -8.75 12.50 -14.11
C GLY A 78 -7.27 12.75 -13.86
N SER A 79 -6.65 11.86 -13.09
CA SER A 79 -5.23 12.00 -12.78
C SER A 79 -4.57 10.63 -12.66
N PRO A 80 -3.39 10.49 -13.29
CA PRO A 80 -2.63 9.24 -13.28
C PRO A 80 -2.04 8.92 -11.90
N ILE A 81 -2.68 8.01 -11.19
CA ILE A 81 -2.22 7.62 -9.86
C ILE A 81 -1.24 6.47 -9.93
N GLU A 82 -0.28 6.44 -8.99
CA GLU A 82 0.72 5.39 -8.96
C GLU A 82 0.68 4.64 -7.62
N VAL A 83 0.76 3.32 -7.69
CA VAL A 83 0.74 2.50 -6.48
C VAL A 83 2.03 1.69 -6.34
N THR A 84 2.71 1.88 -5.22
CA THR A 84 3.96 1.18 -4.97
C THR A 84 4.06 0.74 -3.51
N LEU A 85 5.03 -0.11 -3.22
CA LEU A 85 5.23 -0.62 -1.86
C LEU A 85 6.12 0.33 -1.05
N ALA A 86 5.50 1.13 -0.20
CA ALA A 86 6.25 2.08 0.63
C ALA A 86 7.16 1.36 1.60
N LYS A 87 8.13 2.09 2.13
CA LYS A 87 9.08 1.52 3.08
C LYS A 87 8.71 1.86 4.51
N PRO A 88 8.90 0.91 5.43
CA PRO A 88 8.59 1.10 6.86
C PRO A 88 9.55 2.09 7.53
N VAL A 89 9.00 2.91 8.42
CA VAL A 89 9.80 3.89 9.14
C VAL A 89 10.55 3.25 10.30
N ASP A 90 11.79 3.68 10.51
CA ASP A 90 12.61 3.15 11.59
C ASP A 90 13.02 4.26 12.56
N LYS A 91 13.67 3.87 13.65
CA LYS A 91 14.12 4.82 14.65
C LYS A 91 15.07 4.17 15.65
N ASP A 92 16.26 4.73 15.78
CA ASP A 92 17.26 4.21 16.70
C ASP A 92 16.80 4.35 18.15
N SER A 93 15.95 3.43 18.59
CA SER A 93 15.43 3.46 19.95
C SER A 93 16.22 2.53 20.86
N SER A 94 16.43 2.95 22.10
CA SER A 94 17.18 2.15 23.06
C SER A 94 16.27 1.68 24.19
N GLY A 95 16.13 0.36 24.31
CA GLY A 95 15.28 -0.21 25.35
C GLY A 95 16.00 -1.28 26.15
N PRO A 96 15.66 -1.38 27.44
CA PRO A 96 16.27 -2.37 28.34
C PRO A 96 15.82 -3.79 28.02
N SER A 97 16.76 -4.61 27.55
CA SER A 97 16.46 -5.99 27.19
C SER A 97 17.20 -6.96 28.12
N SER A 98 16.46 -7.54 29.06
CA SER A 98 17.05 -8.48 30.01
C SER A 98 17.30 -9.84 29.36
N GLY A 99 18.32 -10.54 29.84
CA GLY A 99 18.65 -11.84 29.29
C GLY A 99 19.62 -11.75 28.11
#